data_5SJ8
#
_entry.id   5SJ8
#
_cell.length_a   135.110
_cell.length_b   135.110
_cell.length_c   235.005
_cell.angle_alpha   90.000
_cell.angle_beta   90.000
_cell.angle_gamma   120.000
#
_symmetry.space_group_name_H-M   'H 3'
#
loop_
_entity.id
_entity.type
_entity.pdbx_description
1 polymer "cAMP and cAMP-inhibited cGMP 3',5'-cyclic phosphodiesterase 10A"
2 non-polymer 'ZINC ION'
3 non-polymer 'MAGNESIUM ION'
4 non-polymer (10S)-2-methoxy-7-methyl-9-propylimidazo[1,5-a]pyrido[3,2-e]pyrazine-6-carbonitrile
5 water water
#
_entity_poly.entity_id   1
_entity_poly.type   'polypeptide(L)'
_entity_poly.pdbx_seq_one_letter_code
;GSSICTSEEWQGLMQFTLPVRLCKEIELFHFDIGPFENMWPGIFVYMVHRSCGTSCFELEKL(CME)RFIMSVKKNYRRV
PYHNWKHAVTVAHCMYAILQNNHTLFTDLERKGLLIACLCHDLDHRGFSNSYLQKFDHPLAALYSTSTMEQHHFSQTVSI
LQLEGHNIFSTLSSSEYEQVLEIIRKAIIATDLALYFGNRKQLEEMYQTGSLNLNNQSHRDRVIGLMMTACDLCSVTKLW
PVTKLTANDIYAEFWAEGDEMKKLGIQPIPMMDRDKKDEVPQGQLGFYNAVAIPCYTTLTQILPPTEPLLKACRDNLSQW
EKVIRGEETATWISSPSVAQKAAASED
;
_entity_poly.pdbx_strand_id   A,B,C,D
#
loop_
_chem_comp.id
_chem_comp.type
_chem_comp.name
_chem_comp.formula
JYA non-polymer (10S)-2-methoxy-7-methyl-9-propylimidazo[1,5-a]pyrido[3,2-e]pyrazine-6-carbonitrile 'C15 H15 N5 O'
MG non-polymer 'MAGNESIUM ION' 'Mg 2'
ZN non-polymer 'ZINC ION' 'Zn 2'
#
# COMPACT_ATOMS: atom_id res chain seq x y z
N GLY A 12 44.65 -4.30 -17.72
CA GLY A 12 44.17 -3.29 -18.73
C GLY A 12 43.73 -3.90 -20.06
N LEU A 13 43.61 -5.24 -20.18
CA LEU A 13 43.08 -5.96 -21.38
C LEU A 13 41.56 -6.14 -21.26
N MET A 14 40.93 -5.56 -20.25
CA MET A 14 39.47 -5.66 -19.96
C MET A 14 38.74 -4.47 -20.56
N GLN A 15 38.24 -4.62 -21.79
CA GLN A 15 37.36 -3.63 -22.45
C GLN A 15 35.90 -3.92 -22.10
N PHE A 16 35.07 -2.89 -22.13
CA PHE A 16 33.60 -3.00 -22.06
C PHE A 16 33.09 -3.18 -23.49
N THR A 17 32.13 -4.08 -23.69
CA THR A 17 31.37 -4.19 -24.97
C THR A 17 29.88 -4.06 -24.67
N LEU A 18 29.21 -3.29 -25.49
CA LEU A 18 27.75 -3.11 -25.43
C LEU A 18 27.13 -4.08 -26.42
N PRO A 19 25.84 -4.44 -26.20
CA PRO A 19 25.04 -5.12 -27.22
C PRO A 19 25.11 -4.41 -28.58
N VAL A 20 24.94 -5.17 -29.65
CA VAL A 20 25.09 -4.69 -31.05
C VAL A 20 24.35 -3.37 -31.25
N ARG A 21 23.07 -3.26 -30.87
CA ARG A 21 22.27 -2.03 -31.15
C ARG A 21 22.93 -0.85 -30.46
N LEU A 22 23.37 -0.97 -29.19
CA LEU A 22 23.96 0.16 -28.42
C LEU A 22 25.37 0.44 -28.95
N CYS A 23 26.14 -0.63 -29.22
CA CYS A 23 27.50 -0.55 -29.82
C CYS A 23 27.45 0.36 -31.04
N LYS A 24 26.34 0.30 -31.79
CA LYS A 24 26.15 0.98 -33.10
C LYS A 24 25.48 2.35 -32.92
N GLU A 25 24.43 2.44 -32.10
CA GLU A 25 23.65 3.69 -31.90
C GLU A 25 24.46 4.67 -31.02
N ILE A 26 25.39 4.20 -30.20
CA ILE A 26 26.09 5.08 -29.21
C ILE A 26 26.94 6.11 -29.97
N GLU A 27 27.32 5.80 -31.21
CA GLU A 27 28.23 6.64 -32.03
C GLU A 27 27.45 7.84 -32.54
N LEU A 28 26.13 7.72 -32.60
CA LEU A 28 25.20 8.72 -33.19
C LEU A 28 24.84 9.79 -32.13
N PHE A 29 24.75 11.05 -32.54
CA PHE A 29 24.46 12.21 -31.66
C PHE A 29 23.12 12.04 -30.92
N HIS A 30 22.16 11.39 -31.55
CA HIS A 30 20.75 11.33 -31.05
C HIS A 30 20.55 10.07 -30.19
N PHE A 31 21.60 9.33 -29.88
CA PHE A 31 21.54 8.17 -28.98
C PHE A 31 20.90 8.53 -27.62
N ASP A 32 19.85 7.77 -27.23
CA ASP A 32 19.25 7.75 -25.87
C ASP A 32 19.92 6.64 -25.05
N ILE A 33 20.34 6.92 -23.82
CA ILE A 33 21.08 5.93 -22.97
C ILE A 33 20.10 4.91 -22.34
N GLY A 34 18.80 5.09 -22.55
CA GLY A 34 17.78 4.11 -22.12
C GLY A 34 17.35 4.27 -20.66
N PRO A 35 16.40 3.41 -20.21
CA PRO A 35 15.84 3.47 -18.86
C PRO A 35 16.49 2.54 -17.83
N PHE A 36 17.56 1.84 -18.20
CA PHE A 36 18.30 0.88 -17.33
C PHE A 36 19.50 1.56 -16.66
N GLU A 37 19.27 2.21 -15.51
CA GLU A 37 20.29 2.93 -14.69
C GLU A 37 21.60 2.15 -14.54
N ASN A 38 21.52 0.83 -14.39
CA ASN A 38 22.67 -0.04 -14.04
C ASN A 38 23.60 -0.22 -15.24
N MET A 39 23.18 0.22 -16.42
CA MET A 39 24.01 0.10 -17.64
C MET A 39 24.78 1.40 -17.90
N TRP A 40 24.39 2.49 -17.26
CA TRP A 40 24.96 3.83 -17.58
C TRP A 40 26.43 3.89 -17.18
N PRO A 41 26.84 3.38 -16.01
CA PRO A 41 28.26 3.35 -15.64
C PRO A 41 29.15 2.66 -16.69
N GLY A 42 28.70 1.52 -17.19
CA GLY A 42 29.39 0.76 -18.26
C GLY A 42 29.36 1.51 -19.58
N ILE A 43 28.26 2.20 -19.87
CA ILE A 43 28.14 3.07 -21.08
C ILE A 43 29.21 4.16 -20.96
N PHE A 44 29.34 4.79 -19.79
CA PHE A 44 30.32 5.88 -19.61
C PHE A 44 31.75 5.33 -19.77
N VAL A 45 32.03 4.16 -19.21
CA VAL A 45 33.41 3.58 -19.25
C VAL A 45 33.75 3.26 -20.71
N TYR A 46 32.85 2.57 -21.41
CA TYR A 46 32.96 2.26 -22.86
C TYR A 46 33.37 3.52 -23.63
N MET A 47 32.74 4.65 -23.33
CA MET A 47 32.95 5.93 -24.07
C MET A 47 34.33 6.50 -23.77
N VAL A 48 34.79 6.38 -22.54
CA VAL A 48 36.11 6.89 -22.10
C VAL A 48 37.19 6.05 -22.80
N HIS A 49 37.04 4.72 -22.79
CA HIS A 49 37.99 3.76 -23.38
C HIS A 49 38.11 3.96 -24.90
N ARG A 50 37.04 4.38 -25.59
CA ARG A 50 37.06 4.60 -27.06
C ARG A 50 37.60 6.00 -27.37
N SER A 51 37.24 6.99 -26.55
CA SER A 51 37.41 8.44 -26.81
C SER A 51 38.80 8.92 -26.38
N CYS A 52 39.44 8.16 -25.48
CA CYS A 52 40.60 8.59 -24.67
C CYS A 52 41.67 7.49 -24.74
N GLY A 53 41.27 6.26 -24.44
CA GLY A 53 42.10 5.04 -24.45
C GLY A 53 41.80 4.19 -23.22
N THR A 54 42.13 2.90 -23.26
CA THR A 54 41.95 1.97 -22.10
C THR A 54 42.95 2.26 -20.98
N SER A 55 44.00 3.04 -21.27
CA SER A 55 45.13 3.36 -20.36
C SER A 55 44.95 4.72 -19.66
N CYS A 56 44.02 5.55 -20.15
CA CYS A 56 43.69 6.89 -19.59
C CYS A 56 43.49 6.81 -18.07
N PHE A 57 42.67 5.87 -17.59
CA PHE A 57 42.25 5.80 -16.18
C PHE A 57 42.36 4.36 -15.66
N GLU A 58 42.92 4.20 -14.46
CA GLU A 58 42.94 2.90 -13.74
C GLU A 58 41.47 2.51 -13.46
N LEU A 59 41.06 1.32 -13.89
CA LEU A 59 39.64 0.89 -13.92
C LEU A 59 39.04 0.91 -12.50
N GLU A 60 39.73 0.36 -11.49
CA GLU A 60 39.32 0.39 -10.07
C GLU A 60 38.95 1.83 -9.62
N LYS A 61 39.85 2.80 -9.90
CA LYS A 61 39.68 4.23 -9.47
C LYS A 61 38.52 4.86 -10.23
N LEU A 62 38.42 4.60 -11.54
CA LEU A 62 37.39 5.23 -12.41
C LEU A 62 36.00 4.75 -11.97
N CME A 63 35.84 3.44 -11.77
CA CME A 63 34.57 2.80 -11.32
CB CME A 63 34.68 1.29 -11.25
SG CME A 63 34.55 0.41 -12.84
SD CME A 63 32.83 1.15 -13.66
CE CME A 63 31.52 0.03 -13.10
CZ CME A 63 31.57 -1.32 -13.78
OH CME A 63 30.33 -1.99 -13.75
C CME A 63 34.13 3.42 -10.00
O CME A 63 32.93 3.66 -9.83
N ARG A 64 35.08 3.65 -9.09
CA ARG A 64 34.80 4.14 -7.72
C ARG A 64 34.61 5.67 -7.79
N PHE A 65 35.18 6.33 -8.79
CA PHE A 65 34.87 7.75 -9.05
C PHE A 65 33.45 7.86 -9.61
N ILE A 66 33.07 7.02 -10.58
CA ILE A 66 31.74 7.07 -11.26
C ILE A 66 30.60 6.85 -10.25
N MET A 67 30.75 5.92 -9.31
CA MET A 67 29.68 5.59 -8.35
C MET A 67 29.58 6.68 -7.25
N SER A 68 30.67 7.38 -6.91
CA SER A 68 30.62 8.51 -5.95
C SER A 68 29.89 9.69 -6.61
N VAL A 69 30.25 10.00 -7.86
CA VAL A 69 29.54 11.01 -8.66
C VAL A 69 28.06 10.62 -8.68
N LYS A 70 27.73 9.42 -9.13
CA LYS A 70 26.32 8.96 -9.16
C LYS A 70 25.66 9.23 -7.80
N LYS A 71 26.27 8.78 -6.71
CA LYS A 71 25.71 8.94 -5.34
C LYS A 71 25.37 10.41 -5.09
N ASN A 72 26.17 11.35 -5.59
CA ASN A 72 26.04 12.79 -5.23
C ASN A 72 25.16 13.57 -6.21
N TYR A 73 24.57 12.92 -7.20
CA TYR A 73 23.40 13.43 -7.96
C TYR A 73 22.12 13.04 -7.21
N ARG A 74 21.12 13.93 -7.21
CA ARG A 74 19.89 13.77 -6.39
C ARG A 74 18.78 13.18 -7.27
N ARG A 75 17.74 12.67 -6.60
CA ARG A 75 16.53 12.14 -7.28
C ARG A 75 15.63 13.32 -7.59
N VAL A 76 16.03 14.14 -8.56
CA VAL A 76 15.25 15.28 -9.10
C VAL A 76 14.78 14.87 -10.50
N PRO A 77 13.68 15.47 -11.00
CA PRO A 77 13.09 15.06 -12.28
C PRO A 77 14.03 15.09 -13.48
N TYR A 78 14.94 16.07 -13.56
CA TYR A 78 15.75 16.33 -14.77
C TYR A 78 17.24 16.41 -14.45
N HIS A 79 17.65 17.27 -13.52
CA HIS A 79 19.09 17.51 -13.23
C HIS A 79 19.64 16.37 -12.38
N ASN A 80 19.61 15.16 -12.95
CA ASN A 80 19.86 13.88 -12.26
C ASN A 80 21.00 13.13 -12.95
N TRP A 81 21.28 11.91 -12.47
CA TRP A 81 22.38 11.05 -12.95
C TRP A 81 22.20 10.80 -14.46
N LYS A 82 20.97 10.68 -14.96
CA LYS A 82 20.68 10.35 -16.38
C LYS A 82 21.07 11.54 -17.26
N HIS A 83 20.93 12.75 -16.73
CA HIS A 83 21.32 14.00 -17.42
C HIS A 83 22.84 14.02 -17.53
N ALA A 84 23.53 13.75 -16.42
CA ALA A 84 25.00 13.67 -16.36
C ALA A 84 25.53 12.73 -17.44
N VAL A 85 24.96 11.54 -17.59
CA VAL A 85 25.53 10.54 -18.56
C VAL A 85 25.13 10.96 -19.96
N THR A 86 23.93 11.52 -20.13
CA THR A 86 23.41 12.00 -21.45
C THR A 86 24.33 13.11 -21.98
N VAL A 87 24.77 14.02 -21.12
CA VAL A 87 25.61 15.19 -21.53
C VAL A 87 27.04 14.68 -21.81
N ALA A 88 27.55 13.75 -21.00
CA ALA A 88 28.85 13.10 -21.27
C ALA A 88 28.82 12.37 -22.62
N HIS A 89 27.69 11.79 -23.02
CA HIS A 89 27.63 11.04 -24.29
C HIS A 89 27.74 12.03 -25.46
N CYS A 90 26.97 13.11 -25.44
CA CYS A 90 27.03 14.12 -26.52
C CYS A 90 28.50 14.56 -26.70
N MET A 91 29.21 14.81 -25.60
CA MET A 91 30.63 15.24 -25.62
C MET A 91 31.46 14.15 -26.32
N TYR A 92 31.17 12.88 -26.00
CA TYR A 92 31.76 11.68 -26.63
C TYR A 92 31.54 11.77 -28.14
N ALA A 93 30.29 11.95 -28.55
CA ALA A 93 29.90 12.05 -29.96
C ALA A 93 30.66 13.22 -30.61
N ILE A 94 30.86 14.34 -29.92
CA ILE A 94 31.60 15.49 -30.54
C ILE A 94 33.09 15.14 -30.68
N LEU A 95 33.68 14.56 -29.65
CA LEU A 95 35.12 14.22 -29.61
C LEU A 95 35.45 13.16 -30.68
N GLN A 96 34.55 12.20 -30.93
CA GLN A 96 34.84 11.05 -31.83
C GLN A 96 34.75 11.49 -33.29
N ASN A 97 34.00 12.56 -33.55
CA ASN A 97 33.72 13.11 -34.91
C ASN A 97 34.73 14.22 -35.24
N ASN A 98 35.58 14.62 -34.28
CA ASN A 98 36.59 15.71 -34.46
C ASN A 98 37.90 15.29 -33.79
N HIS A 99 38.38 14.07 -34.02
CA HIS A 99 39.26 13.39 -33.02
C HIS A 99 40.70 13.95 -33.04
N THR A 100 41.12 14.62 -34.12
CA THR A 100 42.48 15.24 -34.22
C THR A 100 42.51 16.65 -33.61
N LEU A 101 41.36 17.26 -33.29
CA LEU A 101 41.28 18.69 -32.91
C LEU A 101 41.54 18.89 -31.41
N PHE A 102 41.71 17.83 -30.61
CA PHE A 102 41.77 17.95 -29.13
C PHE A 102 42.93 17.15 -28.55
N THR A 103 43.60 17.74 -27.54
CA THR A 103 44.77 17.15 -26.85
C THR A 103 44.32 15.96 -26.00
N ASP A 104 45.29 15.17 -25.54
CA ASP A 104 45.10 14.02 -24.62
C ASP A 104 44.37 14.51 -23.38
N LEU A 105 44.83 15.61 -22.78
CA LEU A 105 44.28 16.16 -21.51
C LEU A 105 42.83 16.64 -21.69
N GLU A 106 42.46 17.11 -22.88
CA GLU A 106 41.11 17.67 -23.12
C GLU A 106 40.12 16.52 -23.26
N ARG A 107 40.52 15.43 -23.90
CA ARG A 107 39.64 14.25 -24.05
C ARG A 107 39.37 13.64 -22.66
N LYS A 108 40.37 13.60 -21.79
CA LYS A 108 40.26 13.12 -20.38
C LYS A 108 39.32 14.05 -19.61
N GLY A 109 39.64 15.34 -19.60
CA GLY A 109 38.98 16.35 -18.74
C GLY A 109 37.52 16.58 -19.12
N LEU A 110 37.19 16.62 -20.41
CA LEU A 110 35.85 17.05 -20.87
C LEU A 110 34.77 15.98 -20.63
N LEU A 111 35.08 14.69 -20.70
CA LEU A 111 34.04 13.67 -20.40
C LEU A 111 33.78 13.65 -18.90
N ILE A 112 34.81 13.93 -18.10
CA ILE A 112 34.68 14.01 -16.61
C ILE A 112 33.92 15.29 -16.28
N ALA A 113 34.24 16.38 -16.96
CA ALA A 113 33.56 17.67 -16.77
C ALA A 113 32.06 17.49 -17.03
N CYS A 114 31.71 16.72 -18.05
CA CYS A 114 30.29 16.54 -18.44
C CYS A 114 29.59 15.67 -17.38
N LEU A 115 30.24 14.61 -16.93
CA LEU A 115 29.66 13.71 -15.89
C LEU A 115 29.45 14.51 -14.61
N CYS A 116 30.34 15.45 -14.31
CA CYS A 116 30.33 16.13 -12.99
C CYS A 116 29.54 17.45 -13.02
N HIS A 117 29.10 17.90 -14.20
CA HIS A 117 28.77 19.33 -14.41
C HIS A 117 27.56 19.75 -13.55
N ASP A 118 26.66 18.87 -13.16
CA ASP A 118 25.45 19.27 -12.38
C ASP A 118 25.45 18.61 -11.00
N LEU A 119 26.60 18.17 -10.52
CA LEU A 119 26.76 17.50 -9.21
C LEU A 119 25.98 18.20 -8.10
N ASP A 120 25.14 17.45 -7.39
CA ASP A 120 24.39 17.90 -6.19
C ASP A 120 23.46 19.04 -6.60
N HIS A 121 22.95 19.02 -7.82
CA HIS A 121 21.87 19.95 -8.26
C HIS A 121 20.60 19.60 -7.48
N ARG A 122 19.83 20.62 -7.09
CA ARG A 122 18.57 20.46 -6.28
C ARG A 122 17.35 20.73 -7.17
N GLY A 123 17.55 21.09 -8.44
CA GLY A 123 16.48 21.38 -9.41
C GLY A 123 16.01 22.82 -9.34
N PHE A 124 16.84 23.73 -8.83
CA PHE A 124 16.52 25.18 -8.73
C PHE A 124 17.60 26.00 -9.41
N SER A 125 17.21 27.12 -10.02
CA SER A 125 18.11 28.03 -10.76
C SER A 125 18.94 28.86 -9.78
N ASN A 126 20.07 29.38 -10.26
CA ASN A 126 20.89 30.39 -9.53
C ASN A 126 19.99 31.52 -9.00
N SER A 127 18.97 31.95 -9.76
CA SER A 127 18.03 33.04 -9.40
C SER A 127 17.29 32.68 -8.11
N TYR A 128 16.76 31.46 -8.04
CA TYR A 128 15.98 31.02 -6.87
C TYR A 128 16.89 30.99 -5.64
N LEU A 129 18.10 30.43 -5.75
CA LEU A 129 19.08 30.41 -4.63
C LEU A 129 19.22 31.84 -4.10
N GLN A 130 19.38 32.81 -5.01
CA GLN A 130 19.61 34.24 -4.70
C GLN A 130 18.39 34.81 -3.99
N LYS A 131 17.19 34.62 -4.52
CA LYS A 131 15.96 35.21 -3.91
C LYS A 131 15.64 34.50 -2.60
N PHE A 132 16.00 33.23 -2.46
CA PHE A 132 15.84 32.49 -1.20
C PHE A 132 16.88 32.99 -0.19
N ASP A 133 18.04 33.43 -0.70
CA ASP A 133 19.23 33.83 0.10
C ASP A 133 19.88 32.55 0.63
N HIS A 134 20.04 31.55 -0.24
CA HIS A 134 20.72 30.27 0.08
C HIS A 134 22.17 30.56 0.44
N PRO A 135 22.73 29.87 1.45
CA PRO A 135 24.16 29.95 1.75
C PRO A 135 25.09 29.85 0.51
N LEU A 136 24.75 29.04 -0.48
CA LEU A 136 25.62 28.91 -1.69
C LEU A 136 25.69 30.27 -2.42
N ALA A 137 24.64 31.09 -2.35
CA ALA A 137 24.57 32.42 -3.02
C ALA A 137 25.49 33.45 -2.31
N ALA A 138 25.70 33.32 -1.00
CA ALA A 138 26.68 34.11 -0.22
C ALA A 138 28.10 33.69 -0.60
N LEU A 139 28.35 32.40 -0.72
CA LEU A 139 29.71 31.85 -1.01
C LEU A 139 30.09 32.15 -2.47
N TYR A 140 29.14 32.12 -3.41
CA TYR A 140 29.41 32.23 -4.88
C TYR A 140 28.42 33.21 -5.50
N SER A 141 28.88 34.45 -5.77
CA SER A 141 28.02 35.59 -6.15
C SER A 141 27.55 35.45 -7.60
N THR A 142 28.36 34.90 -8.50
CA THR A 142 27.94 34.54 -9.88
C THR A 142 28.21 33.07 -10.16
N SER A 143 27.44 32.51 -11.09
CA SER A 143 27.49 31.09 -11.49
C SER A 143 27.32 30.18 -10.26
N THR A 144 26.43 30.58 -9.36
CA THR A 144 26.36 30.00 -8.00
C THR A 144 26.44 28.48 -8.09
N MET A 145 25.48 27.82 -8.75
CA MET A 145 25.40 26.34 -8.72
C MET A 145 26.63 25.77 -9.43
N GLU A 146 27.10 26.45 -10.46
CA GLU A 146 28.17 25.91 -11.33
C GLU A 146 29.49 25.91 -10.56
N GLN A 147 29.71 26.88 -9.67
CA GLN A 147 30.91 26.90 -8.79
C GLN A 147 30.76 25.80 -7.75
N HIS A 148 29.55 25.55 -7.25
CA HIS A 148 29.28 24.43 -6.30
C HIS A 148 29.61 23.09 -6.97
N HIS A 149 29.15 22.89 -8.19
CA HIS A 149 29.37 21.66 -8.98
C HIS A 149 30.86 21.34 -9.13
N PHE A 150 31.67 22.35 -9.41
CA PHE A 150 33.14 22.18 -9.54
C PHE A 150 33.77 21.82 -8.18
N SER A 151 33.38 22.58 -7.16
CA SER A 151 33.67 22.33 -5.72
C SER A 151 33.42 20.84 -5.40
N GLN A 152 32.26 20.31 -5.78
CA GLN A 152 31.88 18.89 -5.48
C GLN A 152 32.73 17.93 -6.30
N THR A 153 33.09 18.30 -7.53
CA THR A 153 33.99 17.49 -8.38
C THR A 153 35.35 17.34 -7.71
N VAL A 154 35.91 18.43 -7.20
CA VAL A 154 37.23 18.41 -6.50
C VAL A 154 37.10 17.57 -5.23
N SER A 155 36.03 17.75 -4.46
CA SER A 155 35.75 16.95 -3.24
C SER A 155 35.85 15.45 -3.54
N ILE A 156 35.16 14.98 -4.58
CA ILE A 156 35.13 13.53 -4.94
C ILE A 156 36.50 13.09 -5.45
N LEU A 157 37.24 13.97 -6.14
CA LEU A 157 38.60 13.64 -6.64
C LEU A 157 39.58 13.42 -5.48
N GLN A 158 39.30 14.03 -4.32
CA GLN A 158 40.17 14.01 -3.12
C GLN A 158 39.69 12.98 -2.09
N LEU A 159 38.59 12.26 -2.37
CA LEU A 159 38.24 11.04 -1.59
C LEU A 159 39.36 10.01 -1.81
N GLU A 160 39.73 9.26 -0.76
CA GLU A 160 40.73 8.18 -0.83
C GLU A 160 40.32 7.21 -1.95
N GLY A 161 41.24 6.88 -2.85
CA GLY A 161 41.08 5.86 -3.91
C GLY A 161 40.33 6.36 -5.14
N HIS A 162 40.02 7.67 -5.24
CA HIS A 162 39.15 8.26 -6.29
C HIS A 162 39.93 9.20 -7.22
N ASN A 163 41.25 9.32 -7.05
CA ASN A 163 42.07 10.25 -7.87
C ASN A 163 42.42 9.55 -9.18
N ILE A 164 41.50 9.68 -10.14
CA ILE A 164 41.59 9.11 -11.50
C ILE A 164 42.74 9.77 -12.27
N PHE A 165 43.28 10.88 -11.78
CA PHE A 165 44.36 11.69 -12.44
C PHE A 165 45.70 11.54 -11.72
N SER A 166 45.85 10.50 -10.90
CA SER A 166 47.06 10.25 -10.08
C SER A 166 48.31 10.14 -10.96
N THR A 167 48.21 9.59 -12.17
CA THR A 167 49.36 9.29 -13.08
C THR A 167 49.80 10.54 -13.86
N LEU A 168 49.06 11.64 -13.81
CA LEU A 168 49.47 12.92 -14.44
C LEU A 168 50.59 13.53 -13.60
N SER A 169 51.41 14.36 -14.25
CA SER A 169 52.42 15.24 -13.60
C SER A 169 51.71 16.39 -12.88
N SER A 170 52.45 17.13 -12.06
CA SER A 170 51.94 18.30 -11.31
C SER A 170 51.31 19.30 -12.29
N SER A 171 51.95 19.55 -13.45
CA SER A 171 51.52 20.55 -14.47
C SER A 171 50.24 20.07 -15.13
N GLU A 172 50.27 18.86 -15.66
CA GLU A 172 49.15 18.21 -16.37
C GLU A 172 47.93 18.16 -15.45
N TYR A 173 48.09 17.76 -14.19
CA TYR A 173 46.99 17.66 -13.21
C TYR A 173 46.29 19.01 -13.11
N GLU A 174 47.09 20.08 -12.96
CA GLU A 174 46.60 21.47 -12.79
C GLU A 174 45.91 21.94 -14.08
N GLN A 175 46.41 21.49 -15.23
CA GLN A 175 45.84 21.83 -16.56
C GLN A 175 44.47 21.15 -16.69
N VAL A 176 44.36 19.88 -16.31
CA VAL A 176 43.09 19.10 -16.47
C VAL A 176 42.03 19.65 -15.51
N LEU A 177 42.37 20.00 -14.26
CA LEU A 177 41.42 20.59 -13.29
C LEU A 177 41.01 21.98 -13.74
N GLU A 178 41.87 22.69 -14.47
CA GLU A 178 41.55 24.04 -15.01
C GLU A 178 40.60 23.88 -16.22
N ILE A 179 40.83 22.87 -17.06
CA ILE A 179 39.91 22.51 -18.18
C ILE A 179 38.53 22.18 -17.59
N ILE A 180 38.49 21.32 -16.58
CA ILE A 180 37.21 20.90 -15.95
C ILE A 180 36.50 22.13 -15.36
N ARG A 181 37.23 23.03 -14.70
CA ARG A 181 36.63 24.22 -14.04
C ARG A 181 35.95 25.09 -15.08
N LYS A 182 36.70 25.54 -16.08
CA LYS A 182 36.14 26.38 -17.17
C LYS A 182 34.97 25.65 -17.83
N ALA A 183 35.15 24.37 -18.15
CA ALA A 183 34.08 23.53 -18.74
C ALA A 183 32.79 23.69 -17.92
N ILE A 184 32.86 23.41 -16.61
CA ILE A 184 31.67 23.40 -15.73
C ILE A 184 31.11 24.81 -15.56
N ILE A 185 31.96 25.83 -15.35
CA ILE A 185 31.47 27.23 -15.26
C ILE A 185 30.71 27.62 -16.52
N ALA A 186 31.15 27.18 -17.71
CA ALA A 186 30.50 27.53 -19.00
C ALA A 186 29.07 26.98 -19.07
N THR A 187 28.72 25.97 -18.27
CA THR A 187 27.36 25.38 -18.29
C THR A 187 26.38 26.38 -17.68
N ASP A 188 26.87 27.50 -17.16
CA ASP A 188 26.05 28.63 -16.68
C ASP A 188 25.52 29.36 -17.91
N LEU A 189 24.27 29.14 -18.26
CA LEU A 189 23.67 29.66 -19.53
C LEU A 189 23.73 31.20 -19.58
N ALA A 190 23.82 31.92 -18.44
CA ALA A 190 23.99 33.39 -18.42
C ALA A 190 25.28 33.79 -19.19
N LEU A 191 26.33 32.97 -19.13
CA LEU A 191 27.63 33.23 -19.80
C LEU A 191 27.60 32.74 -21.24
N TYR A 192 26.60 31.96 -21.64
CA TYR A 192 26.55 31.32 -22.98
C TYR A 192 26.40 32.42 -24.07
N PHE A 193 25.47 33.36 -23.86
CA PHE A 193 25.08 34.44 -24.81
C PHE A 193 26.30 35.27 -25.23
N GLY A 194 27.10 35.74 -24.28
CA GLY A 194 28.30 36.54 -24.58
C GLY A 194 29.38 35.68 -25.19
N ASN A 195 29.46 34.41 -24.79
CA ASN A 195 30.54 33.51 -25.27
C ASN A 195 30.31 33.22 -26.75
N ARG A 196 29.08 32.87 -27.16
CA ARG A 196 28.77 32.58 -28.57
C ARG A 196 28.99 33.84 -29.42
N LYS A 197 28.52 35.01 -28.97
CA LYS A 197 28.66 36.30 -29.70
C LYS A 197 30.13 36.50 -30.10
N GLN A 198 31.03 36.43 -29.12
CA GLN A 198 32.50 36.54 -29.30
C GLN A 198 32.96 35.50 -30.32
N LEU A 199 32.47 34.27 -30.19
CA LEU A 199 32.86 33.17 -31.11
C LEU A 199 32.36 33.52 -32.52
N GLU A 200 31.12 34.01 -32.64
CA GLU A 200 30.48 34.33 -33.94
C GLU A 200 31.37 35.36 -34.65
N GLU A 201 31.69 36.47 -33.96
CA GLU A 201 32.60 37.53 -34.45
C GLU A 201 33.92 36.91 -34.91
N MET A 202 34.63 36.23 -33.99
CA MET A 202 35.97 35.65 -34.27
C MET A 202 35.89 34.79 -35.54
N TYR A 203 34.87 33.96 -35.68
CA TYR A 203 34.74 33.01 -36.82
C TYR A 203 34.59 33.78 -38.13
N GLN A 204 33.69 34.78 -38.13
CA GLN A 204 33.20 35.46 -39.36
C GLN A 204 34.19 36.54 -39.82
N THR A 205 35.00 37.11 -38.92
CA THR A 205 36.13 38.01 -39.27
C THR A 205 37.41 37.21 -39.57
N GLY A 206 37.42 35.90 -39.34
CA GLY A 206 38.55 35.00 -39.69
C GLY A 206 39.64 34.98 -38.62
N SER A 207 39.40 35.59 -37.45
CA SER A 207 40.40 35.68 -36.35
C SER A 207 40.35 34.48 -35.39
N LEU A 208 39.43 33.53 -35.58
CA LEU A 208 39.36 32.29 -34.72
C LEU A 208 40.59 31.43 -34.98
N ASN A 209 41.32 31.12 -33.91
CA ASN A 209 42.64 30.42 -33.94
C ASN A 209 42.71 29.44 -32.78
N LEU A 210 42.65 28.14 -33.08
CA LEU A 210 42.58 27.04 -32.07
C LEU A 210 43.95 26.78 -31.44
N ASN A 211 45.00 27.52 -31.82
CA ASN A 211 46.31 27.49 -31.10
C ASN A 211 46.30 28.55 -29.99
N ASN A 212 45.36 29.49 -30.04
CA ASN A 212 45.15 30.52 -28.99
C ASN A 212 44.35 29.90 -27.84
N GLN A 213 44.98 29.67 -26.70
CA GLN A 213 44.36 29.02 -25.52
C GLN A 213 43.02 29.71 -25.15
N SER A 214 42.95 31.03 -25.19
CA SER A 214 41.73 31.78 -24.81
C SER A 214 40.60 31.52 -25.82
N HIS A 215 40.95 31.16 -27.06
CA HIS A 215 40.00 30.81 -28.14
C HIS A 215 39.47 29.39 -27.92
N ARG A 216 40.35 28.41 -27.64
CA ARG A 216 39.97 27.01 -27.30
C ARG A 216 39.01 27.02 -26.12
N ASP A 217 39.33 27.76 -25.07
CA ASP A 217 38.44 27.92 -23.89
C ASP A 217 37.03 28.23 -24.37
N ARG A 218 36.88 29.24 -25.22
CA ARG A 218 35.56 29.70 -25.71
C ARG A 218 34.84 28.57 -26.46
N VAL A 219 35.57 27.84 -27.30
CA VAL A 219 35.03 26.75 -28.17
C VAL A 219 34.57 25.60 -27.27
N ILE A 220 35.39 25.21 -26.31
CA ILE A 220 35.05 24.16 -25.31
C ILE A 220 33.83 24.64 -24.52
N GLY A 221 33.77 25.94 -24.21
CA GLY A 221 32.59 26.54 -23.56
C GLY A 221 31.33 26.29 -24.35
N LEU A 222 31.39 26.54 -25.65
CA LEU A 222 30.21 26.34 -26.54
C LEU A 222 29.89 24.84 -26.63
N MET A 223 30.90 23.99 -26.80
CA MET A 223 30.70 22.51 -26.76
C MET A 223 29.94 22.11 -25.50
N MET A 224 30.36 22.58 -24.32
CA MET A 224 29.66 22.33 -23.03
C MET A 224 28.20 22.79 -23.11
N THR A 225 27.90 24.01 -23.59
CA THR A 225 26.48 24.45 -23.76
C THR A 225 25.77 23.47 -24.70
N ALA A 226 26.43 23.05 -25.78
CA ALA A 226 25.82 22.20 -26.85
C ALA A 226 25.48 20.81 -26.28
N CYS A 227 26.35 20.24 -25.46
CA CYS A 227 26.13 18.94 -24.79
C CYS A 227 25.04 19.06 -23.74
N ASP A 228 25.08 20.14 -22.96
CA ASP A 228 24.14 20.38 -21.84
C ASP A 228 22.72 20.58 -22.36
N LEU A 229 22.56 21.15 -23.55
CA LEU A 229 21.21 21.38 -24.15
C LEU A 229 20.82 20.21 -25.05
N CYS A 230 21.63 19.14 -25.15
CA CYS A 230 21.53 18.09 -26.20
C CYS A 230 20.20 17.32 -26.15
N SER A 231 19.40 17.40 -25.08
CA SER A 231 18.02 16.85 -25.09
C SER A 231 17.21 17.43 -26.26
N VAL A 232 17.51 18.64 -26.71
CA VAL A 232 16.74 19.26 -27.83
C VAL A 232 17.29 18.73 -29.18
N THR A 233 18.29 17.84 -29.20
CA THR A 233 18.85 17.26 -30.44
C THR A 233 18.50 15.77 -30.54
N LYS A 234 17.54 15.31 -29.73
CA LYS A 234 17.11 13.90 -29.76
C LYS A 234 15.95 13.75 -30.74
N LEU A 235 15.57 12.50 -31.01
CA LEU A 235 14.35 12.23 -31.80
C LEU A 235 13.17 12.81 -31.01
N TRP A 236 12.16 13.28 -31.72
CA TRP A 236 11.03 14.04 -31.13
C TRP A 236 10.48 13.34 -29.89
N PRO A 237 10.23 12.01 -29.92
CA PRO A 237 9.58 11.35 -28.78
C PRO A 237 10.42 11.43 -27.50
N VAL A 238 11.75 11.45 -27.63
CA VAL A 238 12.72 11.63 -26.49
C VAL A 238 12.69 13.08 -26.01
N THR A 239 12.77 14.04 -26.94
CA THR A 239 12.77 15.49 -26.63
C THR A 239 11.46 15.90 -25.95
N LYS A 240 10.35 15.38 -26.48
CA LYS A 240 9.00 15.66 -25.94
C LYS A 240 8.92 15.19 -24.50
N LEU A 241 9.35 13.96 -24.22
CA LEU A 241 9.21 13.37 -22.86
C LEU A 241 10.24 13.97 -21.91
N THR A 242 11.46 14.26 -22.35
CA THR A 242 12.42 15.03 -21.52
C THR A 242 11.84 16.40 -21.12
N ALA A 243 11.15 17.11 -22.01
CA ALA A 243 10.60 18.46 -21.72
C ALA A 243 9.70 18.42 -20.46
N ASN A 244 8.85 17.39 -20.34
CA ASN A 244 8.02 17.10 -19.15
C ASN A 244 8.85 17.15 -17.87
N ASP A 245 10.01 16.50 -17.87
CA ASP A 245 10.89 16.42 -16.67
C ASP A 245 11.44 17.83 -16.43
N ILE A 246 11.94 18.48 -17.49
CA ILE A 246 12.53 19.86 -17.39
C ILE A 246 11.45 20.76 -16.76
N TYR A 247 10.21 20.67 -17.23
CA TYR A 247 9.16 21.63 -16.81
C TYR A 247 8.70 21.29 -15.39
N ALA A 248 8.79 20.02 -14.96
CA ALA A 248 8.43 19.62 -13.58
C ALA A 248 9.34 20.38 -12.61
N GLU A 249 10.62 20.49 -12.93
CA GLU A 249 11.58 21.31 -12.13
C GLU A 249 11.15 22.79 -12.17
N PHE A 250 10.82 23.33 -13.35
CA PHE A 250 10.47 24.77 -13.50
C PHE A 250 9.23 25.10 -12.67
N TRP A 251 8.23 24.22 -12.69
CA TRP A 251 6.95 24.43 -11.99
C TRP A 251 7.20 24.38 -10.46
N ALA A 252 7.94 23.38 -9.99
CA ALA A 252 8.39 23.26 -8.58
C ALA A 252 9.08 24.56 -8.15
N GLU A 253 10.04 25.08 -8.92
CA GLU A 253 10.72 26.37 -8.60
C GLU A 253 9.69 27.51 -8.59
N GLY A 254 8.75 27.52 -9.51
CA GLY A 254 7.68 28.54 -9.54
C GLY A 254 6.87 28.50 -8.26
N ASP A 255 6.57 27.29 -7.80
CA ASP A 255 5.82 27.06 -6.54
C ASP A 255 6.60 27.73 -5.41
N GLU A 256 7.90 27.44 -5.34
CA GLU A 256 8.81 27.95 -4.29
C GLU A 256 8.93 29.47 -4.40
N MET A 257 8.88 30.02 -5.61
CA MET A 257 8.91 31.49 -5.83
C MET A 257 7.65 32.09 -5.20
N LYS A 258 6.49 31.49 -5.49
CA LYS A 258 5.18 31.95 -4.98
C LYS A 258 5.20 31.89 -3.44
N LYS A 259 5.90 30.92 -2.87
CA LYS A 259 6.04 30.74 -1.39
C LYS A 259 6.93 31.83 -0.77
N LEU A 260 7.88 32.40 -1.53
CA LEU A 260 8.64 33.61 -1.09
C LEU A 260 7.80 34.87 -1.28
N GLY A 261 6.63 34.78 -1.94
CA GLY A 261 5.75 35.93 -2.24
C GLY A 261 6.16 36.65 -3.50
N ILE A 262 6.77 35.93 -4.44
CA ILE A 262 7.24 36.46 -5.75
C ILE A 262 6.44 35.74 -6.84
N GLN A 263 5.86 36.50 -7.76
CA GLN A 263 5.21 35.92 -8.97
C GLN A 263 6.33 35.42 -9.86
N PRO A 264 6.37 34.12 -10.20
CA PRO A 264 7.41 33.60 -11.07
C PRO A 264 7.14 33.98 -12.53
N ILE A 265 8.20 34.03 -13.33
CA ILE A 265 8.10 34.19 -14.80
C ILE A 265 7.15 33.11 -15.32
N PRO A 266 6.39 33.37 -16.41
CA PRO A 266 5.40 32.40 -16.92
C PRO A 266 5.95 30.97 -17.10
N MET A 267 7.14 30.85 -17.69
CA MET A 267 7.87 29.58 -17.90
C MET A 267 7.69 28.68 -16.67
N MET A 268 7.92 29.22 -15.47
CA MET A 268 7.95 28.47 -14.20
C MET A 268 6.54 28.37 -13.57
N ASP A 269 5.51 28.93 -14.19
CA ASP A 269 4.15 28.97 -13.58
C ASP A 269 3.31 27.80 -14.10
N ARG A 270 2.92 26.85 -13.24
CA ARG A 270 2.20 25.62 -13.68
C ARG A 270 0.76 25.98 -14.05
N ASP A 271 0.26 27.15 -13.62
CA ASP A 271 -1.07 27.65 -14.01
C ASP A 271 -1.04 28.07 -15.47
N LYS A 272 0.15 28.32 -16.04
CA LYS A 272 0.38 28.81 -17.42
C LYS A 272 1.09 27.75 -18.28
N LYS A 273 0.64 26.49 -18.20
CA LYS A 273 1.13 25.35 -19.01
C LYS A 273 0.83 25.59 -20.50
N ASP A 274 -0.26 26.27 -20.82
CA ASP A 274 -0.70 26.53 -22.22
C ASP A 274 0.35 27.37 -22.97
N GLU A 275 1.19 28.14 -22.27
CA GLU A 275 2.21 29.05 -22.88
C GLU A 275 3.53 28.32 -23.15
N VAL A 276 3.61 27.00 -22.92
CA VAL A 276 4.89 26.23 -23.00
C VAL A 276 5.34 26.10 -24.45
N PRO A 277 4.48 25.61 -25.39
CA PRO A 277 4.88 25.49 -26.79
C PRO A 277 5.48 26.77 -27.38
N GLN A 278 4.89 27.93 -27.09
CA GLN A 278 5.51 29.23 -27.49
C GLN A 278 6.85 29.43 -26.78
N GLY A 279 6.92 29.18 -25.47
CA GLY A 279 8.16 29.30 -24.66
C GLY A 279 9.29 28.44 -25.20
N GLN A 280 8.99 27.25 -25.73
CA GLN A 280 10.01 26.36 -26.36
C GLN A 280 10.45 26.97 -27.69
N LEU A 281 9.52 27.51 -28.48
CA LEU A 281 9.83 28.28 -29.71
C LEU A 281 10.87 29.36 -29.38
N GLY A 282 10.57 30.21 -28.39
CA GLY A 282 11.51 31.25 -27.91
C GLY A 282 12.88 30.66 -27.64
N PHE A 283 12.92 29.52 -26.99
CA PHE A 283 14.16 28.89 -26.48
C PHE A 283 14.99 28.36 -27.66
N TYR A 284 14.36 27.66 -28.60
CA TYR A 284 15.07 27.12 -29.79
C TYR A 284 15.71 28.27 -30.57
N ASN A 285 14.96 29.37 -30.75
CA ASN A 285 15.36 30.50 -31.64
C ASN A 285 16.47 31.31 -30.97
N ALA A 286 16.32 31.60 -29.68
CA ALA A 286 17.17 32.54 -28.91
C ALA A 286 18.38 31.82 -28.31
N VAL A 287 18.30 30.49 -28.14
CA VAL A 287 19.35 29.72 -27.41
C VAL A 287 19.86 28.55 -28.26
N ALA A 288 19.02 27.54 -28.49
CA ALA A 288 19.46 26.22 -29.02
C ALA A 288 19.96 26.36 -30.46
N ILE A 289 19.19 26.98 -31.36
CA ILE A 289 19.55 27.02 -32.81
C ILE A 289 20.84 27.83 -32.95
N PRO A 290 20.94 29.02 -32.32
CA PRO A 290 22.17 29.80 -32.44
C PRO A 290 23.39 29.00 -31.95
N CYS A 291 23.23 28.27 -30.84
CA CYS A 291 24.30 27.46 -30.18
C CYS A 291 24.86 26.41 -31.14
N TYR A 292 23.99 25.58 -31.70
CA TYR A 292 24.40 24.48 -32.61
C TYR A 292 24.80 25.06 -33.97
N THR A 293 24.24 26.21 -34.40
CA THR A 293 24.66 26.90 -35.66
C THR A 293 26.15 27.27 -35.52
N THR A 294 26.50 28.12 -34.56
CA THR A 294 27.89 28.56 -34.34
C THR A 294 28.78 27.32 -34.13
N LEU A 295 28.27 26.28 -33.46
CA LEU A 295 29.08 25.06 -33.20
C LEU A 295 29.42 24.40 -34.52
N THR A 296 28.44 24.26 -35.41
CA THR A 296 28.61 23.62 -36.74
C THR A 296 29.61 24.42 -37.58
N GLN A 297 29.47 25.75 -37.61
CA GLN A 297 30.42 26.69 -38.29
C GLN A 297 31.86 26.38 -37.86
N ILE A 298 32.11 26.22 -36.56
CA ILE A 298 33.47 25.97 -36.01
C ILE A 298 33.84 24.48 -36.20
N LEU A 299 32.92 23.58 -35.89
CA LEU A 299 33.14 22.10 -35.91
C LEU A 299 32.14 21.47 -36.86
N PRO A 300 32.44 21.46 -38.18
CA PRO A 300 31.49 21.01 -39.19
C PRO A 300 30.87 19.63 -38.95
N PRO A 301 31.62 18.60 -38.50
CA PRO A 301 31.03 17.27 -38.31
C PRO A 301 29.93 17.19 -37.25
N THR A 302 29.67 18.27 -36.49
CA THR A 302 28.62 18.33 -35.43
C THR A 302 27.28 18.75 -36.05
N GLU A 303 27.18 18.74 -37.38
CA GLU A 303 26.01 19.29 -38.09
C GLU A 303 24.73 18.55 -37.71
N PRO A 304 24.76 17.22 -37.43
CA PRO A 304 23.54 16.50 -37.06
C PRO A 304 22.80 17.10 -35.86
N LEU A 305 23.53 17.61 -34.86
CA LEU A 305 22.93 18.32 -33.70
C LEU A 305 22.07 19.48 -34.18
N LEU A 306 22.59 20.29 -35.10
CA LEU A 306 21.81 21.43 -35.67
C LEU A 306 20.60 20.87 -36.45
N LYS A 307 20.81 19.83 -37.26
CA LYS A 307 19.72 19.23 -38.09
C LYS A 307 18.59 18.74 -37.18
N ALA A 308 18.95 17.99 -36.12
CA ALA A 308 18.01 17.37 -35.18
C ALA A 308 17.29 18.48 -34.41
N CYS A 309 18.02 19.52 -34.01
CA CYS A 309 17.46 20.67 -33.25
C CYS A 309 16.40 21.37 -34.08
N ARG A 310 16.71 21.65 -35.35
CA ARG A 310 15.73 22.25 -36.32
C ARG A 310 14.49 21.36 -36.45
N ASP A 311 14.69 20.04 -36.55
CA ASP A 311 13.55 19.09 -36.72
C ASP A 311 12.59 19.25 -35.53
N ASN A 312 13.13 19.41 -34.31
CA ASN A 312 12.33 19.53 -33.05
C ASN A 312 11.69 20.93 -33.01
N LEU A 313 12.43 21.98 -33.37
CA LEU A 313 11.81 23.33 -33.51
C LEU A 313 10.54 23.14 -34.34
N SER A 314 10.67 22.49 -35.51
CA SER A 314 9.57 22.24 -36.47
C SER A 314 8.43 21.47 -35.79
N GLN A 315 8.75 20.49 -34.95
CA GLN A 315 7.74 19.69 -34.21
C GLN A 315 7.01 20.54 -33.15
N TRP A 316 7.65 21.52 -32.51
CA TRP A 316 6.98 22.45 -31.55
C TRP A 316 6.06 23.41 -32.30
N GLU A 317 6.51 23.93 -33.45
CA GLU A 317 5.63 24.75 -34.34
C GLU A 317 4.34 23.95 -34.60
N LYS A 318 4.47 22.65 -34.90
CA LYS A 318 3.30 21.76 -35.14
C LYS A 318 2.42 21.72 -33.89
N VAL A 319 3.01 21.62 -32.70
CA VAL A 319 2.22 21.57 -31.43
C VAL A 319 1.36 22.84 -31.38
N ILE A 320 1.97 24.01 -31.59
CA ILE A 320 1.29 25.33 -31.46
C ILE A 320 0.06 25.38 -32.37
N ARG A 321 0.15 24.83 -33.59
CA ARG A 321 -0.96 24.82 -34.59
C ARG A 321 -2.01 23.76 -34.23
N GLY A 322 -1.79 22.99 -33.15
CA GLY A 322 -2.70 21.90 -32.76
C GLY A 322 -2.67 20.77 -33.79
N GLU A 323 -1.60 20.64 -34.57
CA GLU A 323 -1.34 19.46 -35.45
C GLU A 323 -0.84 18.28 -34.59
N GLU A 324 -0.45 18.54 -33.34
CA GLU A 324 -0.07 17.50 -32.34
C GLU A 324 0.04 18.14 -30.95
N GLN B 11 12.97 -23.31 20.23
CA GLN B 11 12.09 -22.20 19.72
C GLN B 11 11.58 -22.52 18.31
N GLY B 12 11.10 -23.75 18.08
CA GLY B 12 10.24 -24.12 16.92
C GLY B 12 8.78 -24.16 17.35
N LEU B 13 8.49 -23.75 18.60
CA LEU B 13 7.12 -23.53 19.17
C LEU B 13 6.60 -22.15 18.79
N MET B 14 7.41 -21.35 18.06
CA MET B 14 7.09 -19.97 17.63
C MET B 14 6.16 -20.03 16.42
N GLN B 15 4.87 -19.77 16.61
CA GLN B 15 3.92 -19.50 15.50
C GLN B 15 3.77 -17.99 15.28
N PHE B 16 3.49 -17.59 14.05
CA PHE B 16 3.02 -16.22 13.75
C PHE B 16 1.50 -16.22 13.89
N THR B 17 0.96 -15.16 14.52
CA THR B 17 -0.48 -14.84 14.51
C THR B 17 -0.66 -13.41 14.00
N LEU B 18 -1.75 -13.23 13.27
CA LEU B 18 -2.18 -11.94 12.73
C LEU B 18 -3.28 -11.39 13.63
N PRO B 19 -3.56 -10.08 13.54
CA PRO B 19 -4.79 -9.51 14.08
C PRO B 19 -6.05 -10.21 13.56
N VAL B 20 -7.11 -10.17 14.36
CA VAL B 20 -8.38 -10.90 14.12
C VAL B 20 -8.79 -10.74 12.64
N ARG B 21 -8.84 -9.51 12.13
CA ARG B 21 -9.41 -9.24 10.78
C ARG B 21 -8.53 -9.87 9.70
N LEU B 22 -7.20 -9.83 9.82
CA LEU B 22 -6.28 -10.45 8.83
C LEU B 22 -6.40 -11.99 8.92
N CYS B 23 -6.26 -12.53 10.13
CA CYS B 23 -6.30 -14.00 10.40
C CYS B 23 -7.43 -14.63 9.61
N LYS B 24 -8.52 -13.88 9.47
CA LYS B 24 -9.84 -14.32 8.99
C LYS B 24 -10.01 -14.04 7.49
N GLU B 25 -9.73 -12.82 7.05
CA GLU B 25 -9.77 -12.43 5.62
C GLU B 25 -8.69 -13.21 4.84
N ILE B 26 -7.56 -13.58 5.44
CA ILE B 26 -6.41 -14.13 4.66
C ILE B 26 -6.81 -15.46 4.01
N GLU B 27 -7.83 -16.13 4.53
CA GLU B 27 -8.31 -17.44 4.04
C GLU B 27 -9.14 -17.23 2.77
N LEU B 28 -9.63 -16.01 2.54
CA LEU B 28 -10.45 -15.66 1.35
C LEU B 28 -9.52 -15.32 0.18
N PHE B 29 -9.93 -15.72 -1.03
CA PHE B 29 -9.18 -15.50 -2.28
C PHE B 29 -9.00 -14.02 -2.55
N HIS B 30 -9.95 -13.19 -2.14
CA HIS B 30 -9.98 -11.75 -2.53
C HIS B 30 -9.29 -10.86 -1.48
N PHE B 31 -8.62 -11.46 -0.49
CA PHE B 31 -7.80 -10.75 0.52
C PHE B 31 -6.82 -9.76 -0.13
N ASP B 32 -6.80 -8.53 0.37
CA ASP B 32 -5.78 -7.51 0.04
C ASP B 32 -4.81 -7.46 1.22
N ILE B 33 -3.49 -7.52 0.96
CA ILE B 33 -2.45 -7.68 2.01
C ILE B 33 -2.20 -6.35 2.73
N GLY B 34 -2.82 -5.25 2.31
CA GLY B 34 -2.73 -3.98 3.02
C GLY B 34 -1.54 -3.12 2.60
N PRO B 35 -1.52 -1.83 3.00
CA PRO B 35 -0.44 -0.91 2.68
C PRO B 35 0.79 -0.86 3.61
N PHE B 36 0.80 -1.66 4.68
CA PHE B 36 1.90 -1.67 5.67
C PHE B 36 2.92 -2.72 5.23
N GLU B 37 4.01 -2.30 4.56
CA GLU B 37 5.05 -3.17 3.95
C GLU B 37 5.64 -4.09 5.03
N ASN B 38 5.82 -3.55 6.24
CA ASN B 38 6.51 -4.23 7.38
C ASN B 38 5.68 -5.43 7.84
N MET B 39 4.40 -5.53 7.47
CA MET B 39 3.55 -6.69 7.86
C MET B 39 3.66 -7.84 6.87
N TRP B 40 4.13 -7.61 5.64
CA TRP B 40 4.01 -8.61 4.55
C TRP B 40 4.90 -9.81 4.84
N PRO B 41 6.17 -9.62 5.29
CA PRO B 41 7.02 -10.75 5.63
C PRO B 41 6.35 -11.69 6.66
N GLY B 42 5.76 -11.11 7.71
CA GLY B 42 5.01 -11.87 8.73
C GLY B 42 3.85 -12.62 8.12
N ILE B 43 3.12 -11.98 7.21
CA ILE B 43 1.97 -12.59 6.46
C ILE B 43 2.48 -13.80 5.66
N PHE B 44 3.58 -13.65 4.93
CA PHE B 44 4.18 -14.76 4.14
C PHE B 44 4.55 -15.93 5.05
N VAL B 45 5.24 -15.66 6.17
CA VAL B 45 5.68 -16.72 7.13
C VAL B 45 4.45 -17.38 7.75
N TYR B 46 3.46 -16.60 8.16
CA TYR B 46 2.15 -17.11 8.64
C TYR B 46 1.59 -18.08 7.61
N MET B 47 1.65 -17.71 6.32
CA MET B 47 1.10 -18.56 5.22
C MET B 47 1.96 -19.82 5.07
N VAL B 48 3.28 -19.72 5.11
CA VAL B 48 4.17 -20.92 5.03
C VAL B 48 3.91 -21.87 6.21
N HIS B 49 3.67 -21.37 7.42
CA HIS B 49 3.50 -22.22 8.64
C HIS B 49 2.20 -22.99 8.56
N ARG B 50 1.10 -22.37 8.09
CA ARG B 50 -0.25 -22.99 8.01
C ARG B 50 -0.41 -23.87 6.75
N SER B 51 0.43 -23.68 5.74
CA SER B 51 0.25 -24.33 4.41
C SER B 51 1.23 -25.50 4.25
N CYS B 52 2.35 -25.43 4.96
CA CYS B 52 3.50 -26.35 4.80
C CYS B 52 3.81 -27.00 6.15
N GLY B 53 3.69 -26.22 7.23
CA GLY B 53 4.05 -26.65 8.60
C GLY B 53 5.13 -25.76 9.20
N THR B 54 5.20 -25.71 10.54
CA THR B 54 6.17 -24.88 11.31
C THR B 54 7.59 -25.45 11.19
N SER B 55 7.73 -26.70 10.74
CA SER B 55 9.01 -27.43 10.65
C SER B 55 9.61 -27.36 9.24
N CYS B 56 8.82 -26.92 8.23
CA CYS B 56 9.22 -26.90 6.80
C CYS B 56 10.54 -26.16 6.61
N PHE B 57 10.67 -25.00 7.24
CA PHE B 57 11.87 -24.11 7.11
C PHE B 57 12.37 -23.75 8.50
N GLU B 58 13.69 -23.65 8.65
CA GLU B 58 14.34 -23.04 9.83
C GLU B 58 13.97 -21.56 9.76
N LEU B 59 13.34 -21.02 10.81
CA LEU B 59 12.78 -19.64 10.83
C LEU B 59 13.89 -18.62 10.59
N GLU B 60 15.07 -18.76 11.20
CA GLU B 60 16.23 -17.84 10.96
C GLU B 60 16.54 -17.73 9.45
N LYS B 61 16.69 -18.86 8.74
CA LYS B 61 17.06 -18.90 7.29
C LYS B 61 15.92 -18.33 6.43
N LEU B 62 14.69 -18.74 6.68
CA LEU B 62 13.47 -18.24 5.99
C LEU B 62 13.37 -16.72 6.07
N CME B 63 13.51 -16.12 7.26
CA CME B 63 13.43 -14.65 7.50
CB CME B 63 13.39 -14.29 8.99
SG CME B 63 11.83 -14.56 9.87
SD CME B 63 10.45 -13.40 8.88
CE CME B 63 10.59 -11.72 9.55
CZ CME B 63 9.82 -11.52 10.83
OH CME B 63 8.99 -10.36 10.77
C CME B 63 14.56 -13.94 6.78
O CME B 63 14.37 -12.81 6.26
N ARG B 64 15.75 -14.55 6.75
CA ARG B 64 16.91 -13.93 6.06
C ARG B 64 16.69 -14.08 4.55
N PHE B 65 16.03 -15.16 4.11
CA PHE B 65 15.68 -15.41 2.68
C PHE B 65 14.65 -14.39 2.21
N ILE B 66 13.59 -14.19 3.01
CA ILE B 66 12.49 -13.24 2.68
C ILE B 66 13.05 -11.81 2.54
N MET B 67 13.98 -11.41 3.40
CA MET B 67 14.51 -10.03 3.41
C MET B 67 15.48 -9.83 2.23
N SER B 68 16.25 -10.82 1.82
CA SER B 68 17.07 -10.73 0.58
C SER B 68 16.17 -10.68 -0.66
N VAL B 69 15.06 -11.42 -0.69
CA VAL B 69 14.11 -11.43 -1.83
C VAL B 69 13.49 -10.03 -1.94
N LYS B 70 13.07 -9.45 -0.83
CA LYS B 70 12.48 -8.08 -0.79
C LYS B 70 13.48 -7.06 -1.36
N LYS B 71 14.71 -7.14 -0.87
CA LYS B 71 15.80 -6.22 -1.29
C LYS B 71 15.94 -6.28 -2.83
N ASN B 72 15.68 -7.44 -3.45
CA ASN B 72 15.98 -7.67 -4.89
C ASN B 72 14.74 -7.41 -5.74
N TYR B 73 13.65 -6.94 -5.13
CA TYR B 73 12.48 -6.33 -5.84
C TYR B 73 12.71 -4.82 -5.92
N ARG B 74 12.37 -4.23 -7.05
CA ARG B 74 12.59 -2.79 -7.33
C ARG B 74 11.34 -2.00 -6.96
N ARG B 75 11.51 -0.70 -6.76
CA ARG B 75 10.42 0.23 -6.46
C ARG B 75 9.80 0.65 -7.79
N VAL B 76 9.06 -0.26 -8.39
CA VAL B 76 8.34 -0.06 -9.67
C VAL B 76 6.85 -0.09 -9.34
N PRO B 77 6.00 0.60 -10.16
CA PRO B 77 4.58 0.75 -9.83
C PRO B 77 3.82 -0.56 -9.53
N TYR B 78 4.13 -1.64 -10.24
CA TYR B 78 3.33 -2.89 -10.15
C TYR B 78 4.21 -4.12 -9.87
N HIS B 79 5.28 -4.35 -10.63
CA HIS B 79 6.10 -5.59 -10.52
C HIS B 79 7.04 -5.52 -9.32
N ASN B 80 6.48 -5.34 -8.14
CA ASN B 80 7.25 -4.98 -6.93
C ASN B 80 6.98 -6.03 -5.86
N TRP B 81 7.57 -5.81 -4.70
CA TRP B 81 7.48 -6.67 -3.50
C TRP B 81 6.02 -6.99 -3.17
N LYS B 82 5.11 -6.02 -3.29
CA LYS B 82 3.68 -6.20 -2.93
C LYS B 82 3.06 -7.24 -3.87
N HIS B 83 3.36 -7.14 -5.16
CA HIS B 83 2.89 -8.12 -6.16
C HIS B 83 3.40 -9.50 -5.78
N ALA B 84 4.70 -9.63 -5.47
CA ALA B 84 5.33 -10.91 -5.09
C ALA B 84 4.48 -11.57 -4.01
N VAL B 85 4.14 -10.84 -2.94
CA VAL B 85 3.44 -11.41 -1.76
C VAL B 85 1.98 -11.66 -2.12
N THR B 86 1.36 -10.72 -2.81
CA THR B 86 -0.03 -10.88 -3.32
C THR B 86 -0.16 -12.18 -4.10
N VAL B 87 0.83 -12.52 -4.93
CA VAL B 87 0.74 -13.71 -5.82
C VAL B 87 0.99 -14.93 -4.95
N ALA B 88 1.94 -14.87 -4.03
CA ALA B 88 2.13 -15.93 -3.01
C ALA B 88 0.83 -16.19 -2.24
N HIS B 89 0.06 -15.15 -1.89
CA HIS B 89 -1.15 -15.36 -1.07
C HIS B 89 -2.18 -16.16 -1.87
N CYS B 90 -2.49 -15.73 -3.10
CA CYS B 90 -3.35 -16.51 -4.02
C CYS B 90 -2.98 -18.00 -3.99
N MET B 91 -1.70 -18.32 -4.14
CA MET B 91 -1.21 -19.72 -4.16
C MET B 91 -1.50 -20.37 -2.80
N TYR B 92 -1.33 -19.61 -1.70
CA TYR B 92 -1.68 -20.05 -0.33
C TYR B 92 -3.14 -20.51 -0.35
N ALA B 93 -4.05 -19.61 -0.74
CA ALA B 93 -5.52 -19.84 -0.82
C ALA B 93 -5.80 -21.10 -1.64
N ILE B 94 -5.12 -21.29 -2.78
CA ILE B 94 -5.37 -22.44 -3.70
C ILE B 94 -5.01 -23.72 -2.95
N LEU B 95 -3.78 -23.77 -2.44
CA LEU B 95 -3.22 -24.91 -1.65
C LEU B 95 -4.09 -25.19 -0.42
N GLN B 96 -4.54 -24.16 0.32
CA GLN B 96 -5.34 -24.41 1.55
C GLN B 96 -6.69 -25.05 1.18
N ASN B 97 -7.23 -24.79 0.00
CA ASN B 97 -8.57 -25.30 -0.42
C ASN B 97 -8.45 -26.60 -1.22
N ASN B 98 -7.23 -27.12 -1.41
CA ASN B 98 -6.95 -28.33 -2.21
C ASN B 98 -5.79 -29.08 -1.56
N HIS B 99 -5.77 -29.18 -0.23
CA HIS B 99 -4.55 -29.50 0.56
C HIS B 99 -4.08 -30.92 0.27
N THR B 100 -5.00 -31.85 0.00
CA THR B 100 -4.68 -33.29 -0.20
C THR B 100 -3.98 -33.50 -1.56
N LEU B 101 -4.21 -32.64 -2.55
CA LEU B 101 -3.77 -32.87 -3.96
C LEU B 101 -2.24 -32.76 -4.10
N PHE B 102 -1.55 -31.99 -3.25
CA PHE B 102 -0.13 -31.58 -3.44
C PHE B 102 0.79 -32.22 -2.40
N THR B 103 2.00 -32.57 -2.83
CA THR B 103 3.05 -33.23 -2.02
C THR B 103 3.68 -32.17 -1.10
N ASP B 104 4.53 -32.61 -0.16
CA ASP B 104 5.22 -31.72 0.81
C ASP B 104 6.09 -30.74 0.02
N LEU B 105 7.03 -31.28 -0.77
CA LEU B 105 7.93 -30.53 -1.70
C LEU B 105 7.14 -29.50 -2.51
N GLU B 106 6.01 -29.88 -3.10
CA GLU B 106 5.24 -28.97 -3.99
C GLU B 106 4.81 -27.75 -3.18
N ARG B 107 4.19 -27.95 -2.02
CA ARG B 107 3.76 -26.86 -1.12
C ARG B 107 4.97 -25.96 -0.76
N LYS B 108 6.12 -26.57 -0.47
CA LYS B 108 7.37 -25.84 -0.14
C LYS B 108 7.72 -24.93 -1.32
N GLY B 109 7.86 -25.53 -2.51
CA GLY B 109 8.38 -24.88 -3.73
C GLY B 109 7.45 -23.80 -4.28
N LEU B 110 6.16 -24.07 -4.31
CA LEU B 110 5.19 -23.17 -4.94
C LEU B 110 5.10 -21.82 -4.23
N LEU B 111 5.04 -21.80 -2.90
CA LEU B 111 4.91 -20.52 -2.16
C LEU B 111 6.20 -19.72 -2.34
N ILE B 112 7.32 -20.42 -2.43
CA ILE B 112 8.65 -19.80 -2.64
C ILE B 112 8.67 -19.27 -4.08
N ALA B 113 8.15 -20.07 -5.02
CA ALA B 113 8.19 -19.75 -6.46
C ALA B 113 7.38 -18.46 -6.68
N CYS B 114 6.18 -18.41 -6.13
CA CYS B 114 5.28 -17.23 -6.13
C CYS B 114 6.02 -15.99 -5.57
N LEU B 115 6.80 -16.11 -4.48
CA LEU B 115 7.46 -14.93 -3.83
C LEU B 115 8.60 -14.40 -4.72
N CYS B 116 9.32 -15.31 -5.37
CA CYS B 116 10.51 -15.02 -6.21
C CYS B 116 10.14 -14.78 -7.68
N HIS B 117 8.88 -14.98 -8.11
CA HIS B 117 8.54 -15.17 -9.55
C HIS B 117 8.83 -13.92 -10.39
N ASP B 118 8.85 -12.70 -9.82
CA ASP B 118 9.21 -11.48 -10.58
C ASP B 118 10.50 -10.83 -10.05
N LEU B 119 11.40 -11.58 -9.41
CA LEU B 119 12.63 -11.04 -8.79
C LEU B 119 13.37 -10.16 -9.80
N ASP B 120 13.74 -8.95 -9.37
CA ASP B 120 14.58 -7.96 -10.09
C ASP B 120 13.87 -7.52 -11.39
N HIS B 121 12.54 -7.48 -11.38
CA HIS B 121 11.72 -6.92 -12.49
C HIS B 121 11.97 -5.41 -12.63
N ARG B 122 12.06 -4.92 -13.86
CA ARG B 122 12.37 -3.48 -14.13
C ARG B 122 11.10 -2.75 -14.55
N GLY B 123 10.00 -3.47 -14.71
CA GLY B 123 8.66 -2.95 -15.12
C GLY B 123 8.43 -3.09 -16.62
N PHE B 124 9.36 -3.74 -17.33
CA PHE B 124 9.35 -3.82 -18.82
C PHE B 124 9.09 -5.26 -19.26
N SER B 125 8.36 -5.41 -20.36
CA SER B 125 8.04 -6.73 -20.99
C SER B 125 9.27 -7.36 -21.63
N ASN B 126 9.18 -8.66 -21.91
CA ASN B 126 10.21 -9.40 -22.66
C ASN B 126 10.41 -8.75 -24.03
N SER B 127 9.31 -8.32 -24.66
CA SER B 127 9.33 -7.67 -26.00
C SER B 127 10.23 -6.44 -25.94
N TYR B 128 10.11 -5.63 -24.89
CA TYR B 128 10.84 -4.34 -24.82
C TYR B 128 12.32 -4.65 -24.66
N LEU B 129 12.69 -5.54 -23.74
CA LEU B 129 14.10 -5.99 -23.53
C LEU B 129 14.69 -6.45 -24.89
N GLN B 130 13.90 -7.19 -25.66
CA GLN B 130 14.27 -7.72 -26.99
C GLN B 130 14.56 -6.53 -27.93
N LYS B 131 13.61 -5.61 -28.06
CA LYS B 131 13.71 -4.48 -29.02
C LYS B 131 14.77 -3.49 -28.54
N PHE B 132 15.01 -3.43 -27.24
CA PHE B 132 16.10 -2.59 -26.67
C PHE B 132 17.46 -3.23 -26.95
N ASP B 133 17.51 -4.55 -27.08
CA ASP B 133 18.78 -5.32 -27.14
C ASP B 133 19.43 -5.21 -25.76
N HIS B 134 18.69 -5.63 -24.74
CA HIS B 134 19.19 -5.74 -23.36
C HIS B 134 20.04 -7.01 -23.26
N PRO B 135 21.18 -6.96 -22.53
CA PRO B 135 22.02 -8.14 -22.28
C PRO B 135 21.27 -9.41 -21.86
N LEU B 136 20.25 -9.29 -21.02
CA LEU B 136 19.38 -10.44 -20.67
C LEU B 136 18.73 -11.09 -21.91
N ALA B 137 18.40 -10.35 -22.97
CA ALA B 137 17.75 -10.88 -24.20
C ALA B 137 18.69 -11.80 -24.98
N ALA B 138 20.01 -11.56 -24.94
CA ALA B 138 21.05 -12.40 -25.61
C ALA B 138 21.33 -13.63 -24.75
N LEU B 139 21.28 -13.46 -23.44
CA LEU B 139 21.50 -14.56 -22.48
C LEU B 139 20.31 -15.52 -22.52
N TYR B 140 19.09 -15.00 -22.63
CA TYR B 140 17.81 -15.77 -22.60
C TYR B 140 16.94 -15.36 -23.80
N SER B 141 16.97 -16.17 -24.86
CA SER B 141 16.28 -15.86 -26.14
C SER B 141 14.76 -15.83 -25.94
N THR B 142 14.20 -16.75 -25.14
CA THR B 142 12.73 -16.84 -24.86
C THR B 142 12.47 -16.83 -23.35
N SER B 143 11.28 -16.38 -22.95
CA SER B 143 10.91 -16.14 -21.53
C SER B 143 12.05 -15.38 -20.83
N THR B 144 12.62 -14.35 -21.46
CA THR B 144 13.84 -13.64 -20.99
C THR B 144 13.75 -13.27 -19.49
N MET B 145 12.76 -12.46 -19.07
CA MET B 145 12.69 -11.98 -17.65
C MET B 145 12.55 -13.17 -16.72
N GLU B 146 11.79 -14.19 -17.12
CA GLU B 146 11.44 -15.34 -16.27
C GLU B 146 12.68 -16.21 -16.04
N GLN B 147 13.50 -16.42 -17.06
CA GLN B 147 14.78 -17.14 -16.85
C GLN B 147 15.64 -16.32 -15.88
N HIS B 148 15.57 -14.99 -15.97
CA HIS B 148 16.33 -14.07 -15.11
C HIS B 148 15.80 -14.17 -13.67
N HIS B 149 14.49 -14.27 -13.49
CA HIS B 149 13.83 -14.38 -12.16
C HIS B 149 14.35 -15.65 -11.47
N PHE B 150 14.34 -16.77 -12.18
CA PHE B 150 14.80 -18.06 -11.62
C PHE B 150 16.29 -17.96 -11.21
N SER B 151 17.16 -17.55 -12.13
CA SER B 151 18.60 -17.20 -11.89
C SER B 151 18.77 -16.39 -10.59
N GLN B 152 18.02 -15.31 -10.42
CA GLN B 152 18.03 -14.49 -9.18
C GLN B 152 17.65 -15.35 -7.97
N THR B 153 16.64 -16.22 -8.10
CA THR B 153 16.19 -17.12 -7.01
C THR B 153 17.36 -18.03 -6.60
N VAL B 154 17.99 -18.67 -7.58
CA VAL B 154 19.09 -19.63 -7.28
C VAL B 154 20.25 -18.88 -6.64
N SER B 155 20.53 -17.63 -7.05
CA SER B 155 21.58 -16.77 -6.45
C SER B 155 21.29 -16.57 -4.96
N ILE B 156 20.09 -16.15 -4.59
CA ILE B 156 19.75 -15.82 -3.18
C ILE B 156 19.78 -17.12 -2.35
N LEU B 157 19.41 -18.25 -2.92
CA LEU B 157 19.48 -19.57 -2.20
C LEU B 157 20.93 -19.90 -1.82
N GLN B 158 21.89 -19.43 -2.60
CA GLN B 158 23.33 -19.77 -2.45
C GLN B 158 24.05 -18.73 -1.58
N LEU B 159 23.38 -17.65 -1.19
CA LEU B 159 23.93 -16.66 -0.21
C LEU B 159 24.13 -17.37 1.14
N GLU B 160 25.19 -17.02 1.88
CA GLU B 160 25.53 -17.65 3.19
C GLU B 160 24.37 -17.39 4.16
N GLY B 161 23.79 -18.47 4.70
CA GLY B 161 22.68 -18.44 5.67
C GLY B 161 21.30 -18.56 5.02
N HIS B 162 21.21 -18.58 3.68
CA HIS B 162 19.93 -18.38 2.93
C HIS B 162 19.32 -19.69 2.43
N ASN B 163 20.01 -20.82 2.52
CA ASN B 163 19.57 -22.09 1.89
C ASN B 163 18.43 -22.71 2.70
N ILE B 164 17.21 -22.20 2.51
CA ILE B 164 16.02 -22.61 3.30
C ILE B 164 15.71 -24.10 3.07
N PHE B 165 16.36 -24.74 2.09
CA PHE B 165 16.09 -26.15 1.70
C PHE B 165 17.26 -27.06 2.12
N SER B 166 18.06 -26.64 3.11
CA SER B 166 19.32 -27.33 3.51
C SER B 166 19.00 -28.74 4.02
N THR B 167 17.89 -28.92 4.75
CA THR B 167 17.44 -30.21 5.35
C THR B 167 17.09 -31.25 4.27
N LEU B 168 16.66 -30.84 3.06
CA LEU B 168 16.23 -31.77 1.98
C LEU B 168 17.42 -32.61 1.50
N SER B 169 17.17 -33.84 1.05
CA SER B 169 18.17 -34.73 0.40
C SER B 169 18.61 -34.11 -0.93
N SER B 170 19.66 -34.65 -1.55
CA SER B 170 20.17 -34.17 -2.86
C SER B 170 19.09 -34.29 -3.94
N SER B 171 18.26 -35.35 -3.87
CA SER B 171 17.15 -35.61 -4.82
C SER B 171 16.00 -34.63 -4.57
N GLU B 172 15.52 -34.57 -3.33
CA GLU B 172 14.42 -33.66 -2.94
C GLU B 172 14.81 -32.21 -3.28
N TYR B 173 16.05 -31.82 -2.98
CA TYR B 173 16.56 -30.46 -3.27
C TYR B 173 16.42 -30.19 -4.78
N GLU B 174 16.84 -31.14 -5.61
CA GLU B 174 16.84 -30.97 -7.08
C GLU B 174 15.39 -30.98 -7.58
N GLN B 175 14.53 -31.78 -6.94
CA GLN B 175 13.10 -31.82 -7.27
C GLN B 175 12.47 -30.45 -6.99
N VAL B 176 12.67 -29.88 -5.80
CA VAL B 176 11.99 -28.62 -5.41
C VAL B 176 12.52 -27.50 -6.32
N LEU B 177 13.81 -27.44 -6.61
CA LEU B 177 14.38 -26.39 -7.48
C LEU B 177 13.85 -26.55 -8.92
N GLU B 178 13.47 -27.77 -9.32
CA GLU B 178 12.85 -28.03 -10.65
C GLU B 178 11.37 -27.61 -10.65
N ILE B 179 10.67 -27.79 -9.53
CA ILE B 179 9.29 -27.26 -9.35
C ILE B 179 9.33 -25.73 -9.49
N ILE B 180 10.23 -25.08 -8.75
CA ILE B 180 10.38 -23.59 -8.74
C ILE B 180 10.76 -23.10 -10.14
N ARG B 181 11.64 -23.78 -10.86
CA ARG B 181 12.04 -23.35 -12.21
C ARG B 181 10.83 -23.39 -13.14
N LYS B 182 10.07 -24.49 -13.15
CA LYS B 182 8.93 -24.67 -14.09
C LYS B 182 7.81 -23.71 -13.72
N ALA B 183 7.61 -23.46 -12.43
CA ALA B 183 6.57 -22.54 -11.94
C ALA B 183 6.91 -21.12 -12.41
N ILE B 184 8.18 -20.74 -12.28
CA ILE B 184 8.61 -19.35 -12.62
C ILE B 184 8.56 -19.19 -14.16
N ILE B 185 9.01 -20.18 -14.93
CA ILE B 185 8.94 -20.09 -16.43
C ILE B 185 7.47 -19.98 -16.85
N ALA B 186 6.57 -20.70 -16.19
CA ALA B 186 5.13 -20.71 -16.54
C ALA B 186 4.48 -19.33 -16.36
N THR B 187 5.03 -18.43 -15.53
CA THR B 187 4.51 -17.05 -15.39
C THR B 187 4.81 -16.21 -16.65
N ASP B 188 5.59 -16.72 -17.61
CA ASP B 188 5.67 -16.11 -18.97
C ASP B 188 4.32 -16.31 -19.66
N LEU B 189 3.55 -15.23 -19.87
CA LEU B 189 2.15 -15.30 -20.34
C LEU B 189 2.10 -15.88 -21.76
N ALA B 190 3.14 -15.66 -22.56
CA ALA B 190 3.25 -16.21 -23.92
C ALA B 190 3.08 -17.74 -23.88
N LEU B 191 3.42 -18.40 -22.77
CA LEU B 191 3.34 -19.88 -22.65
C LEU B 191 1.98 -20.30 -22.10
N TYR B 192 1.19 -19.38 -21.57
CA TYR B 192 -0.07 -19.73 -20.86
C TYR B 192 -1.09 -20.24 -21.89
N PHE B 193 -1.24 -19.49 -22.99
CA PHE B 193 -2.23 -19.79 -24.06
C PHE B 193 -2.14 -21.26 -24.49
N GLY B 194 -0.95 -21.77 -24.79
CA GLY B 194 -0.75 -23.20 -25.15
C GLY B 194 -1.03 -24.16 -24.00
N ASN B 195 -0.59 -23.82 -22.78
CA ASN B 195 -0.72 -24.69 -21.59
C ASN B 195 -2.21 -24.89 -21.27
N ARG B 196 -3.00 -23.81 -21.26
CA ARG B 196 -4.44 -23.91 -20.98
C ARG B 196 -5.15 -24.68 -22.09
N LYS B 197 -4.70 -24.56 -23.35
CA LYS B 197 -5.31 -25.31 -24.48
C LYS B 197 -5.18 -26.82 -24.19
N GLN B 198 -3.98 -27.28 -23.86
CA GLN B 198 -3.74 -28.71 -23.54
C GLN B 198 -4.60 -29.14 -22.36
N LEU B 199 -4.69 -28.32 -21.31
CA LEU B 199 -5.35 -28.72 -20.04
C LEU B 199 -6.85 -28.83 -20.30
N GLU B 200 -7.42 -27.87 -21.02
CA GLU B 200 -8.83 -27.86 -21.47
C GLU B 200 -9.10 -29.11 -22.32
N GLU B 201 -8.24 -29.45 -23.26
CA GLU B 201 -8.39 -30.73 -24.00
C GLU B 201 -8.36 -31.87 -22.98
N MET B 202 -7.27 -32.01 -22.22
CA MET B 202 -7.03 -33.19 -21.36
C MET B 202 -8.21 -33.37 -20.42
N TYR B 203 -8.74 -32.28 -19.88
CA TYR B 203 -9.83 -32.28 -18.88
C TYR B 203 -11.11 -32.75 -19.55
N GLN B 204 -11.48 -32.10 -20.66
CA GLN B 204 -12.77 -32.35 -21.38
C GLN B 204 -12.80 -33.71 -22.07
N THR B 205 -11.67 -34.37 -22.34
CA THR B 205 -11.62 -35.76 -22.84
C THR B 205 -11.56 -36.75 -21.67
N GLY B 206 -11.29 -36.25 -20.46
CA GLY B 206 -11.07 -37.08 -19.26
C GLY B 206 -9.75 -37.83 -19.29
N SER B 207 -8.75 -37.35 -20.03
CA SER B 207 -7.39 -37.95 -20.06
C SER B 207 -6.48 -37.29 -19.01
N LEU B 208 -6.96 -36.26 -18.31
CA LEU B 208 -6.16 -35.50 -17.31
C LEU B 208 -5.91 -36.41 -16.12
N ASN B 209 -4.64 -36.63 -15.78
CA ASN B 209 -4.20 -37.65 -14.80
C ASN B 209 -3.09 -37.07 -13.89
N LEU B 210 -3.43 -36.70 -12.67
CA LEU B 210 -2.53 -35.96 -11.76
C LEU B 210 -1.37 -36.85 -11.27
N ASN B 211 -1.42 -38.16 -11.52
CA ASN B 211 -0.29 -39.08 -11.18
C ASN B 211 0.73 -39.02 -12.32
N ASN B 212 0.37 -38.33 -13.41
CA ASN B 212 1.27 -38.09 -14.56
C ASN B 212 2.07 -36.82 -14.25
N GLN B 213 3.40 -36.89 -14.19
CA GLN B 213 4.24 -35.73 -13.77
C GLN B 213 4.01 -34.58 -14.76
N SER B 214 3.94 -34.88 -16.05
CA SER B 214 3.87 -33.87 -17.13
C SER B 214 2.51 -33.19 -17.09
N HIS B 215 1.52 -33.84 -16.49
CA HIS B 215 0.14 -33.31 -16.30
C HIS B 215 0.09 -32.43 -15.05
N ARG B 216 0.68 -32.85 -13.94
CA ARG B 216 0.83 -32.01 -12.72
C ARG B 216 1.55 -30.71 -13.10
N ASP B 217 2.68 -30.82 -13.82
CA ASP B 217 3.50 -29.68 -14.28
C ASP B 217 2.58 -28.64 -14.91
N ARG B 218 1.69 -29.08 -15.78
CA ARG B 218 0.79 -28.18 -16.54
C ARG B 218 -0.20 -27.54 -15.57
N VAL B 219 -0.78 -28.32 -14.63
CA VAL B 219 -1.81 -27.79 -13.69
C VAL B 219 -1.13 -26.75 -12.81
N ILE B 220 0.11 -27.00 -12.39
CA ILE B 220 0.88 -26.02 -11.57
C ILE B 220 1.12 -24.75 -12.43
N GLY B 221 1.47 -24.95 -13.70
CA GLY B 221 1.71 -23.84 -14.63
C GLY B 221 0.50 -22.95 -14.67
N LEU B 222 -0.69 -23.55 -14.72
CA LEU B 222 -1.96 -22.80 -14.77
C LEU B 222 -2.19 -22.17 -13.39
N MET B 223 -1.87 -22.89 -12.34
CA MET B 223 -2.03 -22.33 -10.97
C MET B 223 -1.19 -21.07 -10.86
N MET B 224 0.01 -21.08 -11.43
CA MET B 224 0.92 -19.91 -11.42
C MET B 224 0.31 -18.76 -12.21
N THR B 225 -0.22 -19.01 -13.42
CA THR B 225 -0.82 -17.95 -14.26
C THR B 225 -1.91 -17.29 -13.42
N ALA B 226 -2.78 -18.09 -12.79
CA ALA B 226 -3.97 -17.66 -12.01
C ALA B 226 -3.55 -16.82 -10.80
N CYS B 227 -2.51 -17.26 -10.08
CA CYS B 227 -1.93 -16.46 -8.95
C CYS B 227 -1.32 -15.15 -9.49
N ASP B 228 -0.64 -15.23 -10.63
CA ASP B 228 0.02 -14.07 -11.27
C ASP B 228 -1.02 -13.03 -11.69
N LEU B 229 -2.20 -13.44 -12.18
CA LEU B 229 -3.25 -12.51 -12.66
C LEU B 229 -4.24 -12.14 -11.54
N CYS B 230 -3.98 -12.56 -10.30
CA CYS B 230 -5.03 -12.61 -9.24
C CYS B 230 -5.59 -11.23 -8.87
N SER B 231 -4.98 -10.14 -9.36
CA SER B 231 -5.47 -8.75 -9.16
C SER B 231 -6.88 -8.58 -9.74
N VAL B 232 -7.19 -9.31 -10.82
CA VAL B 232 -8.51 -9.27 -11.52
C VAL B 232 -9.53 -10.13 -10.75
N THR B 233 -9.13 -10.82 -9.68
CA THR B 233 -10.05 -11.66 -8.88
C THR B 233 -10.28 -11.05 -7.49
N LYS B 234 -9.83 -9.82 -7.25
CA LYS B 234 -10.08 -9.06 -6.00
C LYS B 234 -11.41 -8.32 -6.15
N LEU B 235 -11.89 -7.67 -5.10
CA LEU B 235 -13.14 -6.91 -5.20
C LEU B 235 -12.86 -5.67 -6.06
N TRP B 236 -13.89 -5.12 -6.69
CA TRP B 236 -13.75 -4.07 -7.72
C TRP B 236 -12.84 -2.93 -7.28
N PRO B 237 -13.00 -2.33 -6.08
CA PRO B 237 -12.18 -1.18 -5.68
C PRO B 237 -10.68 -1.48 -5.66
N VAL B 238 -10.29 -2.70 -5.29
CA VAL B 238 -8.87 -3.16 -5.34
C VAL B 238 -8.46 -3.31 -6.80
N THR B 239 -9.25 -4.03 -7.59
CA THR B 239 -8.95 -4.36 -9.02
C THR B 239 -8.77 -3.05 -9.80
N LYS B 240 -9.68 -2.10 -9.56
CA LYS B 240 -9.69 -0.78 -10.23
C LYS B 240 -8.41 -0.01 -9.89
N LEU B 241 -8.07 0.06 -8.61
CA LEU B 241 -6.88 0.82 -8.13
C LEU B 241 -5.60 0.12 -8.59
N THR B 242 -5.55 -1.22 -8.55
CA THR B 242 -4.38 -1.96 -9.05
C THR B 242 -4.16 -1.64 -10.54
N ALA B 243 -5.22 -1.44 -11.32
CA ALA B 243 -5.12 -1.26 -12.79
C ALA B 243 -4.30 -0.01 -13.10
N ASN B 244 -4.37 1.02 -12.26
CA ASN B 244 -3.53 2.25 -12.38
C ASN B 244 -2.05 1.89 -12.39
N ASP B 245 -1.66 0.94 -11.55
CA ASP B 245 -0.24 0.54 -11.34
C ASP B 245 0.22 -0.24 -12.57
N ILE B 246 -0.61 -1.19 -12.99
CA ILE B 246 -0.33 -2.04 -14.16
C ILE B 246 -0.11 -1.13 -15.38
N TYR B 247 -0.93 -0.09 -15.53
CA TYR B 247 -0.95 0.80 -16.73
C TYR B 247 0.15 1.85 -16.63
N ALA B 248 0.48 2.30 -15.41
CA ALA B 248 1.63 3.20 -15.18
C ALA B 248 2.87 2.54 -15.82
N GLU B 249 3.03 1.22 -15.64
CA GLU B 249 4.18 0.45 -16.20
C GLU B 249 4.02 0.35 -17.71
N PHE B 250 2.83 -0.02 -18.18
CA PHE B 250 2.56 -0.14 -19.64
C PHE B 250 2.86 1.20 -20.32
N TRP B 251 2.45 2.31 -19.73
CA TRP B 251 2.62 3.65 -20.36
C TRP B 251 4.10 4.01 -20.40
N ALA B 252 4.83 3.73 -19.31
CA ALA B 252 6.29 3.95 -19.26
C ALA B 252 6.94 3.11 -20.35
N GLU B 253 6.57 1.84 -20.48
CA GLU B 253 7.14 0.96 -21.54
C GLU B 253 6.80 1.55 -22.91
N GLY B 254 5.54 1.96 -23.13
CA GLY B 254 5.12 2.66 -24.36
C GLY B 254 6.01 3.85 -24.68
N ASP B 255 6.31 4.67 -23.67
CA ASP B 255 7.19 5.85 -23.82
C ASP B 255 8.58 5.40 -24.29
N GLU B 256 9.07 4.25 -23.81
CA GLU B 256 10.45 3.79 -24.10
C GLU B 256 10.47 3.19 -25.49
N MET B 257 9.40 2.50 -25.87
CA MET B 257 9.14 2.05 -27.25
C MET B 257 9.23 3.26 -28.19
N LYS B 258 8.55 4.37 -27.88
CA LYS B 258 8.58 5.57 -28.77
C LYS B 258 10.04 6.07 -28.86
N LYS B 259 10.81 5.98 -27.77
CA LYS B 259 12.19 6.53 -27.73
C LYS B 259 13.13 5.71 -28.63
N LEU B 260 12.75 4.47 -28.93
CA LEU B 260 13.50 3.55 -29.84
C LEU B 260 13.04 3.78 -31.28
N GLY B 261 11.95 4.51 -31.46
CA GLY B 261 11.42 4.87 -32.79
C GLY B 261 10.28 3.97 -33.18
N ILE B 262 9.67 3.26 -32.22
CA ILE B 262 8.64 2.22 -32.46
C ILE B 262 7.29 2.66 -31.88
N GLN B 263 6.23 2.60 -32.69
CA GLN B 263 4.87 2.94 -32.20
C GLN B 263 4.44 1.76 -31.36
N PRO B 264 4.20 1.94 -30.04
CA PRO B 264 3.80 0.82 -29.20
C PRO B 264 2.38 0.35 -29.55
N ILE B 265 2.01 -0.83 -29.09
CA ILE B 265 0.60 -1.31 -29.08
C ILE B 265 -0.21 -0.37 -28.20
N PRO B 266 -1.48 -0.08 -28.56
CA PRO B 266 -2.29 0.97 -27.91
C PRO B 266 -2.38 0.89 -26.38
N MET B 267 -2.43 -0.34 -25.88
CA MET B 267 -2.42 -0.72 -24.45
C MET B 267 -1.31 0.06 -23.73
N MET B 268 -0.14 0.21 -24.35
CA MET B 268 1.06 0.86 -23.77
C MET B 268 1.18 2.34 -24.14
N ASP B 269 0.18 2.91 -24.80
CA ASP B 269 0.26 4.29 -25.35
C ASP B 269 -0.50 5.24 -24.43
N ARG B 270 0.20 6.10 -23.69
CA ARG B 270 -0.46 6.95 -22.66
C ARG B 270 -1.34 8.03 -23.32
N ASP B 271 -1.19 8.27 -24.63
CA ASP B 271 -2.08 9.18 -25.41
C ASP B 271 -3.39 8.48 -25.77
N LYS B 272 -3.55 7.18 -25.47
CA LYS B 272 -4.75 6.38 -25.84
C LYS B 272 -5.43 5.80 -24.59
N LYS B 273 -5.44 6.54 -23.49
CA LYS B 273 -6.04 6.12 -22.21
C LYS B 273 -7.52 5.79 -22.38
N ASP B 274 -8.20 6.42 -23.35
CA ASP B 274 -9.66 6.29 -23.58
C ASP B 274 -9.98 4.88 -24.12
N GLU B 275 -8.98 4.12 -24.56
CA GLU B 275 -9.18 2.73 -25.08
C GLU B 275 -8.97 1.68 -23.98
N VAL B 276 -8.70 2.10 -22.74
CA VAL B 276 -8.30 1.17 -21.64
C VAL B 276 -9.46 0.25 -21.28
N PRO B 277 -10.69 0.76 -21.09
CA PRO B 277 -11.81 -0.10 -20.72
C PRO B 277 -12.02 -1.23 -21.75
N GLN B 278 -11.91 -0.94 -23.05
CA GLN B 278 -12.06 -1.96 -24.12
C GLN B 278 -10.88 -2.95 -24.10
N GLY B 279 -9.65 -2.47 -23.83
CA GLY B 279 -8.44 -3.29 -23.72
C GLY B 279 -8.51 -4.27 -22.56
N GLN B 280 -9.14 -3.87 -21.44
CA GLN B 280 -9.43 -4.73 -20.27
C GLN B 280 -10.50 -5.78 -20.64
N LEU B 281 -11.56 -5.35 -21.33
CA LEU B 281 -12.61 -6.26 -21.86
C LEU B 281 -11.93 -7.35 -22.70
N GLY B 282 -11.01 -6.96 -23.57
CA GLY B 282 -10.21 -7.90 -24.38
C GLY B 282 -9.44 -8.85 -23.49
N PHE B 283 -8.78 -8.31 -22.45
CA PHE B 283 -7.89 -9.10 -21.56
C PHE B 283 -8.70 -10.15 -20.77
N TYR B 284 -9.83 -9.77 -20.18
CA TYR B 284 -10.69 -10.71 -19.39
C TYR B 284 -11.23 -11.81 -20.31
N ASN B 285 -11.74 -11.45 -21.49
CA ASN B 285 -12.39 -12.41 -22.41
C ASN B 285 -11.37 -13.40 -22.98
N ALA B 286 -10.14 -12.93 -23.31
CA ALA B 286 -9.09 -13.66 -24.04
C ALA B 286 -8.13 -14.39 -23.09
N VAL B 287 -8.00 -13.95 -21.84
CA VAL B 287 -6.94 -14.47 -20.93
C VAL B 287 -7.49 -14.81 -19.55
N ALA B 288 -8.08 -13.85 -18.84
CA ALA B 288 -8.41 -14.03 -17.42
C ALA B 288 -9.53 -15.08 -17.27
N ILE B 289 -10.67 -14.86 -17.92
CA ILE B 289 -11.89 -15.72 -17.76
C ILE B 289 -11.57 -17.15 -18.18
N PRO B 290 -10.94 -17.39 -19.35
CA PRO B 290 -10.51 -18.73 -19.74
C PRO B 290 -9.55 -19.41 -18.75
N CYS B 291 -8.66 -18.63 -18.10
CA CYS B 291 -7.67 -19.13 -17.12
C CYS B 291 -8.41 -19.69 -15.91
N TYR B 292 -9.32 -18.91 -15.34
CA TYR B 292 -10.01 -19.24 -14.06
C TYR B 292 -11.17 -20.20 -14.34
N THR B 293 -11.69 -20.19 -15.57
CA THR B 293 -12.67 -21.21 -16.02
C THR B 293 -11.99 -22.57 -15.98
N THR B 294 -10.87 -22.75 -16.69
CA THR B 294 -10.16 -24.06 -16.76
C THR B 294 -9.72 -24.46 -15.36
N LEU B 295 -9.21 -23.51 -14.57
CA LEU B 295 -8.76 -23.79 -13.18
C LEU B 295 -9.95 -24.29 -12.36
N THR B 296 -11.15 -23.69 -12.51
CA THR B 296 -12.33 -24.07 -11.68
C THR B 296 -12.80 -25.47 -12.07
N GLN B 297 -12.62 -25.88 -13.32
CA GLN B 297 -12.90 -27.26 -13.82
C GLN B 297 -11.94 -28.25 -13.15
N ILE B 298 -10.63 -27.97 -13.13
CA ILE B 298 -9.64 -28.93 -12.59
C ILE B 298 -9.66 -28.90 -11.05
N LEU B 299 -9.76 -27.71 -10.44
CA LEU B 299 -9.74 -27.52 -8.98
C LEU B 299 -10.98 -26.75 -8.56
N PRO B 300 -12.14 -27.43 -8.47
CA PRO B 300 -13.42 -26.79 -8.14
C PRO B 300 -13.47 -25.81 -6.98
N PRO B 301 -12.73 -26.01 -5.86
CA PRO B 301 -12.77 -25.05 -4.76
C PRO B 301 -12.15 -23.68 -5.10
N THR B 302 -11.51 -23.54 -6.28
CA THR B 302 -10.93 -22.27 -6.80
C THR B 302 -12.00 -21.44 -7.52
N GLU B 303 -13.28 -21.73 -7.33
CA GLU B 303 -14.42 -21.08 -8.04
C GLU B 303 -14.54 -19.60 -7.66
N PRO B 304 -14.29 -19.19 -6.41
CA PRO B 304 -14.38 -17.76 -6.08
C PRO B 304 -13.48 -16.85 -6.94
N LEU B 305 -12.39 -17.40 -7.47
CA LEU B 305 -11.50 -16.64 -8.38
C LEU B 305 -12.28 -16.31 -9.66
N LEU B 306 -12.97 -17.31 -10.21
CA LEU B 306 -13.70 -17.13 -11.50
C LEU B 306 -14.86 -16.18 -11.23
N LYS B 307 -15.54 -16.37 -10.09
CA LYS B 307 -16.71 -15.55 -9.71
C LYS B 307 -16.27 -14.07 -9.64
N ALA B 308 -15.21 -13.77 -8.90
CA ALA B 308 -14.68 -12.38 -8.75
C ALA B 308 -14.25 -11.86 -10.13
N CYS B 309 -13.58 -12.70 -10.93
CA CYS B 309 -13.10 -12.31 -12.29
C CYS B 309 -14.30 -11.90 -13.15
N ARG B 310 -15.40 -12.64 -13.07
CA ARG B 310 -16.66 -12.39 -13.82
C ARG B 310 -17.36 -11.13 -13.32
N ASP B 311 -17.41 -10.91 -11.99
CA ASP B 311 -17.90 -9.63 -11.41
C ASP B 311 -17.11 -8.45 -12.00
N ASN B 312 -15.78 -8.54 -12.02
CA ASN B 312 -14.88 -7.46 -12.50
C ASN B 312 -15.10 -7.25 -14.00
N LEU B 313 -15.26 -8.32 -14.78
CA LEU B 313 -15.57 -8.20 -16.24
C LEU B 313 -16.83 -7.35 -16.42
N SER B 314 -17.85 -7.61 -15.60
CA SER B 314 -19.14 -6.88 -15.59
C SER B 314 -18.91 -5.39 -15.27
N GLN B 315 -18.17 -5.08 -14.21
CA GLN B 315 -17.80 -3.69 -13.83
C GLN B 315 -17.09 -2.98 -14.98
N TRP B 316 -16.20 -3.64 -15.71
CA TRP B 316 -15.48 -3.00 -16.86
C TRP B 316 -16.49 -2.72 -17.99
N GLU B 317 -17.54 -3.53 -18.12
CA GLU B 317 -18.63 -3.30 -19.09
C GLU B 317 -19.41 -2.05 -18.67
N LYS B 318 -19.71 -1.88 -17.38
CA LYS B 318 -20.36 -0.67 -16.82
C LYS B 318 -19.52 0.57 -17.18
N VAL B 319 -18.22 0.54 -16.94
CA VAL B 319 -17.29 1.65 -17.27
C VAL B 319 -17.47 2.01 -18.76
N ILE B 320 -17.46 1.03 -19.66
CA ILE B 320 -17.55 1.27 -21.14
C ILE B 320 -18.86 2.00 -21.50
N ARG B 321 -19.96 1.72 -20.79
CA ARG B 321 -21.27 2.36 -20.99
C ARG B 321 -21.35 3.73 -20.28
N GLY B 322 -20.37 4.09 -19.46
CA GLY B 322 -20.35 5.37 -18.70
C GLY B 322 -21.23 5.30 -17.45
N GLU B 323 -21.46 4.11 -16.91
CA GLU B 323 -22.24 3.88 -15.66
C GLU B 323 -21.32 3.90 -14.43
N GLU B 324 -20.00 3.83 -14.63
CA GLU B 324 -18.99 4.04 -13.55
C GLU B 324 -17.79 4.81 -14.10
N THR B 325 -17.23 5.72 -13.28
CA THR B 325 -16.03 6.54 -13.56
C THR B 325 -14.78 5.76 -13.13
N GLY C 12 30.98 25.24 24.21
CA GLY C 12 29.72 25.62 23.51
C GLY C 12 29.76 27.05 22.98
N LEU C 13 30.89 27.44 22.38
CA LEU C 13 31.14 28.77 21.76
C LEU C 13 30.49 28.80 20.37
N MET C 14 30.11 27.63 19.82
CA MET C 14 29.48 27.49 18.48
C MET C 14 28.00 27.86 18.54
N GLN C 15 27.60 28.94 17.88
CA GLN C 15 26.18 29.26 17.54
C GLN C 15 25.96 29.00 16.05
N PHE C 16 24.71 28.73 15.67
CA PHE C 16 24.27 28.72 14.26
C PHE C 16 23.82 30.13 13.91
N THR C 17 24.13 30.57 12.68
CA THR C 17 23.53 31.77 12.04
C THR C 17 22.82 31.32 10.78
N LEU C 18 21.81 32.07 10.39
CA LEU C 18 21.06 31.87 9.14
C LEU C 18 21.42 33.04 8.23
N PRO C 19 21.35 32.88 6.89
CA PRO C 19 21.42 34.02 5.99
C PRO C 19 20.46 35.09 6.50
N VAL C 20 20.71 36.34 6.10
CA VAL C 20 19.93 37.53 6.54
C VAL C 20 18.43 37.23 6.43
N ARG C 21 17.94 36.83 5.25
CA ARG C 21 16.47 36.75 4.99
C ARG C 21 15.83 35.80 6.02
N LEU C 22 16.43 34.64 6.30
CA LEU C 22 15.90 33.60 7.23
C LEU C 22 16.00 34.10 8.67
N CYS C 23 17.20 34.57 9.06
CA CYS C 23 17.48 35.23 10.38
C CYS C 23 16.30 36.14 10.71
N LYS C 24 15.85 36.93 9.74
CA LYS C 24 14.79 37.95 9.92
C LYS C 24 13.41 37.27 9.90
N GLU C 25 13.07 36.58 8.82
CA GLU C 25 11.75 35.94 8.59
C GLU C 25 11.43 34.92 9.68
N ILE C 26 12.41 34.20 10.24
CA ILE C 26 12.16 33.04 11.15
C ILE C 26 11.38 33.50 12.39
N GLU C 27 11.52 34.77 12.75
CA GLU C 27 10.85 35.36 13.94
C GLU C 27 9.35 35.49 13.68
N LEU C 28 8.91 35.44 12.42
CA LEU C 28 7.48 35.63 12.03
C LEU C 28 6.73 34.28 12.09
N PHE C 29 5.47 34.31 12.51
CA PHE C 29 4.62 33.09 12.59
C PHE C 29 4.46 32.44 11.19
N HIS C 30 4.49 33.21 10.09
CA HIS C 30 4.14 32.68 8.74
C HIS C 30 5.41 32.24 7.99
N PHE C 31 6.57 32.27 8.61
CA PHE C 31 7.82 31.74 8.02
C PHE C 31 7.54 30.36 7.39
N ASP C 32 8.05 30.16 6.17
CA ASP C 32 8.13 28.85 5.47
C ASP C 32 9.59 28.38 5.50
N ILE C 33 9.87 27.15 5.94
CA ILE C 33 11.27 26.67 6.16
C ILE C 33 11.99 26.40 4.82
N GLY C 34 11.28 26.46 3.69
CA GLY C 34 11.89 26.39 2.35
C GLY C 34 12.18 24.95 1.94
N PRO C 35 12.56 24.73 0.65
CA PRO C 35 12.64 23.38 0.06
C PRO C 35 14.00 22.67 0.19
N PHE C 36 14.98 23.29 0.85
CA PHE C 36 16.35 22.73 1.03
C PHE C 36 16.40 21.96 2.36
N GLU C 37 16.12 20.67 2.31
CA GLU C 37 16.13 19.73 3.46
C GLU C 37 17.40 19.93 4.29
N ASN C 38 18.55 20.06 3.65
CA ASN C 38 19.87 20.05 4.33
C ASN C 38 20.00 21.24 5.29
N MET C 39 19.15 22.26 5.16
CA MET C 39 19.20 23.45 6.05
C MET C 39 18.30 23.28 7.29
N TRP C 40 17.35 22.34 7.29
CA TRP C 40 16.31 22.20 8.32
C TRP C 40 16.96 21.84 9.66
N PRO C 41 17.91 20.90 9.70
CA PRO C 41 18.59 20.60 10.97
C PRO C 41 19.16 21.87 11.59
N GLY C 42 19.90 22.65 10.80
CA GLY C 42 20.54 23.91 11.22
C GLY C 42 19.53 24.90 11.78
N ILE C 43 18.38 25.00 11.11
CA ILE C 43 17.27 25.91 11.48
C ILE C 43 16.72 25.51 12.86
N PHE C 44 16.61 24.21 13.12
CA PHE C 44 16.09 23.68 14.41
C PHE C 44 17.06 24.05 15.54
N VAL C 45 18.34 23.76 15.33
CA VAL C 45 19.41 24.08 16.31
C VAL C 45 19.40 25.59 16.58
N TYR C 46 19.24 26.42 15.54
CA TYR C 46 19.21 27.90 15.68
C TYR C 46 18.07 28.29 16.61
N MET C 47 16.91 27.67 16.40
CA MET C 47 15.70 27.91 17.20
C MET C 47 15.92 27.40 18.64
N VAL C 48 16.56 26.25 18.83
CA VAL C 48 16.83 25.69 20.20
C VAL C 48 17.82 26.60 20.94
N HIS C 49 18.86 27.10 20.27
CA HIS C 49 19.88 28.00 20.87
C HIS C 49 19.21 29.32 21.31
N ARG C 50 18.43 29.96 20.44
CA ARG C 50 17.76 31.24 20.76
C ARG C 50 16.64 31.04 21.78
N SER C 51 16.01 29.87 21.79
CA SER C 51 14.69 29.64 22.45
C SER C 51 14.90 29.15 23.88
N CYS C 52 15.88 28.25 24.02
CA CYS C 52 16.20 27.50 25.25
C CYS C 52 17.50 28.05 25.84
N GLY C 53 18.55 28.17 24.99
CA GLY C 53 19.92 28.61 25.33
C GLY C 53 20.95 27.71 24.66
N THR C 54 22.15 28.24 24.37
CA THR C 54 23.28 27.52 23.68
C THR C 54 23.79 26.34 24.54
N SER C 55 23.52 26.36 25.85
CA SER C 55 24.00 25.37 26.84
C SER C 55 22.93 24.33 27.20
N CYS C 56 21.68 24.49 26.72
CA CYS C 56 20.54 23.57 27.01
C CYS C 56 20.91 22.12 26.65
N PHE C 57 21.58 21.91 25.52
CA PHE C 57 21.89 20.56 24.96
C PHE C 57 23.32 20.52 24.46
N GLU C 58 23.98 19.37 24.64
CA GLU C 58 25.34 19.14 24.12
C GLU C 58 25.22 19.02 22.59
N LEU C 59 25.85 19.92 21.84
CA LEU C 59 25.64 20.03 20.37
C LEU C 59 25.82 18.67 19.69
N GLU C 60 26.86 17.89 20.03
CA GLU C 60 27.15 16.54 19.42
C GLU C 60 25.92 15.64 19.57
N LYS C 61 25.35 15.56 20.77
CA LYS C 61 24.19 14.69 21.11
C LYS C 61 22.96 15.18 20.35
N LEU C 62 22.79 16.50 20.28
CA LEU C 62 21.61 17.12 19.63
C LEU C 62 21.63 16.76 18.13
N CME C 63 22.74 17.00 17.43
CA CME C 63 22.91 16.73 15.98
CB CME C 63 24.24 17.21 15.44
SG CME C 63 24.32 18.98 15.07
SD CME C 63 22.75 19.27 13.80
CE CME C 63 23.48 19.14 12.13
CZ CME C 63 24.38 20.30 11.83
OH CME C 63 24.29 20.66 10.47
C CME C 63 22.65 15.26 15.70
O CME C 63 21.93 14.92 14.73
N ARG C 64 23.21 14.37 16.53
CA ARG C 64 23.04 12.91 16.38
C ARG C 64 21.58 12.53 16.71
N PHE C 65 20.91 13.22 17.66
CA PHE C 65 19.48 12.99 17.98
C PHE C 65 18.59 13.45 16.82
N ILE C 66 18.94 14.60 16.23
CA ILE C 66 18.17 15.22 15.12
C ILE C 66 18.23 14.30 13.91
N MET C 67 19.37 13.68 13.61
CA MET C 67 19.53 12.91 12.35
C MET C 67 18.85 11.53 12.50
N SER C 68 18.77 11.01 13.73
CA SER C 68 18.02 9.77 14.08
C SER C 68 16.51 10.01 13.93
N VAL C 69 16.01 11.12 14.46
CA VAL C 69 14.59 11.54 14.26
C VAL C 69 14.28 11.66 12.76
N LYS C 70 15.04 12.45 12.01
CA LYS C 70 14.89 12.61 10.53
C LYS C 70 14.75 11.25 9.85
N LYS C 71 15.67 10.32 10.16
CA LYS C 71 15.77 8.96 9.58
C LYS C 71 14.48 8.19 9.86
N ASN C 72 13.81 8.46 10.99
CA ASN C 72 12.58 7.72 11.40
C ASN C 72 11.31 8.44 10.94
N TYR C 73 11.42 9.53 10.16
CA TYR C 73 10.29 10.07 9.37
C TYR C 73 10.29 9.41 7.99
N ARG C 74 9.10 9.07 7.52
CA ARG C 74 8.89 8.39 6.23
C ARG C 74 8.70 9.44 5.13
N ARG C 75 8.92 9.01 3.88
CA ARG C 75 8.73 9.81 2.66
C ARG C 75 7.26 9.68 2.29
N VAL C 76 6.43 10.41 3.02
CA VAL C 76 4.97 10.54 2.79
C VAL C 76 4.73 11.98 2.36
N PRO C 77 3.63 12.25 1.65
CA PRO C 77 3.38 13.59 1.12
C PRO C 77 3.41 14.72 2.17
N TYR C 78 2.80 14.50 3.33
CA TYR C 78 2.59 15.59 4.31
C TYR C 78 3.26 15.27 5.64
N HIS C 79 2.97 14.12 6.25
CA HIS C 79 3.39 13.77 7.63
C HIS C 79 4.86 13.33 7.64
N ASN C 80 5.75 14.26 7.31
CA ASN C 80 7.16 13.98 6.97
C ASN C 80 8.10 14.92 7.77
N TRP C 81 9.39 14.71 7.61
CA TRP C 81 10.46 15.54 8.22
C TRP C 81 10.11 17.03 8.14
N LYS C 82 9.61 17.50 7.00
CA LYS C 82 9.33 18.94 6.75
C LYS C 82 8.22 19.42 7.70
N HIS C 83 7.18 18.61 7.90
CA HIS C 83 6.06 18.91 8.83
C HIS C 83 6.63 19.07 10.25
N ALA C 84 7.50 18.14 10.67
CA ALA C 84 8.17 18.11 11.99
C ALA C 84 8.92 19.43 12.25
N VAL C 85 9.76 19.87 11.33
CA VAL C 85 10.55 21.12 11.56
C VAL C 85 9.59 22.32 11.52
N THR C 86 8.64 22.31 10.57
CA THR C 86 7.60 23.36 10.40
C THR C 86 6.81 23.55 11.71
N VAL C 87 6.46 22.46 12.40
CA VAL C 87 5.65 22.49 13.66
C VAL C 87 6.54 23.01 14.80
N ALA C 88 7.81 22.59 14.83
CA ALA C 88 8.80 23.08 15.81
C ALA C 88 8.95 24.59 15.63
N HIS C 89 8.90 25.08 14.40
CA HIS C 89 9.11 26.52 14.13
C HIS C 89 7.95 27.31 14.75
N CYS C 90 6.71 26.93 14.48
CA CYS C 90 5.54 27.58 15.10
C CYS C 90 5.71 27.61 16.63
N MET C 91 6.06 26.49 17.26
CA MET C 91 6.30 26.44 18.71
C MET C 91 7.38 27.47 19.06
N TYR C 92 8.45 27.54 18.26
CA TYR C 92 9.56 28.51 18.47
C TYR C 92 8.99 29.93 18.49
N ALA C 93 8.18 30.28 17.49
CA ALA C 93 7.49 31.58 17.45
C ALA C 93 6.71 31.79 18.76
N ILE C 94 5.84 30.85 19.16
CA ILE C 94 4.95 31.00 20.34
C ILE C 94 5.80 31.25 21.59
N LEU C 95 6.89 30.52 21.78
CA LEU C 95 7.78 30.65 22.96
C LEU C 95 8.50 32.01 22.92
N GLN C 96 8.99 32.43 21.77
CA GLN C 96 9.80 33.69 21.69
C GLN C 96 8.90 34.89 22.01
N ASN C 97 7.61 34.82 21.68
CA ASN C 97 6.63 35.92 21.84
C ASN C 97 5.95 35.82 23.22
N ASN C 98 6.31 34.83 24.04
CA ASN C 98 5.67 34.60 25.36
C ASN C 98 6.75 34.15 26.34
N HIS C 99 7.94 34.77 26.31
CA HIS C 99 9.18 34.11 26.80
C HIS C 99 9.19 34.04 28.33
N THR C 100 8.35 34.84 29.00
CA THR C 100 8.29 34.95 30.48
C THR C 100 7.41 33.84 31.08
N LEU C 101 6.53 33.22 30.29
CA LEU C 101 5.46 32.31 30.80
C LEU C 101 5.96 30.85 30.94
N PHE C 102 7.12 30.48 30.40
CA PHE C 102 7.50 29.04 30.30
C PHE C 102 8.84 28.77 30.99
N THR C 103 8.87 27.66 31.73
CA THR C 103 10.03 27.17 32.51
C THR C 103 11.12 26.68 31.53
N ASP C 104 12.33 26.47 32.05
CA ASP C 104 13.51 25.94 31.30
C ASP C 104 13.17 24.57 30.70
N LEU C 105 12.69 23.66 31.55
CA LEU C 105 12.27 22.28 31.17
C LEU C 105 11.25 22.36 30.02
N GLU C 106 10.22 23.20 30.14
CA GLU C 106 9.15 23.32 29.11
C GLU C 106 9.77 23.76 27.78
N ARG C 107 10.69 24.72 27.77
CA ARG C 107 11.32 25.22 26.51
C ARG C 107 12.17 24.10 25.88
N LYS C 108 12.98 23.38 26.66
CA LYS C 108 13.70 22.17 26.21
C LYS C 108 12.73 21.19 25.57
N GLY C 109 11.67 20.81 26.31
CA GLY C 109 10.79 19.68 26.00
C GLY C 109 9.93 19.93 24.76
N LEU C 110 9.36 21.12 24.66
CA LEU C 110 8.25 21.44 23.72
C LEU C 110 8.77 21.45 22.28
N LEU C 111 9.96 22.01 22.04
CA LEU C 111 10.59 22.00 20.71
C LEU C 111 10.91 20.57 20.30
N ILE C 112 11.37 19.75 21.26
CA ILE C 112 11.72 18.31 21.01
C ILE C 112 10.43 17.56 20.69
N ALA C 113 9.43 17.72 21.56
CA ALA C 113 8.11 17.11 21.40
C ALA C 113 7.59 17.44 20.00
N CYS C 114 7.76 18.67 19.53
CA CYS C 114 7.25 19.11 18.22
C CYS C 114 8.03 18.39 17.12
N LEU C 115 9.35 18.32 17.27
CA LEU C 115 10.19 17.63 16.24
C LEU C 115 9.79 16.15 16.15
N CYS C 116 9.39 15.54 17.27
CA CYS C 116 9.19 14.08 17.35
C CYS C 116 7.71 13.68 17.23
N HIS C 117 6.78 14.62 17.06
CA HIS C 117 5.34 14.39 17.41
C HIS C 117 4.65 13.52 16.37
N ASP C 118 5.20 13.39 15.15
CA ASP C 118 4.65 12.51 14.09
C ASP C 118 5.67 11.44 13.69
N LEU C 119 6.58 11.04 14.60
CA LEU C 119 7.65 10.03 14.31
C LEU C 119 7.04 8.75 13.74
N ASP C 120 7.59 8.29 12.61
CA ASP C 120 7.25 7.01 11.95
C ASP C 120 5.79 7.00 11.46
N HIS C 121 5.29 8.16 11.03
CA HIS C 121 3.89 8.32 10.53
C HIS C 121 3.80 7.71 9.14
N ARG C 122 2.76 6.92 8.86
CA ARG C 122 2.61 6.19 7.57
C ARG C 122 1.67 6.95 6.64
N GLY C 123 1.14 8.10 7.09
CA GLY C 123 0.17 8.92 6.34
C GLY C 123 -1.26 8.43 6.50
N PHE C 124 -1.52 7.54 7.46
CA PHE C 124 -2.88 7.02 7.75
C PHE C 124 -3.34 7.49 9.14
N SER C 125 -4.62 7.81 9.25
CA SER C 125 -5.27 8.30 10.48
C SER C 125 -5.43 7.14 11.46
N ASN C 126 -5.80 7.46 12.69
CA ASN C 126 -6.09 6.50 13.78
C ASN C 126 -7.27 5.62 13.32
N SER C 127 -8.27 6.19 12.64
CA SER C 127 -9.47 5.47 12.12
C SER C 127 -9.03 4.28 11.27
N TYR C 128 -8.26 4.53 10.23
CA TYR C 128 -7.77 3.49 9.31
C TYR C 128 -7.03 2.41 10.12
N LEU C 129 -6.08 2.79 10.99
CA LEU C 129 -5.31 1.77 11.74
C LEU C 129 -6.28 0.87 12.49
N GLN C 130 -7.40 1.45 12.94
CA GLN C 130 -8.39 0.73 13.76
C GLN C 130 -9.21 -0.18 12.86
N LYS C 131 -9.67 0.29 11.71
CA LYS C 131 -10.48 -0.53 10.77
C LYS C 131 -9.61 -1.58 10.08
N PHE C 132 -8.33 -1.28 9.81
CA PHE C 132 -7.37 -2.25 9.23
C PHE C 132 -7.09 -3.34 10.27
N ASP C 133 -7.25 -3.03 11.56
CA ASP C 133 -6.90 -3.90 12.71
C ASP C 133 -5.36 -4.03 12.77
N HIS C 134 -4.66 -2.91 12.55
CA HIS C 134 -3.18 -2.82 12.63
C HIS C 134 -2.74 -3.22 14.03
N PRO C 135 -1.62 -3.96 14.20
CA PRO C 135 -1.13 -4.31 15.53
C PRO C 135 -1.05 -3.10 16.50
N LEU C 136 -0.63 -1.93 16.03
CA LEU C 136 -0.52 -0.71 16.87
C LEU C 136 -1.88 -0.38 17.51
N ALA C 137 -3.00 -0.75 16.87
CA ALA C 137 -4.38 -0.50 17.38
C ALA C 137 -4.71 -1.42 18.55
N ALA C 138 -4.09 -2.60 18.65
CA ALA C 138 -4.20 -3.50 19.82
C ALA C 138 -3.36 -2.96 20.99
N LEU C 139 -2.08 -2.66 20.73
CA LEU C 139 -1.11 -2.11 21.71
C LEU C 139 -1.58 -0.76 22.29
N TYR C 140 -2.20 0.12 21.48
CA TYR C 140 -2.67 1.46 21.92
C TYR C 140 -4.11 1.69 21.41
N SER C 141 -5.10 1.53 22.30
CA SER C 141 -6.54 1.46 21.94
C SER C 141 -7.05 2.85 21.52
N THR C 142 -6.57 3.91 22.17
CA THR C 142 -6.87 5.34 21.84
C THR C 142 -5.57 6.08 21.51
N SER C 143 -5.66 7.19 20.76
CA SER C 143 -4.50 8.00 20.29
C SER C 143 -3.40 7.05 19.78
N THR C 144 -3.75 6.05 18.99
CA THR C 144 -2.88 4.94 18.53
C THR C 144 -1.52 5.46 18.03
N MET C 145 -1.54 6.31 17.00
CA MET C 145 -0.30 6.81 16.36
C MET C 145 0.46 7.70 17.35
N GLU C 146 -0.25 8.48 18.16
CA GLU C 146 0.38 9.49 19.03
C GLU C 146 1.14 8.76 20.14
N GLN C 147 0.56 7.69 20.67
CA GLN C 147 1.25 6.81 21.64
C GLN C 147 2.42 6.11 20.94
N HIS C 148 2.31 5.79 19.65
CA HIS C 148 3.45 5.22 18.86
C HIS C 148 4.55 6.28 18.74
N HIS C 149 4.19 7.53 18.47
CA HIS C 149 5.15 8.62 18.21
C HIS C 149 6.01 8.83 19.45
N PHE C 150 5.37 8.87 20.61
CA PHE C 150 6.08 9.04 21.90
C PHE C 150 6.95 7.81 22.18
N SER C 151 6.44 6.63 21.86
CA SER C 151 7.21 5.37 21.99
C SER C 151 8.49 5.48 21.16
N GLN C 152 8.38 5.94 19.92
CA GLN C 152 9.53 6.11 18.98
C GLN C 152 10.47 7.17 19.54
N THR C 153 9.94 8.18 20.24
CA THR C 153 10.75 9.28 20.83
C THR C 153 11.65 8.71 21.94
N VAL C 154 11.09 7.85 22.77
CA VAL C 154 11.83 7.26 23.91
C VAL C 154 12.87 6.30 23.35
N SER C 155 12.51 5.51 22.34
CA SER C 155 13.43 4.58 21.62
C SER C 155 14.69 5.32 21.15
N ILE C 156 14.55 6.48 20.49
CA ILE C 156 15.70 7.27 19.94
C ILE C 156 16.51 7.89 21.08
N LEU C 157 15.84 8.34 22.16
CA LEU C 157 16.48 8.94 23.35
C LEU C 157 17.40 7.93 24.02
N GLN C 158 17.05 6.64 23.96
CA GLN C 158 17.77 5.52 24.62
C GLN C 158 18.86 4.94 23.70
N LEU C 159 18.95 5.38 22.44
CA LEU C 159 20.08 5.01 21.54
C LEU C 159 21.38 5.54 22.16
N GLU C 160 22.50 4.82 21.95
CA GLU C 160 23.85 5.23 22.44
C GLU C 160 24.20 6.57 21.80
N GLY C 161 24.57 7.57 22.62
CA GLY C 161 24.97 8.92 22.17
C GLY C 161 23.79 9.89 22.05
N HIS C 162 22.53 9.43 22.22
CA HIS C 162 21.32 10.19 21.83
C HIS C 162 20.60 10.80 23.03
N ASN C 163 21.08 10.57 24.27
CA ASN C 163 20.39 11.09 25.47
C ASN C 163 20.78 12.56 25.64
N ILE C 164 20.07 13.43 24.90
CA ILE C 164 20.23 14.91 24.89
C ILE C 164 19.85 15.52 26.25
N PHE C 165 19.31 14.70 27.16
CA PHE C 165 18.84 15.12 28.50
C PHE C 165 19.66 14.43 29.60
N SER C 166 20.90 14.06 29.29
CA SER C 166 21.80 13.31 30.20
C SER C 166 22.14 14.15 31.43
N THR C 167 22.30 15.48 31.25
CA THR C 167 22.71 16.44 32.31
C THR C 167 21.57 16.76 33.28
N LEU C 168 20.31 16.44 32.95
CA LEU C 168 19.17 16.66 33.88
C LEU C 168 19.32 15.68 35.04
N SER C 169 18.95 16.10 36.25
CA SER C 169 18.71 15.21 37.42
C SER C 169 17.61 14.20 37.07
N SER C 170 17.36 13.24 37.95
CA SER C 170 16.39 12.13 37.71
C SER C 170 14.95 12.65 37.74
N SER C 171 14.66 13.66 38.57
CA SER C 171 13.31 14.29 38.68
C SER C 171 13.03 15.03 37.39
N GLU C 172 13.91 15.98 37.06
CA GLU C 172 13.81 16.87 35.88
C GLU C 172 13.69 16.02 34.59
N TYR C 173 14.45 14.94 34.48
CA TYR C 173 14.40 13.99 33.33
C TYR C 173 13.01 13.39 33.23
N GLU C 174 12.48 12.86 34.34
CA GLU C 174 11.12 12.29 34.40
C GLU C 174 10.10 13.39 34.03
N GLN C 175 10.36 14.63 34.48
CA GLN C 175 9.46 15.79 34.22
C GLN C 175 9.46 16.11 32.72
N VAL C 176 10.63 16.34 32.13
CA VAL C 176 10.72 16.73 30.69
C VAL C 176 10.04 15.64 29.88
N LEU C 177 10.29 14.36 30.18
CA LEU C 177 9.73 13.21 29.41
C LEU C 177 8.20 13.20 29.56
N GLU C 178 7.67 13.60 30.70
CA GLU C 178 6.20 13.69 30.94
C GLU C 178 5.61 14.87 30.14
N ILE C 179 6.32 15.99 30.11
CA ILE C 179 5.96 17.18 29.29
C ILE C 179 5.81 16.73 27.85
N ILE C 180 6.78 15.95 27.34
CA ILE C 180 6.87 15.52 25.92
C ILE C 180 5.76 14.52 25.63
N ARG C 181 5.53 13.55 26.51
CA ARG C 181 4.39 12.59 26.38
C ARG C 181 3.07 13.34 26.26
N LYS C 182 2.73 14.18 27.22
CA LYS C 182 1.41 14.88 27.22
C LYS C 182 1.29 15.69 25.93
N ALA C 183 2.34 16.43 25.59
CA ALA C 183 2.44 17.28 24.38
C ALA C 183 2.13 16.44 23.14
N ILE C 184 2.73 15.26 22.97
CA ILE C 184 2.53 14.45 21.72
C ILE C 184 1.14 13.81 21.73
N ILE C 185 0.68 13.32 22.86
CA ILE C 185 -0.70 12.76 22.99
C ILE C 185 -1.68 13.86 22.56
N ALA C 186 -1.41 15.12 22.93
CA ALA C 186 -2.31 16.27 22.66
C ALA C 186 -2.52 16.49 21.16
N THR C 187 -1.54 16.09 20.33
CA THR C 187 -1.60 16.29 18.85
C THR C 187 -2.67 15.38 18.25
N ASP C 188 -3.18 14.39 19.00
CA ASP C 188 -4.40 13.64 18.61
C ASP C 188 -5.56 14.63 18.60
N LEU C 189 -6.09 14.89 17.42
CA LEU C 189 -7.08 15.96 17.18
C LEU C 189 -8.40 15.57 17.88
N ALA C 190 -8.62 14.29 18.11
CA ALA C 190 -9.84 13.81 18.78
C ALA C 190 -9.86 14.32 20.23
N LEU C 191 -8.71 14.58 20.82
CA LEU C 191 -8.60 15.07 22.22
C LEU C 191 -8.69 16.60 22.25
N TYR C 192 -8.41 17.27 21.13
CA TYR C 192 -8.45 18.75 21.00
C TYR C 192 -9.83 19.31 21.39
N PHE C 193 -10.92 18.86 20.74
CA PHE C 193 -12.29 19.42 20.94
C PHE C 193 -12.59 19.58 22.45
N GLY C 194 -12.32 18.53 23.24
CA GLY C 194 -12.54 18.50 24.70
C GLY C 194 -11.58 19.41 25.45
N ASN C 195 -10.32 19.45 25.03
CA ASN C 195 -9.27 20.28 25.66
C ASN C 195 -9.63 21.77 25.50
N ARG C 196 -10.04 22.18 24.30
CA ARG C 196 -10.35 23.60 23.98
C ARG C 196 -11.59 24.04 24.76
N LYS C 197 -12.61 23.17 24.84
CA LYS C 197 -13.87 23.44 25.58
C LYS C 197 -13.54 23.72 27.05
N GLN C 198 -12.76 22.85 27.70
CA GLN C 198 -12.29 23.02 29.09
C GLN C 198 -11.47 24.30 29.19
N LEU C 199 -10.51 24.52 28.28
CA LEU C 199 -9.72 25.77 28.30
C LEU C 199 -10.62 27.00 28.16
N GLU C 200 -11.55 27.00 27.21
CA GLU C 200 -12.48 28.14 26.95
C GLU C 200 -13.18 28.50 28.27
N GLU C 201 -13.92 27.56 28.87
CA GLU C 201 -14.65 27.73 30.16
C GLU C 201 -13.75 28.35 31.23
N MET C 202 -12.60 27.77 31.46
CA MET C 202 -11.61 28.24 32.47
C MET C 202 -11.22 29.67 32.17
N TYR C 203 -10.95 30.01 30.91
CA TYR C 203 -10.49 31.37 30.53
C TYR C 203 -11.61 32.39 30.86
N GLN C 204 -12.84 32.06 30.46
CA GLN C 204 -13.98 33.00 30.45
C GLN C 204 -14.56 33.13 31.86
N THR C 205 -14.43 32.11 32.71
CA THR C 205 -14.95 32.15 34.11
C THR C 205 -13.85 32.69 35.02
N GLY C 206 -12.68 32.98 34.46
CA GLY C 206 -11.53 33.53 35.21
C GLY C 206 -10.79 32.50 36.05
N SER C 207 -11.14 31.21 35.98
CA SER C 207 -10.52 30.17 36.85
C SER C 207 -9.20 29.65 36.24
N LEU C 208 -8.85 30.05 35.01
CA LEU C 208 -7.57 29.62 34.37
C LEU C 208 -6.39 30.16 35.15
N ASN C 209 -5.49 29.26 35.58
CA ASN C 209 -4.36 29.57 36.50
C ASN C 209 -3.10 28.82 36.06
N LEU C 210 -2.11 29.53 35.52
CA LEU C 210 -0.86 28.93 35.00
C LEU C 210 0.05 28.40 36.12
N ASN C 211 -0.26 28.63 37.41
CA ASN C 211 0.48 27.97 38.53
C ASN C 211 -0.13 26.59 38.78
N ASN C 212 -1.34 26.33 38.32
CA ASN C 212 -1.96 24.98 38.41
C ASN C 212 -1.43 24.11 37.25
N GLN C 213 -0.76 23.01 37.58
CA GLN C 213 -0.03 22.14 36.62
C GLN C 213 -0.99 21.55 35.58
N SER C 214 -2.17 21.10 36.00
CA SER C 214 -3.18 20.48 35.12
C SER C 214 -3.73 21.53 34.13
N HIS C 215 -3.71 22.82 34.50
CA HIS C 215 -4.12 23.96 33.65
C HIS C 215 -3.00 24.23 32.65
N ARG C 216 -1.76 24.30 33.13
CA ARG C 216 -0.55 24.44 32.27
C ARG C 216 -0.57 23.36 31.19
N ASP C 217 -0.87 22.10 31.56
CA ASP C 217 -0.92 20.94 30.64
C ASP C 217 -1.94 21.21 29.53
N ARG C 218 -3.12 21.72 29.89
CA ARG C 218 -4.17 21.99 28.89
C ARG C 218 -3.66 23.06 27.90
N VAL C 219 -3.11 24.15 28.43
CA VAL C 219 -2.61 25.29 27.62
C VAL C 219 -1.55 24.75 26.65
N ILE C 220 -0.65 23.89 27.12
CA ILE C 220 0.43 23.34 26.27
C ILE C 220 -0.23 22.48 25.19
N GLY C 221 -1.25 21.70 25.57
CA GLY C 221 -2.01 20.86 24.63
C GLY C 221 -2.55 21.70 23.50
N LEU C 222 -3.19 22.82 23.80
CA LEU C 222 -3.73 23.74 22.78
C LEU C 222 -2.61 24.34 21.94
N MET C 223 -1.49 24.73 22.55
CA MET C 223 -0.29 25.18 21.80
C MET C 223 0.14 24.10 20.78
N MET C 224 0.18 22.82 21.17
CA MET C 224 0.62 21.70 20.29
C MET C 224 -0.36 21.56 19.10
N THR C 225 -1.67 21.61 19.36
CA THR C 225 -2.69 21.60 18.28
C THR C 225 -2.43 22.79 17.35
N ALA C 226 -2.33 24.00 17.90
CA ALA C 226 -2.06 25.24 17.15
C ALA C 226 -0.85 25.03 16.24
N CYS C 227 0.22 24.42 16.75
CA CYS C 227 1.49 24.20 16.01
C CYS C 227 1.28 23.11 14.96
N ASP C 228 0.51 22.08 15.29
CA ASP C 228 0.27 20.95 14.37
C ASP C 228 -0.55 21.41 13.16
N LEU C 229 -1.48 22.35 13.34
CA LEU C 229 -2.32 22.87 12.23
C LEU C 229 -1.67 24.07 11.53
N CYS C 230 -0.46 24.51 11.93
CA CYS C 230 0.08 25.84 11.56
C CYS C 230 0.20 26.03 10.03
N SER C 231 0.03 24.98 9.22
CA SER C 231 -0.03 25.08 7.73
C SER C 231 -1.14 26.06 7.30
N VAL C 232 -2.25 26.13 8.05
CA VAL C 232 -3.43 26.98 7.74
C VAL C 232 -3.16 28.45 8.12
N THR C 233 -2.01 28.78 8.71
CA THR C 233 -1.67 30.15 9.19
C THR C 233 -0.49 30.70 8.38
N LYS C 234 -0.19 30.07 7.25
CA LYS C 234 0.86 30.52 6.30
C LYS C 234 0.22 31.51 5.33
N LEU C 235 1.05 32.23 4.57
CA LEU C 235 0.52 33.06 3.47
C LEU C 235 -0.16 32.08 2.50
N TRP C 236 -1.10 32.57 1.70
CA TRP C 236 -2.09 31.73 0.96
C TRP C 236 -1.37 30.76 0.02
N PRO C 237 -0.35 31.21 -0.74
CA PRO C 237 0.32 30.33 -1.69
C PRO C 237 1.02 29.14 -1.00
N VAL C 238 1.50 29.33 0.23
CA VAL C 238 2.09 28.20 1.03
C VAL C 238 0.95 27.28 1.49
N THR C 239 -0.17 27.82 1.97
CA THR C 239 -1.30 27.05 2.58
C THR C 239 -2.02 26.24 1.50
N LYS C 240 -2.17 26.85 0.33
CA LYS C 240 -2.80 26.26 -0.87
C LYS C 240 -1.96 25.09 -1.36
N LEU C 241 -0.64 25.26 -1.43
CA LEU C 241 0.28 24.18 -1.91
C LEU C 241 0.31 23.04 -0.87
N THR C 242 0.42 23.35 0.42
CA THR C 242 0.44 22.32 1.49
C THR C 242 -0.85 21.49 1.45
N ALA C 243 -2.01 22.12 1.18
CA ALA C 243 -3.33 21.46 1.10
C ALA C 243 -3.31 20.29 0.10
N ASN C 244 -2.60 20.43 -1.03
CA ASN C 244 -2.35 19.34 -2.02
C ASN C 244 -1.70 18.13 -1.32
N ASP C 245 -0.70 18.36 -0.48
CA ASP C 245 0.07 17.28 0.21
C ASP C 245 -0.82 16.63 1.26
N ILE C 246 -1.54 17.42 2.04
CA ILE C 246 -2.52 16.91 3.05
C ILE C 246 -3.51 16.02 2.29
N TYR C 247 -4.06 16.50 1.18
CA TYR C 247 -5.16 15.77 0.50
C TYR C 247 -4.60 14.56 -0.25
N ALA C 248 -3.37 14.61 -0.75
CA ALA C 248 -2.74 13.42 -1.38
C ALA C 248 -2.76 12.24 -0.39
N GLU C 249 -2.50 12.50 0.90
CA GLU C 249 -2.53 11.47 1.98
C GLU C 249 -3.97 11.02 2.21
N PHE C 250 -4.87 11.98 2.49
CA PHE C 250 -6.31 11.72 2.67
C PHE C 250 -6.81 10.79 1.56
N TRP C 251 -6.47 11.09 0.30
CA TRP C 251 -7.00 10.34 -0.87
C TRP C 251 -6.46 8.91 -0.84
N ALA C 252 -5.17 8.74 -0.59
CA ALA C 252 -4.56 7.40 -0.47
C ALA C 252 -5.26 6.62 0.65
N GLU C 253 -5.59 7.25 1.79
CA GLU C 253 -6.30 6.57 2.91
C GLU C 253 -7.70 6.16 2.43
N GLY C 254 -8.43 7.05 1.75
CA GLY C 254 -9.75 6.77 1.16
C GLY C 254 -9.72 5.53 0.26
N ASP C 255 -8.83 5.52 -0.73
CA ASP C 255 -8.49 4.35 -1.57
C ASP C 255 -8.35 3.11 -0.69
N GLU C 256 -7.52 3.20 0.37
CA GLU C 256 -7.23 2.05 1.27
C GLU C 256 -8.53 1.67 1.97
N MET C 257 -9.34 2.64 2.39
CA MET C 257 -10.65 2.38 3.03
C MET C 257 -11.52 1.58 2.04
N LYS C 258 -11.48 1.94 0.76
CA LYS C 258 -12.27 1.26 -0.30
C LYS C 258 -11.76 -0.17 -0.45
N LYS C 259 -10.46 -0.39 -0.28
CA LYS C 259 -9.86 -1.74 -0.41
C LYS C 259 -10.34 -2.63 0.74
N LEU C 260 -10.71 -2.03 1.88
CA LEU C 260 -11.24 -2.80 3.04
C LEU C 260 -12.73 -3.09 2.85
N GLY C 261 -13.36 -2.53 1.83
CA GLY C 261 -14.81 -2.64 1.61
C GLY C 261 -15.57 -1.66 2.50
N ILE C 262 -15.03 -0.46 2.70
CA ILE C 262 -15.68 0.65 3.46
C ILE C 262 -15.68 1.89 2.58
N GLN C 263 -16.86 2.49 2.35
CA GLN C 263 -16.95 3.76 1.59
C GLN C 263 -16.36 4.84 2.50
N PRO C 264 -15.28 5.53 2.07
CA PRO C 264 -14.64 6.55 2.91
C PRO C 264 -15.57 7.75 3.08
N ILE C 265 -15.35 8.54 4.12
CA ILE C 265 -15.98 9.90 4.23
C ILE C 265 -15.52 10.69 3.01
N PRO C 266 -16.34 11.65 2.55
CA PRO C 266 -16.05 12.43 1.33
C PRO C 266 -14.68 13.12 1.21
N MET C 267 -14.17 13.59 2.34
CA MET C 267 -12.87 14.30 2.47
C MET C 267 -11.76 13.41 1.87
N MET C 268 -11.87 12.10 2.07
CA MET C 268 -10.78 11.14 1.75
C MET C 268 -11.08 10.42 0.43
N ASP C 269 -12.16 10.80 -0.27
CA ASP C 269 -12.60 10.18 -1.55
C ASP C 269 -12.06 11.00 -2.74
N ARG C 270 -11.16 10.42 -3.54
CA ARG C 270 -10.49 11.19 -4.62
C ARG C 270 -11.47 11.44 -5.78
N ASP C 271 -12.61 10.75 -5.85
CA ASP C 271 -13.65 11.05 -6.87
C ASP C 271 -14.49 12.27 -6.46
N LYS C 272 -14.36 12.77 -5.23
CA LYS C 272 -15.16 13.92 -4.71
C LYS C 272 -14.25 15.12 -4.42
N LYS C 273 -13.28 15.38 -5.31
CA LYS C 273 -12.34 16.53 -5.22
C LYS C 273 -13.06 17.88 -5.29
N ASP C 274 -14.26 17.94 -5.86
CA ASP C 274 -15.03 19.21 -6.05
C ASP C 274 -15.61 19.67 -4.69
N GLU C 275 -15.70 18.79 -3.70
CA GLU C 275 -16.20 19.08 -2.32
C GLU C 275 -15.04 19.51 -1.39
N VAL C 276 -13.82 19.64 -1.91
CA VAL C 276 -12.63 20.00 -1.06
C VAL C 276 -12.85 21.40 -0.49
N PRO C 277 -13.13 22.43 -1.32
CA PRO C 277 -13.31 23.80 -0.81
C PRO C 277 -14.37 23.90 0.29
N GLN C 278 -15.51 23.24 0.12
CA GLN C 278 -16.58 23.24 1.15
C GLN C 278 -16.05 22.56 2.41
N GLY C 279 -15.21 21.53 2.24
CA GLY C 279 -14.65 20.71 3.32
C GLY C 279 -13.63 21.49 4.12
N GLN C 280 -12.85 22.32 3.44
CA GLN C 280 -11.88 23.23 4.10
C GLN C 280 -12.63 24.28 4.91
N LEU C 281 -13.67 24.87 4.32
CA LEU C 281 -14.59 25.81 5.03
C LEU C 281 -14.97 25.21 6.39
N GLY C 282 -15.55 24.01 6.38
CA GLY C 282 -15.97 23.30 7.61
C GLY C 282 -14.81 23.03 8.55
N PHE C 283 -13.61 22.77 8.03
CA PHE C 283 -12.42 22.46 8.85
C PHE C 283 -12.00 23.72 9.62
N TYR C 284 -11.95 24.87 8.94
CA TYR C 284 -11.58 26.18 9.54
C TYR C 284 -12.61 26.61 10.59
N ASN C 285 -13.90 26.46 10.27
CA ASN C 285 -15.01 26.94 11.14
C ASN C 285 -15.10 26.08 12.40
N ALA C 286 -14.93 24.76 12.26
CA ALA C 286 -15.17 23.78 13.35
C ALA C 286 -13.90 23.50 14.17
N VAL C 287 -12.71 23.75 13.60
CA VAL C 287 -11.42 23.28 14.18
C VAL C 287 -10.43 24.45 14.28
N ALA C 288 -9.99 25.00 13.17
CA ALA C 288 -8.82 25.89 13.13
C ALA C 288 -9.15 27.22 13.80
N ILE C 289 -10.24 27.88 13.38
CA ILE C 289 -10.60 29.24 13.90
C ILE C 289 -10.77 29.14 15.42
N PRO C 290 -11.53 28.17 15.98
CA PRO C 290 -11.68 28.07 17.43
C PRO C 290 -10.35 27.89 18.17
N CYS C 291 -9.47 27.11 17.56
CA CYS C 291 -8.15 26.74 18.11
C CYS C 291 -7.32 28.00 18.31
N TYR C 292 -7.14 28.77 17.25
CA TYR C 292 -6.34 30.02 17.28
C TYR C 292 -7.12 31.12 18.01
N THR C 293 -8.44 31.01 18.11
CA THR C 293 -9.28 32.01 18.84
C THR C 293 -8.94 31.88 20.32
N THR C 294 -9.13 30.68 20.88
CA THR C 294 -8.81 30.38 22.30
C THR C 294 -7.32 30.64 22.57
N LEU C 295 -6.43 30.21 21.68
CA LEU C 295 -4.97 30.43 21.88
C LEU C 295 -4.68 31.92 22.03
N THR C 296 -5.29 32.76 21.19
CA THR C 296 -5.11 34.24 21.24
C THR C 296 -5.72 34.80 22.54
N GLN C 297 -6.81 34.24 23.04
CA GLN C 297 -7.42 34.71 24.31
C GLN C 297 -6.44 34.47 25.46
N ILE C 298 -5.81 33.30 25.50
CA ILE C 298 -4.88 32.89 26.58
C ILE C 298 -3.51 33.52 26.35
N LEU C 299 -3.04 33.56 25.10
CA LEU C 299 -1.71 34.08 24.72
C LEU C 299 -1.91 35.11 23.61
N PRO C 300 -2.25 36.36 23.96
CA PRO C 300 -2.45 37.45 22.99
C PRO C 300 -1.39 37.66 21.92
N PRO C 301 -0.07 37.51 22.21
CA PRO C 301 0.94 37.66 21.16
C PRO C 301 0.87 36.63 20.02
N THR C 302 0.04 35.59 20.14
CA THR C 302 -0.10 34.53 19.10
C THR C 302 -1.16 34.96 18.08
N GLU C 303 -1.53 36.24 18.04
CA GLU C 303 -2.69 36.72 17.23
C GLU C 303 -2.40 36.56 15.74
N PRO C 304 -1.18 36.86 15.25
CA PRO C 304 -0.86 36.66 13.84
C PRO C 304 -1.32 35.30 13.26
N LEU C 305 -1.23 34.24 14.06
CA LEU C 305 -1.77 32.90 13.70
C LEU C 305 -3.26 33.01 13.38
N LEU C 306 -4.08 33.47 14.35
CA LEU C 306 -5.54 33.72 14.15
C LEU C 306 -5.76 34.62 12.93
N LYS C 307 -5.03 35.72 12.81
CA LYS C 307 -5.25 36.68 11.69
C LYS C 307 -5.01 35.95 10.35
N ALA C 308 -3.90 35.23 10.23
CA ALA C 308 -3.48 34.52 9.01
C ALA C 308 -4.48 33.39 8.69
N CYS C 309 -4.99 32.71 9.71
CA CYS C 309 -6.00 31.64 9.57
C CYS C 309 -7.30 32.21 9.00
N ARG C 310 -7.74 33.37 9.49
CA ARG C 310 -8.93 34.08 8.96
C ARG C 310 -8.71 34.48 7.51
N ASP C 311 -7.54 35.03 7.19
CA ASP C 311 -7.19 35.41 5.79
C ASP C 311 -7.40 34.19 4.89
N ASN C 312 -6.88 33.02 5.27
CA ASN C 312 -6.94 31.77 4.45
C ASN C 312 -8.40 31.25 4.38
N LEU C 313 -9.19 31.34 5.45
CA LEU C 313 -10.65 31.03 5.42
C LEU C 313 -11.31 31.85 4.31
N SER C 314 -10.99 33.15 4.26
CA SER C 314 -11.54 34.12 3.28
C SER C 314 -11.11 33.75 1.85
N GLN C 315 -9.90 33.17 1.69
CA GLN C 315 -9.36 32.72 0.37
C GLN C 315 -10.10 31.47 -0.08
N TRP C 316 -10.43 30.57 0.85
CA TRP C 316 -11.25 29.36 0.54
C TRP C 316 -12.67 29.79 0.15
N GLU C 317 -13.20 30.85 0.75
CA GLU C 317 -14.57 31.34 0.44
C GLU C 317 -14.58 31.89 -1.00
N LYS C 318 -13.49 32.53 -1.42
CA LYS C 318 -13.30 33.02 -2.82
C LYS C 318 -13.31 31.82 -3.77
N VAL C 319 -12.60 30.75 -3.42
CA VAL C 319 -12.45 29.53 -4.28
C VAL C 319 -13.81 28.85 -4.42
N ILE C 320 -14.63 28.85 -3.38
CA ILE C 320 -16.03 28.33 -3.41
C ILE C 320 -16.86 29.16 -4.39
N ARG C 321 -16.57 30.45 -4.57
CA ARG C 321 -17.34 31.35 -5.45
C ARG C 321 -16.82 31.33 -6.89
N GLY C 322 -15.74 30.60 -7.18
CA GLY C 322 -15.11 30.57 -8.51
C GLY C 322 -14.32 31.83 -8.81
N GLU C 323 -13.88 32.59 -7.79
CA GLU C 323 -13.00 33.78 -7.94
C GLU C 323 -11.53 33.35 -8.06
N GLU C 324 -11.21 32.09 -7.69
CA GLU C 324 -9.86 31.49 -7.87
C GLU C 324 -9.95 29.97 -7.66
N LEU D 13 -30.64 -15.92 45.39
CA LEU D 13 -31.28 -16.40 44.12
C LEU D 13 -30.75 -17.80 43.79
N MET D 14 -31.32 -18.43 42.77
CA MET D 14 -31.09 -19.85 42.41
C MET D 14 -30.46 -19.93 41.03
N GLN D 15 -29.14 -19.76 40.94
CA GLN D 15 -28.41 -20.00 39.67
C GLN D 15 -28.23 -21.51 39.51
N PHE D 16 -28.07 -21.96 38.28
CA PHE D 16 -27.60 -23.32 37.94
C PHE D 16 -26.09 -23.28 37.82
N THR D 17 -25.42 -24.30 38.34
CA THR D 17 -23.97 -24.56 38.12
C THR D 17 -23.85 -25.94 37.52
N LEU D 18 -22.87 -26.10 36.64
CA LEU D 18 -22.55 -27.37 35.96
C LEU D 18 -21.33 -27.95 36.62
N PRO D 19 -21.01 -29.24 36.39
CA PRO D 19 -19.70 -29.77 36.75
C PRO D 19 -18.59 -28.97 36.04
N VAL D 20 -17.39 -28.99 36.61
CA VAL D 20 -16.22 -28.17 36.17
C VAL D 20 -16.02 -28.33 34.67
N ARG D 21 -15.96 -29.56 34.14
CA ARG D 21 -15.66 -29.82 32.70
C ARG D 21 -16.73 -29.16 31.81
N LEU D 22 -18.01 -29.28 32.15
CA LEU D 22 -19.14 -28.77 31.32
C LEU D 22 -19.16 -27.25 31.41
N CYS D 23 -19.10 -26.72 32.64
CA CYS D 23 -18.97 -25.27 32.98
C CYS D 23 -17.86 -24.65 32.12
N LYS D 24 -16.75 -25.36 31.95
CA LYS D 24 -15.58 -24.90 31.15
C LYS D 24 -15.85 -25.14 29.67
N GLU D 25 -16.30 -26.34 29.27
CA GLU D 25 -16.36 -26.75 27.85
C GLU D 25 -17.54 -26.08 27.13
N ILE D 26 -18.58 -25.70 27.88
CA ILE D 26 -19.86 -25.17 27.31
C ILE D 26 -19.58 -23.87 26.58
N GLU D 27 -18.52 -23.14 26.97
CA GLU D 27 -18.12 -21.85 26.34
C GLU D 27 -17.46 -22.09 24.98
N LEU D 28 -17.13 -23.34 24.63
CA LEU D 28 -16.50 -23.70 23.32
C LEU D 28 -17.60 -24.00 22.29
N PHE D 29 -17.42 -23.54 21.05
CA PHE D 29 -18.35 -23.78 19.91
C PHE D 29 -18.54 -25.29 19.68
N HIS D 30 -17.50 -26.12 19.85
CA HIS D 30 -17.56 -27.58 19.52
C HIS D 30 -18.09 -28.43 20.69
N PHE D 31 -18.47 -27.81 21.81
CA PHE D 31 -19.07 -28.53 22.96
C PHE D 31 -20.17 -29.49 22.48
N ASP D 32 -20.15 -30.71 23.03
CA ASP D 32 -21.23 -31.72 22.92
C ASP D 32 -22.00 -31.73 24.24
N ILE D 33 -23.33 -31.74 24.19
CA ILE D 33 -24.21 -31.63 25.40
C ILE D 33 -24.19 -32.98 26.15
N GLY D 34 -23.72 -34.05 25.50
CA GLY D 34 -23.59 -35.38 26.11
C GLY D 34 -24.85 -36.22 25.96
N PRO D 35 -24.85 -37.47 26.48
CA PRO D 35 -25.97 -38.40 26.34
C PRO D 35 -26.96 -38.50 27.52
N PHE D 36 -26.76 -37.72 28.58
CA PHE D 36 -27.67 -37.69 29.75
C PHE D 36 -28.79 -36.66 29.52
N GLU D 37 -29.93 -37.12 29.01
CA GLU D 37 -31.10 -36.28 28.67
C GLU D 37 -31.48 -35.36 29.85
N ASN D 38 -31.41 -35.87 31.07
CA ASN D 38 -32.00 -35.22 32.27
C ASN D 38 -31.13 -34.04 32.68
N MET D 39 -29.98 -33.85 32.02
CA MET D 39 -29.10 -32.69 32.26
C MET D 39 -29.38 -31.55 31.27
N TRP D 40 -30.05 -31.81 30.13
CA TRP D 40 -30.14 -30.83 29.03
C TRP D 40 -30.97 -29.62 29.47
N PRO D 41 -32.14 -29.81 30.11
CA PRO D 41 -32.91 -28.68 30.63
C PRO D 41 -32.06 -27.75 31.51
N GLY D 42 -31.31 -28.32 32.46
CA GLY D 42 -30.43 -27.57 33.38
C GLY D 42 -29.32 -26.85 32.60
N ILE D 43 -28.83 -27.44 31.51
CA ILE D 43 -27.81 -26.81 30.62
C ILE D 43 -28.47 -25.63 29.91
N PHE D 44 -29.74 -25.78 29.49
CA PHE D 44 -30.43 -24.71 28.74
C PHE D 44 -30.60 -23.49 29.65
N VAL D 45 -31.10 -23.72 30.87
CA VAL D 45 -31.33 -22.65 31.88
C VAL D 45 -29.98 -22.00 32.21
N TYR D 46 -28.92 -22.80 32.37
CA TYR D 46 -27.56 -22.27 32.67
C TYR D 46 -27.22 -21.25 31.59
N MET D 47 -27.47 -21.59 30.32
CA MET D 47 -27.06 -20.78 29.15
C MET D 47 -27.95 -19.53 29.09
N VAL D 48 -29.23 -19.67 29.44
CA VAL D 48 -30.19 -18.53 29.46
C VAL D 48 -29.74 -17.53 30.53
N HIS D 49 -29.27 -18.03 31.68
CA HIS D 49 -28.92 -17.16 32.84
C HIS D 49 -27.69 -16.32 32.48
N ARG D 50 -26.64 -16.95 31.96
CA ARG D 50 -25.35 -16.27 31.62
C ARG D 50 -25.53 -15.38 30.39
N SER D 51 -26.40 -15.77 29.46
CA SER D 51 -26.52 -15.17 28.10
C SER D 51 -27.40 -13.91 28.14
N CYS D 52 -28.46 -13.97 28.94
CA CYS D 52 -29.60 -13.04 28.93
C CYS D 52 -29.66 -12.31 30.27
N GLY D 53 -29.53 -13.07 31.37
CA GLY D 53 -29.61 -12.57 32.76
C GLY D 53 -30.37 -13.53 33.64
N THR D 54 -30.17 -13.44 34.96
CA THR D 54 -30.84 -14.29 35.97
C THR D 54 -32.35 -13.97 36.03
N SER D 55 -32.72 -12.75 35.65
CA SER D 55 -34.06 -12.13 35.85
C SER D 55 -34.85 -12.05 34.54
N CYS D 56 -34.27 -12.47 33.41
CA CYS D 56 -34.93 -12.53 32.08
C CYS D 56 -36.27 -13.27 32.20
N PHE D 57 -36.24 -14.48 32.76
CA PHE D 57 -37.43 -15.38 32.84
C PHE D 57 -37.64 -15.82 34.29
N GLU D 58 -38.91 -15.80 34.72
CA GLU D 58 -39.33 -16.39 36.01
C GLU D 58 -39.03 -17.90 35.93
N LEU D 59 -38.23 -18.44 36.86
CA LEU D 59 -37.69 -19.84 36.81
C LEU D 59 -38.80 -20.89 36.71
N GLU D 60 -39.94 -20.69 37.39
CA GLU D 60 -41.09 -21.65 37.40
C GLU D 60 -41.69 -21.78 35.99
N LYS D 61 -41.98 -20.65 35.33
CA LYS D 61 -42.57 -20.58 33.96
C LYS D 61 -41.58 -21.17 32.95
N LEU D 62 -40.30 -20.83 33.09
CA LEU D 62 -39.23 -21.26 32.16
C LEU D 62 -39.10 -22.78 32.24
N CME D 63 -39.00 -23.35 33.44
CA CME D 63 -38.90 -24.82 33.63
CB CME D 63 -38.66 -25.26 35.08
SG CME D 63 -36.96 -25.11 35.69
SD CME D 63 -35.80 -26.10 34.34
CE CME D 63 -35.84 -27.83 34.88
CZ CME D 63 -35.05 -28.06 36.14
OH CME D 63 -34.70 -29.42 36.26
C CME D 63 -40.13 -25.50 33.01
O CME D 63 -39.98 -26.50 32.29
N ARG D 64 -41.32 -24.95 33.27
CA ARG D 64 -42.59 -25.56 32.81
C ARG D 64 -42.68 -25.41 31.28
N PHE D 65 -42.15 -24.33 30.70
CA PHE D 65 -42.06 -24.13 29.22
C PHE D 65 -41.15 -25.19 28.58
N ILE D 66 -39.94 -25.33 29.11
CA ILE D 66 -38.87 -26.26 28.60
C ILE D 66 -39.39 -27.72 28.59
N MET D 67 -40.16 -28.13 29.59
CA MET D 67 -40.64 -29.54 29.74
C MET D 67 -41.86 -29.77 28.81
N SER D 68 -42.61 -28.71 28.48
CA SER D 68 -43.67 -28.76 27.44
C SER D 68 -43.02 -28.83 26.04
N VAL D 69 -41.95 -28.04 25.81
CA VAL D 69 -41.21 -28.07 24.52
C VAL D 69 -40.68 -29.48 24.30
N LYS D 70 -39.90 -29.98 25.26
CA LYS D 70 -39.33 -31.35 25.27
C LYS D 70 -40.40 -32.36 24.85
N LYS D 71 -41.57 -32.29 25.48
CA LYS D 71 -42.70 -33.25 25.29
C LYS D 71 -43.15 -33.23 23.82
N ASN D 72 -43.08 -32.08 23.16
CA ASN D 72 -43.55 -31.88 21.77
C ASN D 72 -42.42 -32.05 20.76
N TYR D 73 -41.25 -32.51 21.20
CA TYR D 73 -40.25 -33.14 20.31
C TYR D 73 -40.52 -34.64 20.28
N ARG D 74 -40.42 -35.26 19.10
CA ARG D 74 -40.71 -36.68 18.87
C ARG D 74 -39.43 -37.49 18.91
N ARG D 75 -39.56 -38.79 19.18
CA ARG D 75 -38.44 -39.75 19.27
C ARG D 75 -38.04 -40.13 17.84
N VAL D 76 -37.46 -39.18 17.12
CA VAL D 76 -36.92 -39.38 15.75
C VAL D 76 -35.40 -39.41 15.86
N PRO D 77 -34.69 -40.08 14.94
CA PRO D 77 -33.23 -40.24 15.02
C PRO D 77 -32.38 -38.97 15.12
N TYR D 78 -32.83 -37.83 14.57
CA TYR D 78 -32.01 -36.59 14.46
C TYR D 78 -32.77 -35.36 14.92
N HIS D 79 -33.95 -35.10 14.37
CA HIS D 79 -34.73 -33.84 14.56
C HIS D 79 -35.50 -33.90 15.87
N ASN D 80 -34.77 -34.03 16.98
CA ASN D 80 -35.33 -34.42 18.29
C ASN D 80 -34.92 -33.39 19.35
N TRP D 81 -35.21 -33.68 20.61
CA TRP D 81 -34.92 -32.79 21.76
C TRP D 81 -33.43 -32.47 21.82
N LYS D 82 -32.57 -33.43 21.54
CA LYS D 82 -31.10 -33.23 21.62
C LYS D 82 -30.69 -32.19 20.59
N HIS D 83 -31.30 -32.21 19.41
CA HIS D 83 -30.93 -31.30 18.29
C HIS D 83 -31.37 -29.88 18.65
N ALA D 84 -32.53 -29.73 19.28
CA ALA D 84 -33.06 -28.45 19.80
C ALA D 84 -32.06 -27.79 20.76
N VAL D 85 -31.60 -28.52 21.77
CA VAL D 85 -30.67 -27.99 22.81
C VAL D 85 -29.30 -27.74 22.18
N THR D 86 -28.85 -28.61 21.28
CA THR D 86 -27.57 -28.50 20.57
C THR D 86 -27.54 -27.20 19.77
N VAL D 87 -28.64 -26.87 19.09
CA VAL D 87 -28.75 -25.63 18.26
C VAL D 87 -28.83 -24.40 19.19
N ALA D 88 -29.56 -24.52 20.29
CA ALA D 88 -29.63 -23.51 21.38
C ALA D 88 -28.21 -23.18 21.86
N HIS D 89 -27.37 -24.19 22.07
CA HIS D 89 -26.01 -24.01 22.61
C HIS D 89 -25.17 -23.19 21.63
N CYS D 90 -25.16 -23.58 20.36
CA CYS D 90 -24.39 -22.86 19.30
C CYS D 90 -24.79 -21.38 19.28
N MET D 91 -26.08 -21.07 19.42
CA MET D 91 -26.59 -19.68 19.52
C MET D 91 -26.05 -19.07 20.82
N TYR D 92 -25.99 -19.84 21.91
CA TYR D 92 -25.38 -19.39 23.20
C TYR D 92 -23.95 -18.93 22.91
N ALA D 93 -23.10 -19.83 22.42
CA ALA D 93 -21.68 -19.57 22.09
C ALA D 93 -21.56 -18.32 21.20
N ILE D 94 -22.42 -18.14 20.19
CA ILE D 94 -22.40 -16.97 19.27
C ILE D 94 -22.66 -15.71 20.11
N LEU D 95 -23.75 -15.71 20.88
CA LEU D 95 -24.21 -14.53 21.67
C LEU D 95 -23.20 -14.14 22.74
N GLN D 96 -22.51 -15.11 23.35
CA GLN D 96 -21.50 -14.84 24.41
C GLN D 96 -20.26 -14.18 23.78
N ASN D 97 -19.92 -14.52 22.54
CA ASN D 97 -18.66 -14.07 21.87
C ASN D 97 -18.95 -12.85 20.99
N ASN D 98 -20.18 -12.34 21.01
CA ASN D 98 -20.59 -11.11 20.27
C ASN D 98 -21.58 -10.34 21.16
N HIS D 99 -21.29 -10.21 22.45
CA HIS D 99 -22.31 -9.86 23.48
C HIS D 99 -22.80 -8.39 23.31
N THR D 100 -21.95 -7.47 22.82
CA THR D 100 -22.28 -6.03 22.69
C THR D 100 -23.19 -5.75 21.49
N LEU D 101 -23.35 -6.70 20.56
CA LEU D 101 -24.01 -6.51 19.22
C LEU D 101 -25.54 -6.64 19.30
N PHE D 102 -26.07 -7.43 20.24
CA PHE D 102 -27.51 -7.85 20.27
C PHE D 102 -28.25 -7.17 21.42
N THR D 103 -29.51 -6.82 21.17
CA THR D 103 -30.44 -6.18 22.15
C THR D 103 -30.89 -7.24 23.16
N ASP D 104 -31.48 -6.78 24.28
CA ASP D 104 -32.03 -7.63 25.38
C ASP D 104 -33.13 -8.57 24.84
N LEU D 105 -34.01 -8.05 23.98
CA LEU D 105 -35.12 -8.83 23.36
C LEU D 105 -34.57 -9.91 22.43
N GLU D 106 -33.50 -9.61 21.69
CA GLU D 106 -32.90 -10.60 20.76
C GLU D 106 -32.34 -11.77 21.58
N ARG D 107 -31.62 -11.50 22.67
CA ARG D 107 -30.99 -12.54 23.51
C ARG D 107 -32.06 -13.44 24.13
N LYS D 108 -33.12 -12.85 24.68
CA LYS D 108 -34.31 -13.60 25.20
C LYS D 108 -34.89 -14.50 24.10
N GLY D 109 -35.20 -13.91 22.94
CA GLY D 109 -35.93 -14.53 21.83
C GLY D 109 -35.17 -15.66 21.14
N LEU D 110 -33.88 -15.49 20.87
CA LEU D 110 -33.10 -16.34 19.92
C LEU D 110 -32.82 -17.71 20.54
N LEU D 111 -32.44 -17.75 21.82
CA LEU D 111 -32.27 -19.03 22.54
C LEU D 111 -33.60 -19.78 22.49
N ILE D 112 -34.69 -19.10 22.82
CA ILE D 112 -36.07 -19.70 22.81
C ILE D 112 -36.36 -20.19 21.38
N ALA D 113 -36.08 -19.35 20.39
CA ALA D 113 -36.30 -19.66 18.96
C ALA D 113 -35.55 -20.94 18.63
N CYS D 114 -34.34 -21.11 19.15
CA CYS D 114 -33.48 -22.26 18.79
C CYS D 114 -34.05 -23.53 19.44
N LEU D 115 -34.48 -23.44 20.70
CA LEU D 115 -35.09 -24.58 21.42
C LEU D 115 -36.34 -25.06 20.68
N CYS D 116 -37.08 -24.16 20.05
CA CYS D 116 -38.42 -24.45 19.49
C CYS D 116 -38.37 -24.67 17.96
N HIS D 117 -37.22 -24.50 17.32
CA HIS D 117 -37.11 -24.25 15.85
C HIS D 117 -37.56 -25.47 15.03
N ASP D 118 -37.51 -26.68 15.60
CA ASP D 118 -37.93 -27.94 14.93
C ASP D 118 -39.04 -28.63 15.73
N LEU D 119 -39.98 -27.87 16.31
CA LEU D 119 -41.02 -28.42 17.23
C LEU D 119 -41.99 -29.32 16.47
N ASP D 120 -42.15 -30.57 16.93
CA ASP D 120 -43.11 -31.58 16.40
C ASP D 120 -42.64 -32.03 15.01
N HIS D 121 -41.32 -32.04 14.78
CA HIS D 121 -40.70 -32.58 13.55
C HIS D 121 -40.93 -34.09 13.51
N ARG D 122 -41.30 -34.62 12.35
CA ARG D 122 -41.64 -36.04 12.13
C ARG D 122 -40.47 -36.76 11.45
N GLY D 123 -39.37 -36.05 11.15
CA GLY D 123 -38.17 -36.56 10.46
C GLY D 123 -38.31 -36.53 8.94
N PHE D 124 -39.26 -35.76 8.41
CA PHE D 124 -39.54 -35.68 6.95
C PHE D 124 -39.41 -34.23 6.47
N SER D 125 -38.99 -34.09 5.21
CA SER D 125 -38.64 -32.81 4.54
C SER D 125 -39.92 -32.13 4.04
N ASN D 126 -39.85 -30.81 3.84
CA ASN D 126 -40.93 -30.02 3.22
C ASN D 126 -41.38 -30.69 1.91
N SER D 127 -40.44 -31.15 1.08
CA SER D 127 -40.67 -31.86 -0.20
C SER D 127 -41.58 -33.08 0.01
N TYR D 128 -41.23 -33.94 0.97
CA TYR D 128 -42.00 -35.19 1.23
C TYR D 128 -43.44 -34.81 1.60
N LEU D 129 -43.63 -33.89 2.56
CA LEU D 129 -44.99 -33.50 3.03
C LEU D 129 -45.81 -33.09 1.80
N GLN D 130 -45.13 -32.45 0.85
CA GLN D 130 -45.77 -31.86 -0.35
C GLN D 130 -46.14 -32.98 -1.33
N LYS D 131 -45.30 -34.00 -1.50
CA LYS D 131 -45.55 -35.11 -2.47
C LYS D 131 -46.54 -36.10 -1.86
N PHE D 132 -46.47 -36.29 -0.54
CA PHE D 132 -47.46 -37.05 0.25
C PHE D 132 -48.82 -36.34 0.20
N ASP D 133 -48.82 -35.00 0.09
CA ASP D 133 -50.05 -34.17 0.09
C ASP D 133 -50.54 -34.12 1.55
N HIS D 134 -49.64 -33.79 2.48
CA HIS D 134 -49.93 -33.70 3.93
C HIS D 134 -50.79 -32.47 4.21
N PRO D 135 -51.76 -32.57 5.15
CA PRO D 135 -52.58 -31.41 5.53
C PRO D 135 -51.76 -30.14 5.73
N LEU D 136 -50.64 -30.23 6.46
CA LEU D 136 -49.72 -29.08 6.71
C LEU D 136 -49.32 -28.42 5.37
N ALA D 137 -49.12 -29.18 4.28
CA ALA D 137 -48.79 -28.64 2.92
C ALA D 137 -49.97 -27.86 2.31
N ALA D 138 -51.20 -28.17 2.71
CA ALA D 138 -52.39 -27.37 2.32
C ALA D 138 -52.38 -26.07 3.12
N LEU D 139 -52.05 -26.14 4.42
CA LEU D 139 -52.16 -24.99 5.34
C LEU D 139 -51.01 -23.99 5.12
N TYR D 140 -49.80 -24.50 4.88
CA TYR D 140 -48.56 -23.71 4.69
C TYR D 140 -47.93 -24.14 3.36
N SER D 141 -48.03 -23.32 2.31
CA SER D 141 -47.59 -23.64 0.92
C SER D 141 -46.06 -23.53 0.77
N THR D 142 -45.37 -22.75 1.62
CA THR D 142 -43.89 -22.58 1.62
C THR D 142 -43.37 -22.63 3.07
N SER D 143 -42.16 -23.15 3.26
CA SER D 143 -41.53 -23.35 4.60
C SER D 143 -42.52 -24.12 5.49
N THR D 144 -43.06 -25.23 4.97
CA THR D 144 -44.26 -25.90 5.54
C THR D 144 -44.00 -26.25 7.01
N MET D 145 -42.98 -27.06 7.26
CA MET D 145 -42.66 -27.54 8.62
C MET D 145 -42.31 -26.36 9.52
N GLU D 146 -41.59 -25.36 8.98
CA GLU D 146 -41.08 -24.18 9.74
C GLU D 146 -42.23 -23.30 10.25
N GLN D 147 -43.26 -23.06 9.43
CA GLN D 147 -44.49 -22.35 9.89
C GLN D 147 -45.20 -23.17 10.98
N HIS D 148 -45.24 -24.50 10.83
CA HIS D 148 -45.77 -25.42 11.89
C HIS D 148 -45.00 -25.19 13.20
N HIS D 149 -43.67 -25.21 13.12
CA HIS D 149 -42.77 -25.09 14.29
C HIS D 149 -43.11 -23.82 15.08
N PHE D 150 -43.38 -22.72 14.37
CA PHE D 150 -43.75 -21.43 15.01
C PHE D 150 -45.17 -21.51 15.62
N SER D 151 -46.10 -22.09 14.87
CA SER D 151 -47.47 -22.40 15.34
C SER D 151 -47.41 -23.15 16.67
N GLN D 152 -46.55 -24.20 16.75
CA GLN D 152 -46.38 -25.06 17.95
C GLN D 152 -45.76 -24.26 19.11
N THR D 153 -44.82 -23.36 18.82
CA THR D 153 -44.19 -22.44 19.82
C THR D 153 -45.28 -21.55 20.43
N VAL D 154 -46.11 -20.90 19.60
CA VAL D 154 -47.17 -19.95 20.05
C VAL D 154 -48.17 -20.72 20.94
N SER D 155 -48.63 -21.88 20.48
CA SER D 155 -49.53 -22.79 21.25
C SER D 155 -48.96 -23.03 22.66
N ILE D 156 -47.68 -23.37 22.78
CA ILE D 156 -47.06 -23.71 24.10
C ILE D 156 -47.03 -22.43 24.95
N LEU D 157 -46.62 -21.30 24.37
CA LEU D 157 -46.55 -20.00 25.10
C LEU D 157 -47.94 -19.61 25.65
N GLN D 158 -49.01 -20.14 25.04
CA GLN D 158 -50.41 -19.78 25.41
C GLN D 158 -51.01 -20.85 26.34
N LEU D 159 -50.24 -21.90 26.67
CA LEU D 159 -50.62 -22.86 27.75
C LEU D 159 -50.55 -22.12 29.09
N GLU D 160 -51.44 -22.45 30.02
CA GLU D 160 -51.51 -21.84 31.37
C GLU D 160 -50.17 -21.97 32.09
N GLY D 161 -49.65 -20.87 32.64
CA GLY D 161 -48.40 -20.82 33.41
C GLY D 161 -47.16 -20.82 32.52
N HIS D 162 -47.29 -20.91 31.19
CA HIS D 162 -46.15 -21.12 30.25
C HIS D 162 -45.64 -19.81 29.64
N ASN D 163 -46.34 -18.69 29.81
CA ASN D 163 -45.96 -17.41 29.15
C ASN D 163 -44.74 -16.82 29.87
N ILE D 164 -43.56 -17.23 29.40
CA ILE D 164 -42.22 -16.82 29.92
C ILE D 164 -41.96 -15.35 29.57
N PHE D 165 -42.79 -14.73 28.74
CA PHE D 165 -42.64 -13.31 28.30
C PHE D 165 -43.76 -12.42 28.87
N SER D 166 -44.37 -12.82 29.99
CA SER D 166 -45.52 -12.10 30.61
C SER D 166 -45.08 -10.73 31.11
N THR D 167 -43.84 -10.57 31.59
CA THR D 167 -43.33 -9.30 32.17
C THR D 167 -43.01 -8.26 31.07
N LEU D 168 -43.01 -8.64 29.79
CA LEU D 168 -42.76 -7.70 28.67
C LEU D 168 -44.00 -6.84 28.46
N SER D 169 -43.82 -5.57 28.08
CA SER D 169 -44.89 -4.70 27.52
C SER D 169 -45.49 -5.35 26.27
N SER D 170 -46.61 -4.82 25.78
CA SER D 170 -47.33 -5.29 24.56
C SER D 170 -46.42 -5.13 23.34
N SER D 171 -45.69 -4.02 23.23
CA SER D 171 -44.82 -3.68 22.05
C SER D 171 -43.66 -4.66 22.00
N GLU D 172 -43.02 -4.83 23.16
CA GLU D 172 -41.86 -5.73 23.38
C GLU D 172 -42.29 -7.17 23.10
N TYR D 173 -43.45 -7.59 23.61
CA TYR D 173 -43.96 -8.98 23.46
C TYR D 173 -44.11 -9.31 21.97
N GLU D 174 -44.75 -8.41 21.22
CA GLU D 174 -44.99 -8.58 19.76
C GLU D 174 -43.64 -8.54 19.03
N GLN D 175 -42.67 -7.75 19.52
CA GLN D 175 -41.30 -7.65 18.95
C GLN D 175 -40.59 -9.01 19.12
N VAL D 176 -40.59 -9.55 20.33
CA VAL D 176 -39.85 -10.79 20.66
C VAL D 176 -40.48 -11.96 19.90
N LEU D 177 -41.81 -12.01 19.80
CA LEU D 177 -42.52 -13.05 18.99
C LEU D 177 -42.08 -12.98 17.52
N GLU D 178 -41.95 -11.76 16.97
CA GLU D 178 -41.56 -11.49 15.56
C GLU D 178 -40.10 -11.92 15.30
N ILE D 179 -39.18 -11.67 16.23
CA ILE D 179 -37.79 -12.20 16.18
C ILE D 179 -37.87 -13.72 16.10
N ILE D 180 -38.64 -14.34 17.00
CA ILE D 180 -38.79 -15.82 17.08
C ILE D 180 -39.37 -16.33 15.76
N ARG D 181 -40.36 -15.65 15.20
CA ARG D 181 -41.00 -16.09 13.92
C ARG D 181 -39.93 -16.07 12.82
N LYS D 182 -39.16 -14.99 12.71
CA LYS D 182 -38.24 -14.77 11.57
C LYS D 182 -37.10 -15.78 11.70
N ALA D 183 -36.62 -15.95 12.93
CA ALA D 183 -35.55 -16.90 13.30
C ALA D 183 -35.95 -18.32 12.89
N ILE D 184 -37.15 -18.77 13.26
CA ILE D 184 -37.62 -20.16 12.98
C ILE D 184 -37.82 -20.33 11.47
N ILE D 185 -38.49 -19.38 10.81
CA ILE D 185 -38.70 -19.44 9.33
C ILE D 185 -37.34 -19.56 8.65
N ALA D 186 -36.32 -18.83 9.12
CA ALA D 186 -35.01 -18.74 8.44
C ALA D 186 -34.30 -20.10 8.46
N THR D 187 -34.70 -21.04 9.34
CA THR D 187 -34.11 -22.43 9.43
C THR D 187 -34.53 -23.29 8.22
N ASP D 188 -35.46 -22.80 7.39
CA ASP D 188 -35.82 -23.37 6.06
C ASP D 188 -34.63 -23.19 5.13
N LEU D 189 -33.87 -24.26 4.91
CA LEU D 189 -32.60 -24.19 4.15
C LEU D 189 -32.88 -23.66 2.74
N ALA D 190 -34.07 -23.85 2.20
CA ALA D 190 -34.43 -23.29 0.87
C ALA D 190 -34.18 -21.78 0.87
N LEU D 191 -34.44 -21.10 1.99
CA LEU D 191 -34.34 -19.61 2.12
C LEU D 191 -32.89 -19.18 2.38
N TYR D 192 -32.06 -20.08 2.88
CA TYR D 192 -30.66 -19.77 3.28
C TYR D 192 -29.89 -19.24 2.07
N PHE D 193 -29.91 -19.97 0.96
CA PHE D 193 -29.08 -19.70 -0.26
C PHE D 193 -29.24 -18.22 -0.66
N GLY D 194 -30.49 -17.78 -0.84
CA GLY D 194 -30.88 -16.39 -1.15
C GLY D 194 -30.36 -15.41 -0.11
N ASN D 195 -30.48 -15.77 1.17
CA ASN D 195 -30.18 -14.86 2.31
C ASN D 195 -28.68 -14.57 2.36
N ARG D 196 -27.87 -15.60 2.23
CA ARG D 196 -26.38 -15.52 2.32
C ARG D 196 -25.84 -14.72 1.12
N LYS D 197 -26.33 -14.99 -0.09
CA LYS D 197 -25.99 -14.24 -1.32
C LYS D 197 -26.19 -12.73 -1.10
N GLN D 198 -27.29 -12.34 -0.48
CA GLN D 198 -27.60 -10.91 -0.18
C GLN D 198 -26.63 -10.38 0.89
N LEU D 199 -26.41 -11.12 1.98
CA LEU D 199 -25.48 -10.70 3.06
C LEU D 199 -24.04 -10.58 2.51
N GLU D 200 -23.67 -11.49 1.61
CA GLU D 200 -22.30 -11.54 1.02
C GLU D 200 -22.11 -10.26 0.20
N GLU D 201 -23.09 -9.93 -0.65
CA GLU D 201 -23.11 -8.66 -1.42
C GLU D 201 -22.98 -7.48 -0.46
N MET D 202 -23.90 -7.37 0.50
CA MET D 202 -24.00 -6.20 1.41
C MET D 202 -22.69 -6.02 2.19
N TYR D 203 -22.11 -7.08 2.74
CA TYR D 203 -20.85 -7.01 3.56
C TYR D 203 -19.64 -6.63 2.67
N GLN D 204 -19.48 -7.26 1.51
CA GLN D 204 -18.34 -7.05 0.58
C GLN D 204 -18.38 -5.62 -0.01
N THR D 205 -19.55 -5.05 -0.32
CA THR D 205 -19.67 -3.67 -0.90
C THR D 205 -19.70 -2.60 0.20
N GLY D 206 -19.71 -2.99 1.49
CA GLY D 206 -19.67 -2.06 2.64
C GLY D 206 -21.04 -1.51 3.02
N SER D 207 -22.12 -1.95 2.37
CA SER D 207 -23.51 -1.45 2.64
C SER D 207 -24.18 -2.17 3.83
N LEU D 208 -23.61 -3.26 4.37
CA LEU D 208 -24.20 -3.97 5.55
C LEU D 208 -24.18 -3.03 6.76
N ASN D 209 -25.31 -2.91 7.48
CA ASN D 209 -25.57 -1.88 8.52
C ASN D 209 -26.49 -2.45 9.60
N LEU D 210 -25.96 -2.73 10.78
CA LEU D 210 -26.70 -3.45 11.86
C LEU D 210 -27.72 -2.53 12.55
N ASN D 211 -27.84 -1.25 12.16
CA ASN D 211 -28.90 -0.35 12.67
C ASN D 211 -30.13 -0.42 11.77
N ASN D 212 -30.00 -1.00 10.58
CA ASN D 212 -31.10 -1.24 9.60
C ASN D 212 -31.77 -2.58 9.95
N GLN D 213 -33.01 -2.55 10.45
CA GLN D 213 -33.72 -3.74 10.98
C GLN D 213 -33.73 -4.88 9.97
N SER D 214 -33.91 -4.62 8.68
CA SER D 214 -34.01 -5.67 7.62
C SER D 214 -32.63 -6.31 7.39
N HIS D 215 -31.55 -5.61 7.74
CA HIS D 215 -30.15 -6.14 7.71
C HIS D 215 -29.92 -7.03 8.93
N ARG D 216 -30.38 -6.59 10.10
CA ARG D 216 -30.32 -7.39 11.36
C ARG D 216 -31.05 -8.73 11.16
N ASP D 217 -32.21 -8.71 10.52
CA ASP D 217 -33.03 -9.94 10.27
C ASP D 217 -32.20 -10.92 9.43
N ARG D 218 -31.52 -10.42 8.41
CA ARG D 218 -30.71 -11.27 7.49
C ARG D 218 -29.57 -11.91 8.30
N VAL D 219 -28.85 -11.12 9.08
CA VAL D 219 -27.73 -11.62 9.94
C VAL D 219 -28.32 -12.69 10.86
N ILE D 220 -29.41 -12.39 11.57
CA ILE D 220 -30.04 -13.36 12.50
C ILE D 220 -30.44 -14.60 11.69
N GLY D 221 -30.98 -14.42 10.49
CA GLY D 221 -31.31 -15.52 9.57
C GLY D 221 -30.13 -16.46 9.44
N LEU D 222 -28.98 -15.92 9.03
CA LEU D 222 -27.70 -16.65 8.83
C LEU D 222 -27.23 -17.28 10.14
N MET D 223 -27.37 -16.57 11.27
CA MET D 223 -27.03 -17.11 12.62
C MET D 223 -27.88 -18.36 12.90
N MET D 224 -29.16 -18.35 12.56
CA MET D 224 -30.04 -19.55 12.72
C MET D 224 -29.52 -20.71 11.86
N THR D 225 -29.16 -20.46 10.60
CA THR D 225 -28.65 -21.53 9.69
C THR D 225 -27.37 -22.14 10.28
N ALA D 226 -26.40 -21.29 10.58
CA ALA D 226 -25.14 -21.62 11.27
C ALA D 226 -25.40 -22.54 12.47
N CYS D 227 -26.23 -22.09 13.41
CA CYS D 227 -26.64 -22.86 14.62
C CYS D 227 -27.31 -24.18 14.18
N ASP D 228 -28.20 -24.11 13.19
CA ASP D 228 -29.01 -25.29 12.79
C ASP D 228 -28.12 -26.38 12.18
N LEU D 229 -27.03 -26.01 11.50
CA LEU D 229 -26.10 -26.99 10.85
C LEU D 229 -24.91 -27.35 11.76
N CYS D 230 -24.93 -26.94 13.03
CA CYS D 230 -23.72 -26.83 13.88
C CYS D 230 -23.11 -28.21 14.20
N SER D 231 -23.74 -29.30 13.76
CA SER D 231 -23.23 -30.68 13.91
C SER D 231 -22.00 -30.88 13.01
N VAL D 232 -21.91 -30.12 11.91
CA VAL D 232 -20.73 -30.17 10.99
C VAL D 232 -19.56 -29.36 11.56
N THR D 233 -19.76 -28.67 12.69
CA THR D 233 -18.72 -27.81 13.33
C THR D 233 -18.21 -28.51 14.61
N LYS D 234 -18.56 -29.77 14.83
CA LYS D 234 -18.12 -30.51 16.05
C LYS D 234 -16.80 -31.22 15.74
N LEU D 235 -16.13 -31.72 16.79
CA LEU D 235 -14.95 -32.60 16.61
C LEU D 235 -15.40 -33.82 15.78
N TRP D 236 -14.51 -34.36 14.97
CA TRP D 236 -14.83 -35.34 13.90
C TRP D 236 -15.66 -36.50 14.45
N PRO D 237 -15.30 -37.12 15.60
CA PRO D 237 -16.09 -38.23 16.13
C PRO D 237 -17.56 -37.83 16.41
N VAL D 238 -17.82 -36.60 16.88
CA VAL D 238 -19.21 -36.13 17.15
C VAL D 238 -19.94 -36.01 15.81
N THR D 239 -19.29 -35.36 14.83
CA THR D 239 -19.85 -35.06 13.49
C THR D 239 -20.17 -36.38 12.76
N LYS D 240 -19.20 -37.30 12.74
CA LYS D 240 -19.29 -38.62 12.05
C LYS D 240 -20.48 -39.42 12.62
N LEU D 241 -20.60 -39.46 13.96
CA LEU D 241 -21.65 -40.24 14.66
C LEU D 241 -23.03 -39.56 14.52
N THR D 242 -23.10 -38.24 14.40
CA THR D 242 -24.37 -37.50 14.19
C THR D 242 -24.84 -37.68 12.75
N ALA D 243 -23.90 -37.83 11.81
CA ALA D 243 -24.18 -38.09 10.39
C ALA D 243 -25.07 -39.34 10.24
N ASN D 244 -24.88 -40.37 11.08
CA ASN D 244 -25.67 -41.63 11.05
C ASN D 244 -27.14 -41.33 11.37
N ASP D 245 -27.36 -40.54 12.42
CA ASP D 245 -28.73 -40.11 12.84
C ASP D 245 -29.39 -39.36 11.69
N ILE D 246 -28.70 -38.36 11.12
CA ILE D 246 -29.22 -37.49 10.03
C ILE D 246 -29.59 -38.38 8.84
N TYR D 247 -28.73 -39.33 8.47
CA TYR D 247 -28.94 -40.18 7.27
C TYR D 247 -30.01 -41.24 7.57
N ALA D 248 -30.11 -41.71 8.81
CA ALA D 248 -31.19 -42.62 9.25
C ALA D 248 -32.54 -41.99 8.83
N GLU D 249 -32.71 -40.69 9.05
CA GLU D 249 -33.95 -39.95 8.66
C GLU D 249 -34.08 -39.91 7.14
N PHE D 250 -33.02 -39.47 6.44
CA PHE D 250 -32.97 -39.35 4.95
C PHE D 250 -33.37 -40.66 4.26
N TRP D 251 -32.86 -41.78 4.74
CA TRP D 251 -33.16 -43.12 4.17
C TRP D 251 -34.64 -43.45 4.43
N ALA D 252 -35.13 -43.21 5.65
CA ALA D 252 -36.55 -43.39 6.03
C ALA D 252 -37.43 -42.57 5.09
N GLU D 253 -37.05 -41.32 4.80
CA GLU D 253 -37.80 -40.45 3.86
C GLU D 253 -37.69 -40.98 2.44
N GLY D 254 -36.53 -41.51 2.05
CA GLY D 254 -36.33 -42.07 0.71
C GLY D 254 -37.20 -43.29 0.50
N ASP D 255 -37.30 -44.12 1.54
CA ASP D 255 -38.19 -45.31 1.60
C ASP D 255 -39.63 -44.86 1.32
N GLU D 256 -40.08 -43.82 2.04
CA GLU D 256 -41.46 -43.28 1.93
C GLU D 256 -41.65 -42.65 0.54
N MET D 257 -40.59 -42.11 -0.06
CA MET D 257 -40.66 -41.59 -1.46
C MET D 257 -40.94 -42.76 -2.41
N LYS D 258 -40.23 -43.88 -2.27
CA LYS D 258 -40.43 -45.12 -3.07
C LYS D 258 -41.83 -45.69 -2.84
N LYS D 259 -42.36 -45.59 -1.61
CA LYS D 259 -43.72 -46.04 -1.26
C LYS D 259 -44.77 -45.22 -2.02
N LEU D 260 -44.49 -43.94 -2.34
CA LEU D 260 -45.39 -43.06 -3.15
C LEU D 260 -45.21 -43.34 -4.64
N GLY D 261 -44.22 -44.15 -5.04
CA GLY D 261 -43.96 -44.49 -6.45
C GLY D 261 -43.01 -43.49 -7.09
N ILE D 262 -42.18 -42.81 -6.29
CA ILE D 262 -41.17 -41.81 -6.76
C ILE D 262 -39.77 -42.30 -6.38
N GLN D 263 -38.80 -42.17 -7.30
CA GLN D 263 -37.38 -42.54 -7.03
C GLN D 263 -36.72 -41.38 -6.31
N PRO D 264 -36.25 -41.56 -5.05
CA PRO D 264 -35.73 -40.45 -4.26
C PRO D 264 -34.39 -39.98 -4.83
N ILE D 265 -33.94 -38.78 -4.46
CA ILE D 265 -32.57 -38.28 -4.75
C ILE D 265 -31.58 -39.20 -4.04
N PRO D 266 -30.42 -39.50 -4.66
CA PRO D 266 -29.48 -40.49 -4.13
C PRO D 266 -29.14 -40.37 -2.64
N MET D 267 -29.04 -39.13 -2.15
CA MET D 267 -28.73 -38.77 -0.75
C MET D 267 -29.67 -39.51 0.22
N MET D 268 -30.96 -39.63 -0.16
CA MET D 268 -32.06 -40.22 0.62
C MET D 268 -32.27 -41.70 0.29
N ASP D 269 -31.46 -42.30 -0.59
CA ASP D 269 -31.60 -43.72 -1.02
C ASP D 269 -30.63 -44.59 -0.21
N ARG D 270 -31.15 -45.54 0.57
CA ARG D 270 -30.35 -46.44 1.45
C ARG D 270 -29.73 -47.57 0.64
N ASP D 271 -30.06 -47.68 -0.65
CA ASP D 271 -29.38 -48.62 -1.59
C ASP D 271 -28.10 -47.97 -2.15
N LYS D 272 -27.90 -46.67 -1.91
CA LYS D 272 -26.76 -45.88 -2.47
C LYS D 272 -25.89 -45.33 -1.34
N LYS D 273 -25.75 -46.05 -0.22
CA LYS D 273 -24.97 -45.61 0.97
C LYS D 273 -23.52 -45.25 0.61
N ASP D 274 -22.95 -45.93 -0.39
CA ASP D 274 -21.54 -45.77 -0.84
C ASP D 274 -21.29 -44.35 -1.39
N GLU D 275 -22.34 -43.66 -1.88
CA GLU D 275 -22.26 -42.28 -2.45
C GLU D 275 -22.45 -41.21 -1.37
N VAL D 276 -22.53 -41.58 -0.08
CA VAL D 276 -22.71 -40.63 1.07
C VAL D 276 -21.48 -39.74 1.18
N PRO D 277 -20.24 -40.29 1.25
CA PRO D 277 -19.04 -39.45 1.39
C PRO D 277 -19.04 -38.33 0.34
N GLN D 278 -19.28 -38.66 -0.92
CA GLN D 278 -19.33 -37.69 -2.06
C GLN D 278 -20.47 -36.69 -1.81
N GLY D 279 -21.61 -37.16 -1.29
CA GLY D 279 -22.79 -36.34 -0.93
C GLY D 279 -22.48 -35.34 0.17
N GLN D 280 -21.69 -35.73 1.17
CA GLN D 280 -21.22 -34.83 2.24
C GLN D 280 -20.28 -33.78 1.66
N LEU D 281 -19.28 -34.20 0.86
CA LEU D 281 -18.36 -33.29 0.13
C LEU D 281 -19.19 -32.16 -0.48
N GLY D 282 -20.25 -32.53 -1.23
CA GLY D 282 -21.15 -31.60 -1.94
C GLY D 282 -21.88 -30.69 -0.99
N PHE D 283 -22.24 -31.19 0.20
CA PHE D 283 -22.97 -30.43 1.23
C PHE D 283 -22.04 -29.40 1.88
N TYR D 284 -20.80 -29.79 2.18
CA TYR D 284 -19.81 -28.88 2.82
C TYR D 284 -19.47 -27.72 1.86
N ASN D 285 -19.27 -28.01 0.57
CA ASN D 285 -18.80 -26.99 -0.42
C ASN D 285 -19.96 -26.08 -0.82
N ALA D 286 -21.16 -26.62 -0.96
CA ALA D 286 -22.34 -25.94 -1.51
C ALA D 286 -23.17 -25.25 -0.42
N VAL D 287 -23.03 -25.64 0.86
CA VAL D 287 -23.91 -25.15 1.97
C VAL D 287 -23.09 -24.73 3.19
N ALA D 288 -22.42 -25.68 3.85
CA ALA D 288 -21.83 -25.53 5.19
C ALA D 288 -20.71 -24.47 5.17
N ILE D 289 -19.69 -24.65 4.32
CA ILE D 289 -18.50 -23.76 4.26
C ILE D 289 -18.96 -22.34 3.92
N PRO D 290 -19.70 -22.11 2.82
CA PRO D 290 -20.18 -20.76 2.52
C PRO D 290 -20.92 -20.15 3.72
N CYS D 291 -21.75 -20.93 4.43
CA CYS D 291 -22.52 -20.46 5.62
C CYS D 291 -21.57 -19.83 6.64
N TYR D 292 -20.61 -20.62 7.15
CA TYR D 292 -19.68 -20.24 8.25
C TYR D 292 -18.65 -19.23 7.73
N THR D 293 -18.26 -19.30 6.46
CA THR D 293 -17.39 -18.28 5.80
C THR D 293 -18.06 -16.90 5.93
N THR D 294 -19.26 -16.75 5.37
CA THR D 294 -19.99 -15.44 5.39
C THR D 294 -20.22 -14.98 6.85
N LEU D 295 -20.52 -15.90 7.78
CA LEU D 295 -20.85 -15.57 9.20
C LEU D 295 -19.59 -15.10 9.92
N THR D 296 -18.45 -15.71 9.60
CA THR D 296 -17.13 -15.35 10.18
C THR D 296 -16.79 -13.95 9.64
N GLN D 297 -17.05 -13.67 8.37
CA GLN D 297 -16.90 -12.32 7.77
C GLN D 297 -17.66 -11.29 8.62
N ILE D 298 -18.90 -11.59 9.02
CA ILE D 298 -19.83 -10.57 9.62
C ILE D 298 -19.56 -10.49 11.12
N LEU D 299 -19.39 -11.65 11.77
CA LEU D 299 -19.11 -11.80 13.24
C LEU D 299 -17.84 -12.62 13.41
N PRO D 300 -16.66 -11.99 13.26
CA PRO D 300 -15.36 -12.66 13.40
C PRO D 300 -15.21 -13.68 14.52
N PRO D 301 -15.70 -13.44 15.76
CA PRO D 301 -15.48 -14.40 16.86
C PRO D 301 -16.19 -15.77 16.68
N THR D 302 -16.97 -15.93 15.61
CA THR D 302 -17.60 -17.22 15.20
C THR D 302 -16.62 -18.08 14.39
N GLU D 303 -15.41 -17.61 14.13
CA GLU D 303 -14.39 -18.31 13.29
C GLU D 303 -14.26 -19.78 13.70
N PRO D 304 -14.16 -20.15 15.01
CA PRO D 304 -14.05 -21.55 15.37
C PRO D 304 -15.07 -22.46 14.66
N LEU D 305 -16.27 -21.95 14.32
CA LEU D 305 -17.29 -22.76 13.60
C LEU D 305 -16.74 -23.13 12.21
N LEU D 306 -16.11 -22.17 11.52
CA LEU D 306 -15.52 -22.32 10.17
C LEU D 306 -14.32 -23.26 10.22
N LYS D 307 -13.42 -23.04 11.18
CA LYS D 307 -12.22 -23.89 11.37
C LYS D 307 -12.68 -25.36 11.46
N ALA D 308 -13.50 -25.65 12.47
CA ALA D 308 -14.12 -26.97 12.76
C ALA D 308 -14.85 -27.53 11.54
N CYS D 309 -15.60 -26.72 10.80
CA CYS D 309 -16.29 -27.12 9.54
C CYS D 309 -15.26 -27.61 8.51
N ARG D 310 -14.13 -26.90 8.37
CA ARG D 310 -13.11 -27.19 7.33
C ARG D 310 -12.37 -28.48 7.69
N ASP D 311 -12.07 -28.69 8.97
CA ASP D 311 -11.43 -29.94 9.46
C ASP D 311 -12.34 -31.10 9.03
N ASN D 312 -13.66 -31.00 9.27
CA ASN D 312 -14.65 -32.08 8.98
C ASN D 312 -14.78 -32.29 7.45
N LEU D 313 -14.73 -31.23 6.64
CA LEU D 313 -14.65 -31.37 5.15
C LEU D 313 -13.44 -32.26 4.81
N SER D 314 -12.27 -31.93 5.38
CA SER D 314 -10.99 -32.63 5.15
C SER D 314 -11.08 -34.10 5.60
N GLN D 315 -11.88 -34.39 6.63
CA GLN D 315 -12.07 -35.75 7.20
C GLN D 315 -12.95 -36.58 6.25
N TRP D 316 -13.92 -35.94 5.58
CA TRP D 316 -14.77 -36.58 4.55
C TRP D 316 -13.95 -36.90 3.30
N GLU D 317 -13.02 -36.02 2.93
CA GLU D 317 -12.06 -36.25 1.82
C GLU D 317 -11.19 -37.46 2.14
N LYS D 318 -10.70 -37.60 3.38
CA LYS D 318 -9.92 -38.79 3.82
C LYS D 318 -10.78 -40.06 3.68
N VAL D 319 -12.07 -39.98 3.96
CA VAL D 319 -12.99 -41.17 3.92
C VAL D 319 -13.12 -41.60 2.45
N ILE D 320 -13.31 -40.66 1.52
CA ILE D 320 -13.41 -40.91 0.05
C ILE D 320 -12.14 -41.60 -0.47
N ARG D 321 -10.97 -41.34 0.12
CA ARG D 321 -9.68 -41.97 -0.28
C ARG D 321 -9.45 -43.27 0.53
N GLY D 322 -9.19 -43.18 1.85
CA GLY D 322 -8.84 -44.34 2.70
C GLY D 322 -8.71 -43.96 4.18
ZN ZN E . 23.22 20.32 -17.10
MG MG F . 23.76 23.24 -14.63
N3 JYA G . 15.77 26.08 -20.61
C4 JYA G . 13.22 26.11 -21.93
C5 JYA G . 14.07 24.98 -22.03
C6 JYA G . 15.34 25.02 -21.36
C7 JYA G . 14.51 22.85 -22.81
C10 JYA G . 16.68 28.36 -19.25
C17 JYA G . 17.17 20.66 -22.89
C20 JYA G . 18.65 24.74 -17.51
C1 JYA G . 13.67 27.19 -21.20
C2 JYA G . 14.96 27.15 -20.55
N8 JYA G . 13.66 23.88 -22.72
O9 JYA G . 15.36 28.28 -19.81
C11 JYA G . 14.07 21.67 -23.52
C12 JYA G . 15.83 22.81 -22.22
N13 JYA G . 16.20 23.94 -21.42
C14 JYA G . 17.45 23.66 -20.84
N15 JYA G . 17.89 22.48 -21.27
C16 JYA G . 16.95 21.93 -22.16
C18 JYA G . 18.18 24.53 -19.88
C19 JYA G . 17.67 24.17 -18.49
N21 JYA G . 13.66 20.73 -24.08
ZN ZN H . 4.01 -11.48 -11.64
MG MG I . 6.56 -11.91 -14.53
N3 JYA J . -1.97 -7.78 -19.02
C4 JYA J . -4.20 -6.07 -19.55
C5 JYA J . -3.88 -6.44 -18.22
C6 JYA J . -2.73 -7.32 -18.01
C7 JYA J . -4.42 -6.48 -15.99
C10 JYA J . -0.33 -8.50 -20.95
C17 JYA J . -3.52 -8.11 -13.18
C20 JYA J . 1.94 -8.54 -17.60
C1 JYA J . -3.41 -6.52 -20.60
C2 JYA J . -2.31 -7.38 -20.27
N8 JYA J . -4.68 -6.00 -17.19
O9 JYA J . -1.54 -7.83 -21.33
C11 JYA J . -5.25 -6.02 -14.92
C12 JYA J . -3.35 -7.39 -15.67
N13 JYA J . -2.44 -7.76 -16.73
C14 JYA J . -1.49 -8.67 -16.17
N15 JYA J . -1.77 -8.88 -14.85
C16 JYA J . -2.91 -8.13 -14.52
C18 JYA J . -0.36 -9.30 -16.89
C19 JYA J . 0.52 -8.14 -17.29
N21 JYA J . -5.92 -5.62 -14.08
ZN ZN K . 1.44 16.60 12.93
MG MG L . 0.11 13.22 14.34
N3 JYA M . -7.62 17.99 8.93
C4 JYA M . -8.98 19.12 6.70
C5 JYA M . -7.69 19.55 7.03
C6 JYA M . -7.05 18.96 8.16
C7 JYA M . -5.88 20.94 6.55
C10 JYA M . -8.66 15.98 10.31
C17 JYA M . -3.02 21.83 7.95
C20 JYA M . -4.63 15.31 10.42
C1 JYA M . -9.60 18.14 7.48
C2 JYA M . -8.86 17.61 8.58
N8 JYA M . -7.07 20.51 6.23
O9 JYA M . -9.50 16.65 9.33
C11 JYA M . -5.24 21.93 5.71
C12 JYA M . -5.18 20.46 7.71
N13 JYA M . -5.77 19.41 8.47
C14 JYA M . -4.81 18.98 9.39
N15 JYA M . -3.66 19.76 9.29
C16 JYA M . -3.93 20.73 8.31
C18 JYA M . -5.03 17.80 10.29
C19 JYA M . -4.47 16.56 9.58
N21 JYA M . -4.73 22.77 5.06
ZN ZN N . -33.01 -27.95 12.95
MG MG O . -36.12 -27.63 10.70
N3 JYA P . -28.44 -31.65 4.86
C4 JYA P . -26.39 -33.42 3.97
C5 JYA P . -26.38 -32.97 5.33
C6 JYA P . -27.44 -32.08 5.71
C7 JYA P . -25.38 -32.97 7.47
C10 JYA P . -30.35 -30.76 3.03
C17 JYA P . -25.80 -31.34 10.36
C20 JYA P . -31.86 -30.79 6.64
C1 JYA P . -27.36 -32.98 3.09
C2 JYA P . -28.38 -32.08 3.57
N8 JYA P . -25.39 -33.41 6.21
O9 JYA P . -29.32 -31.71 2.61
C11 JYA P . -24.39 -33.45 8.42
C12 JYA P . -26.38 -32.03 7.94
N13 JYA P . -27.43 -31.64 7.04
C14 JYA P . -28.26 -30.77 7.75
N15 JYA P . -27.79 -30.59 9.01
C16 JYA P . -26.62 -31.33 9.15
C18 JYA P . -29.48 -30.15 7.17
C19 JYA P . -30.57 -31.22 7.31
N21 JYA P . -23.60 -33.92 9.18
#